data_3WSB
#
_entry.id   3WSB
#
_cell.length_a   79.361
_cell.length_b   130.566
_cell.length_c   144.630
_cell.angle_alpha   90.00
_cell.angle_beta   90.00
_cell.angle_gamma   90.00
#
_symmetry.space_group_name_H-M   'P 21 21 21'
#
loop_
_entity.id
_entity.type
_entity.pdbx_description
1 polymer 'Farnesyltransferase, putative'
2 non-polymer 'S-[(2E,6E)-3,7,11-TRIMETHYLDODECA-2,6,10-TRIENYL] TRIHYDROGEN THIODIPHOSPHATE'
3 non-polymer "N-[(2Z)-3,7-dimethylocta-2,6-dien-1-yl]-N'-[(1R,3S,5R,7R)-tricyclo[3.3.1.1~3,7~]dec-2-yl]ethane-1,2-diamine"
4 water water
#
_entity_poly.entity_id   1
_entity_poly.type   'polypeptide(L)'
_entity_poly.pdbx_seq_one_letter_code
;MGSSHHHHHHSSGLVPRGSHMACNDEDLRFCYDILQAVSRSFAVVIMELDEEMRDAVCIFYLVLRALDTVEDDMSIPVEF
KLRELPKFHEHLHDTTWCMSGVGVGRERELLERYTHVTRAYSRLGKAYQDVISGICERMANGMCDFLTRKVETKADYDLY
CHYVAGLVGHGLTLLYVSSGLEDVRLADDLTNANHMGLFLQKTNIIRDFYEDICEVPPRVFWPREIWEKYTDDLHAFKDE
LHEAKAVECLNAMVADALVHVPHVVEYLASLRDPSVFAFSAIPQVMAMATLSLVFNNKDVFHTKVKTTRGATARIFHYST
ELQATLQMLKTYTLRLAARMNAQDACYDRIEHLVNDAIRAMESHQ
;
_entity_poly.pdbx_strand_id   A,B,C,D
#
# COMPACT_ATOMS: atom_id res chain seq x y z
N ASP A 25 -47.39 23.30 16.45
CA ASP A 25 -46.56 22.34 15.68
C ASP A 25 -47.38 21.53 14.69
N GLU A 26 -47.35 21.97 13.44
CA GLU A 26 -48.04 21.29 12.36
C GLU A 26 -46.95 20.36 11.84
N ASP A 27 -45.71 20.72 12.19
CA ASP A 27 -44.52 20.01 11.78
C ASP A 27 -44.30 18.70 12.54
N LEU A 28 -44.20 18.80 13.86
CA LEU A 28 -43.98 17.63 14.67
C LEU A 28 -45.04 16.57 14.41
N ARG A 29 -46.23 16.99 13.99
CA ARG A 29 -47.28 16.03 13.70
C ARG A 29 -47.04 15.37 12.36
N PHE A 30 -46.71 16.15 11.33
CA PHE A 30 -46.43 15.56 10.02
C PHE A 30 -45.40 14.45 10.19
N CYS A 31 -44.39 14.71 11.03
CA CYS A 31 -43.33 13.73 11.27
C CYS A 31 -43.91 12.40 11.72
N TYR A 32 -44.63 12.41 12.84
CA TYR A 32 -45.25 11.20 13.36
C TYR A 32 -46.19 10.54 12.35
N ASP A 33 -46.92 11.35 11.58
CA ASP A 33 -47.81 10.79 10.59
C ASP A 33 -47.05 10.10 9.45
N ILE A 34 -45.90 10.66 9.06
CA ILE A 34 -45.14 10.04 7.99
C ILE A 34 -44.43 8.84 8.60
N LEU A 35 -44.06 8.95 9.86
CA LEU A 35 -43.37 7.87 10.55
C LEU A 35 -44.22 6.60 10.49
N GLN A 36 -45.46 6.74 10.93
CA GLN A 36 -46.41 5.64 10.93
C GLN A 36 -46.63 5.08 9.51
N ALA A 37 -46.85 5.96 8.54
CA ALA A 37 -47.06 5.53 7.17
C ALA A 37 -45.86 4.75 6.64
N VAL A 38 -44.67 5.26 6.92
CA VAL A 38 -43.44 4.64 6.46
C VAL A 38 -43.05 3.36 7.21
N SER A 39 -43.26 3.33 8.52
CA SER A 39 -42.90 2.17 9.33
C SER A 39 -43.88 1.92 10.46
N ARG A 40 -44.86 1.05 10.21
CA ARG A 40 -45.89 0.75 11.21
C ARG A 40 -45.33 0.31 12.57
N SER A 41 -44.50 -0.73 12.56
CA SER A 41 -43.93 -1.26 13.79
C SER A 41 -43.10 -0.27 14.61
N PHE A 42 -42.11 0.36 13.99
CA PHE A 42 -41.28 1.30 14.71
C PHE A 42 -42.14 2.40 15.34
N ALA A 43 -43.21 2.76 14.63
CA ALA A 43 -44.13 3.79 15.10
C ALA A 43 -44.83 3.34 16.36
N VAL A 44 -44.88 2.03 16.57
CA VAL A 44 -45.49 1.53 17.78
C VAL A 44 -44.42 1.45 18.86
N VAL A 45 -43.23 1.03 18.47
CA VAL A 45 -42.12 0.90 19.42
C VAL A 45 -41.63 2.24 19.95
N ILE A 46 -41.61 3.26 19.10
CA ILE A 46 -41.12 4.57 19.51
C ILE A 46 -42.01 5.17 20.61
N MET A 47 -43.22 4.64 20.74
CA MET A 47 -44.14 5.13 21.74
C MET A 47 -43.71 4.77 23.15
N GLU A 48 -42.73 3.88 23.28
CA GLU A 48 -42.25 3.50 24.60
C GLU A 48 -41.45 4.67 25.20
N LEU A 49 -40.91 5.54 24.35
CA LEU A 49 -40.13 6.69 24.80
C LEU A 49 -40.99 7.85 25.28
N ASP A 50 -40.47 8.65 26.20
CA ASP A 50 -41.19 9.82 26.73
C ASP A 50 -41.10 10.92 25.69
N GLU A 51 -42.13 11.75 25.61
CA GLU A 51 -42.19 12.82 24.63
C GLU A 51 -40.88 13.49 24.20
N GLU A 52 -40.15 14.10 25.12
CA GLU A 52 -38.91 14.78 24.72
C GLU A 52 -38.07 13.94 23.77
N MET A 53 -37.49 12.88 24.32
CA MET A 53 -36.65 11.98 23.56
C MET A 53 -37.39 11.35 22.38
N ARG A 54 -38.71 11.23 22.50
CA ARG A 54 -39.49 10.64 21.43
C ARG A 54 -39.45 11.51 20.19
N ASP A 55 -39.60 12.83 20.40
CA ASP A 55 -39.56 13.77 19.29
C ASP A 55 -38.19 13.68 18.65
N ALA A 56 -37.16 13.68 19.48
CA ALA A 56 -35.79 13.59 19.00
C ALA A 56 -35.58 12.35 18.14
N VAL A 57 -35.98 11.20 18.68
CA VAL A 57 -35.83 9.94 17.98
C VAL A 57 -36.66 9.86 16.71
N CYS A 58 -37.85 10.48 16.72
CA CYS A 58 -38.71 10.49 15.55
C CYS A 58 -38.02 11.26 14.41
N ILE A 59 -37.49 12.43 14.76
CA ILE A 59 -36.79 13.29 13.81
C ILE A 59 -35.58 12.55 13.28
N PHE A 60 -34.77 12.07 14.21
CA PHE A 60 -33.58 11.33 13.88
C PHE A 60 -33.91 10.25 12.83
N TYR A 61 -34.98 9.51 13.10
CA TYR A 61 -35.42 8.44 12.21
C TYR A 61 -35.75 8.96 10.82
N LEU A 62 -36.49 10.05 10.74
CA LEU A 62 -36.86 10.59 9.43
C LEU A 62 -35.65 11.10 8.65
N VAL A 63 -34.72 11.75 9.33
CA VAL A 63 -33.52 12.24 8.67
C VAL A 63 -32.80 11.06 8.02
N LEU A 64 -32.51 10.05 8.80
CA LEU A 64 -31.82 8.89 8.27
C LEU A 64 -32.65 8.19 7.20
N ARG A 65 -33.98 8.19 7.34
CA ARG A 65 -34.84 7.54 6.36
C ARG A 65 -34.75 8.29 5.03
N ALA A 66 -34.64 9.61 5.12
CA ALA A 66 -34.50 10.42 3.91
C ALA A 66 -33.20 9.99 3.19
N LEU A 67 -32.13 9.80 3.96
CA LEU A 67 -30.86 9.38 3.38
C LEU A 67 -31.02 8.05 2.70
N ASP A 68 -31.89 7.23 3.28
CA ASP A 68 -32.15 5.90 2.79
C ASP A 68 -32.88 5.95 1.45
N THR A 69 -33.83 6.87 1.37
CA THR A 69 -34.64 7.05 0.16
C THR A 69 -33.77 7.40 -1.04
N VAL A 70 -32.78 8.24 -0.80
CA VAL A 70 -31.87 8.67 -1.85
C VAL A 70 -30.91 7.56 -2.26
N GLU A 71 -30.18 7.00 -1.30
CA GLU A 71 -29.23 5.94 -1.60
C GLU A 71 -29.89 4.76 -2.30
N ASP A 72 -31.20 4.64 -2.16
CA ASP A 72 -31.92 3.51 -2.74
C ASP A 72 -32.70 3.72 -4.02
N ASP A 73 -32.87 4.96 -4.45
CA ASP A 73 -33.62 5.18 -5.68
C ASP A 73 -32.74 4.82 -6.87
N MET A 74 -32.97 3.64 -7.44
CA MET A 74 -32.19 3.18 -8.58
C MET A 74 -32.51 3.90 -9.89
N SER A 75 -33.52 4.77 -9.89
CA SER A 75 -33.87 5.49 -11.10
C SER A 75 -32.97 6.71 -11.32
N ILE A 76 -32.41 7.24 -10.23
CA ILE A 76 -31.54 8.42 -10.34
C ILE A 76 -30.06 8.03 -10.44
N PRO A 77 -29.29 8.81 -11.21
CA PRO A 77 -27.86 8.58 -11.43
C PRO A 77 -27.05 8.67 -10.13
N VAL A 78 -25.91 7.99 -10.10
CA VAL A 78 -25.05 8.01 -8.93
C VAL A 78 -24.41 9.36 -8.68
N GLU A 79 -24.09 10.07 -9.76
CA GLU A 79 -23.47 11.39 -9.67
C GLU A 79 -24.32 12.27 -8.75
N PHE A 80 -25.63 12.07 -8.79
CA PHE A 80 -26.56 12.83 -7.96
C PHE A 80 -26.43 12.46 -6.48
N LYS A 81 -26.34 11.16 -6.20
CA LYS A 81 -26.21 10.68 -4.83
C LYS A 81 -24.90 11.11 -4.20
N LEU A 82 -23.81 10.95 -4.96
CA LEU A 82 -22.49 11.33 -4.47
C LEU A 82 -22.37 12.84 -4.30
N ARG A 83 -23.29 13.57 -4.91
CA ARG A 83 -23.30 15.03 -4.83
C ARG A 83 -24.19 15.51 -3.69
N GLU A 84 -25.32 14.86 -3.51
CA GLU A 84 -26.27 15.27 -2.49
C GLU A 84 -26.09 14.69 -1.09
N LEU A 85 -25.78 13.40 -1.00
CA LEU A 85 -25.62 12.76 0.31
C LEU A 85 -24.66 13.43 1.29
N PRO A 86 -23.39 13.62 0.90
CA PRO A 86 -22.37 14.24 1.75
C PRO A 86 -22.77 15.55 2.39
N LYS A 87 -23.63 16.31 1.74
CA LYS A 87 -24.06 17.60 2.29
C LYS A 87 -25.53 17.60 2.70
N PHE A 88 -26.03 16.44 3.09
CA PHE A 88 -27.43 16.35 3.49
C PHE A 88 -27.62 16.99 4.86
N HIS A 89 -26.72 16.71 5.80
CA HIS A 89 -26.83 17.27 7.14
C HIS A 89 -26.86 18.80 7.12
N GLU A 90 -26.24 19.41 6.11
CA GLU A 90 -26.25 20.87 6.04
C GLU A 90 -27.69 21.36 5.89
N HIS A 91 -28.53 20.58 5.22
CA HIS A 91 -29.91 20.96 5.03
C HIS A 91 -30.70 21.07 6.34
N LEU A 92 -30.21 20.42 7.39
CA LEU A 92 -30.90 20.46 8.69
C LEU A 92 -31.08 21.86 9.26
N HIS A 93 -30.14 22.76 8.94
CA HIS A 93 -30.19 24.14 9.41
C HIS A 93 -30.67 25.06 8.30
N ASP A 94 -31.33 24.46 7.31
CA ASP A 94 -31.85 25.17 6.15
C ASP A 94 -33.33 24.84 5.97
N THR A 95 -34.20 25.38 6.82
CA THR A 95 -35.61 25.11 6.63
C THR A 95 -35.87 25.60 5.19
N THR A 96 -37.05 25.33 4.64
CA THR A 96 -37.38 25.73 3.26
C THR A 96 -36.73 24.82 2.21
N TRP A 97 -35.79 23.99 2.63
CA TRP A 97 -35.12 23.09 1.70
C TRP A 97 -35.89 21.79 1.49
N CYS A 98 -35.83 21.25 0.29
CA CYS A 98 -36.51 19.98 0.01
C CYS A 98 -36.00 19.38 -1.30
N MET A 99 -36.52 18.21 -1.64
CA MET A 99 -36.11 17.51 -2.85
C MET A 99 -37.37 16.96 -3.52
N SER A 100 -37.55 17.25 -4.80
CA SER A 100 -38.77 16.86 -5.50
C SER A 100 -38.82 15.69 -6.49
N GLY A 101 -37.68 15.10 -6.86
CA GLY A 101 -37.78 14.03 -7.83
C GLY A 101 -37.21 12.69 -7.41
N VAL A 102 -37.16 12.44 -6.11
CA VAL A 102 -36.59 11.20 -5.62
C VAL A 102 -37.52 10.43 -4.70
N GLY A 103 -37.49 9.10 -4.82
CA GLY A 103 -38.30 8.24 -3.99
C GLY A 103 -39.65 7.83 -4.55
N VAL A 104 -40.34 6.99 -3.79
CA VAL A 104 -41.65 6.49 -4.18
C VAL A 104 -42.60 6.64 -3.00
N GLY A 105 -43.90 6.58 -3.26
CA GLY A 105 -44.88 6.69 -2.21
C GLY A 105 -44.61 7.74 -1.14
N ARG A 106 -44.75 7.33 0.12
CA ARG A 106 -44.53 8.23 1.24
C ARG A 106 -43.11 8.76 1.37
N GLU A 107 -42.13 7.91 1.06
CA GLU A 107 -40.73 8.34 1.16
C GLU A 107 -40.57 9.59 0.29
N ARG A 108 -41.15 9.53 -0.90
CA ARG A 108 -41.09 10.63 -1.83
C ARG A 108 -41.75 11.85 -1.21
N GLU A 109 -42.82 11.62 -0.45
CA GLU A 109 -43.53 12.71 0.22
C GLU A 109 -42.65 13.27 1.33
N LEU A 110 -41.90 12.38 1.98
CA LEU A 110 -40.99 12.79 3.05
C LEU A 110 -40.00 13.84 2.55
N LEU A 111 -39.32 13.53 1.45
CA LEU A 111 -38.35 14.44 0.88
C LEU A 111 -38.95 15.73 0.34
N GLU A 112 -40.06 15.62 -0.39
CA GLU A 112 -40.70 16.80 -0.95
C GLU A 112 -41.29 17.70 0.12
N ARG A 113 -41.37 17.19 1.35
CA ARG A 113 -41.90 17.98 2.45
C ARG A 113 -40.94 18.00 3.63
N TYR A 114 -39.69 17.68 3.37
CA TYR A 114 -38.64 17.63 4.38
C TYR A 114 -38.64 18.86 5.29
N THR A 115 -39.19 19.95 4.79
CA THR A 115 -39.23 21.19 5.55
C THR A 115 -39.89 20.96 6.93
N HIS A 116 -40.85 20.05 6.97
CA HIS A 116 -41.53 19.72 8.23
C HIS A 116 -40.60 19.08 9.25
N VAL A 117 -39.55 18.41 8.76
CA VAL A 117 -38.59 17.75 9.62
C VAL A 117 -37.54 18.74 10.12
N THR A 118 -36.99 19.54 9.21
CA THR A 118 -35.97 20.51 9.60
C THR A 118 -36.57 21.51 10.58
N ARG A 119 -37.81 21.92 10.34
CA ARG A 119 -38.45 22.86 11.27
C ARG A 119 -38.44 22.20 12.64
N ALA A 120 -39.07 21.02 12.73
CA ALA A 120 -39.13 20.28 13.98
C ALA A 120 -37.73 20.12 14.56
N TYR A 121 -36.78 19.75 13.71
CA TYR A 121 -35.38 19.60 14.13
C TYR A 121 -34.92 20.83 14.90
N SER A 122 -35.10 21.98 14.25
CA SER A 122 -34.72 23.29 14.78
C SER A 122 -35.17 23.53 16.22
N ARG A 123 -36.33 23.00 16.59
CA ARG A 123 -36.85 23.18 17.94
C ARG A 123 -36.37 22.15 18.96
N LEU A 124 -35.28 21.45 18.65
CA LEU A 124 -34.71 20.45 19.56
C LEU A 124 -33.49 21.00 20.28
N GLY A 125 -33.13 20.38 21.40
CA GLY A 125 -31.97 20.84 22.13
C GLY A 125 -30.75 20.75 21.23
N LYS A 126 -29.75 21.59 21.47
CA LYS A 126 -28.54 21.55 20.64
C LYS A 126 -27.87 20.20 20.76
N ALA A 127 -27.85 19.64 21.98
CA ALA A 127 -27.24 18.34 22.21
C ALA A 127 -27.82 17.30 21.25
N TYR A 128 -29.14 17.32 21.06
CA TYR A 128 -29.78 16.39 20.16
C TYR A 128 -29.44 16.72 18.71
N GLN A 129 -29.67 17.97 18.31
CA GLN A 129 -29.40 18.41 16.95
C GLN A 129 -28.01 18.00 16.51
N ASP A 130 -27.06 18.11 17.42
CA ASP A 130 -25.68 17.78 17.13
C ASP A 130 -25.45 16.31 16.89
N VAL A 131 -26.07 15.45 17.69
CA VAL A 131 -25.88 14.00 17.48
C VAL A 131 -26.50 13.60 16.14
N ILE A 132 -27.73 14.03 15.92
CA ILE A 132 -28.46 13.73 14.69
C ILE A 132 -27.67 14.16 13.47
N SER A 133 -27.09 15.36 13.56
CA SER A 133 -26.30 15.93 12.48
C SER A 133 -25.02 15.14 12.27
N GLY A 134 -24.36 14.79 13.36
CA GLY A 134 -23.12 14.03 13.26
C GLY A 134 -23.32 12.69 12.62
N ILE A 135 -24.23 11.90 13.18
CA ILE A 135 -24.54 10.58 12.66
C ILE A 135 -25.01 10.66 11.22
N CYS A 136 -25.85 11.64 10.92
CA CYS A 136 -26.36 11.81 9.56
C CYS A 136 -25.19 11.93 8.59
N GLU A 137 -24.26 12.83 8.92
CA GLU A 137 -23.09 13.05 8.08
C GLU A 137 -22.25 11.79 7.87
N ARG A 138 -21.95 11.08 8.95
CA ARG A 138 -21.13 9.89 8.80
C ARG A 138 -21.83 8.75 8.06
N MET A 139 -23.16 8.74 8.08
CA MET A 139 -23.87 7.68 7.39
C MET A 139 -23.87 8.02 5.91
N ALA A 140 -24.07 9.29 5.60
CA ALA A 140 -24.07 9.71 4.21
C ALA A 140 -22.75 9.26 3.58
N ASN A 141 -21.65 9.64 4.22
CA ASN A 141 -20.32 9.27 3.70
C ASN A 141 -20.14 7.76 3.58
N GLY A 142 -20.74 7.01 4.50
CA GLY A 142 -20.61 5.56 4.42
C GLY A 142 -21.35 5.09 3.18
N MET A 143 -22.52 5.67 2.96
CA MET A 143 -23.32 5.29 1.82
C MET A 143 -22.62 5.64 0.51
N CYS A 144 -21.93 6.78 0.50
CA CYS A 144 -21.24 7.20 -0.71
C CYS A 144 -20.11 6.24 -1.07
N ASP A 145 -19.49 5.66 -0.06
CA ASP A 145 -18.40 4.74 -0.31
C ASP A 145 -18.86 3.41 -0.89
N PHE A 146 -19.98 2.90 -0.40
CA PHE A 146 -20.51 1.64 -0.88
C PHE A 146 -21.39 1.82 -2.10
N LEU A 147 -21.39 3.03 -2.64
CA LEU A 147 -22.13 3.32 -3.85
C LEU A 147 -21.09 3.21 -4.96
N THR A 148 -19.84 3.49 -4.59
CA THR A 148 -18.72 3.43 -5.53
C THR A 148 -18.24 2.00 -5.70
N ARG A 149 -18.46 1.18 -4.67
CA ARG A 149 -18.06 -0.23 -4.70
C ARG A 149 -19.13 -1.12 -4.08
N LYS A 150 -18.84 -2.40 -4.02
CA LYS A 150 -19.79 -3.34 -3.44
C LYS A 150 -19.21 -4.13 -2.27
N VAL A 151 -20.11 -4.78 -1.54
CA VAL A 151 -19.74 -5.59 -0.39
C VAL A 151 -19.30 -6.95 -0.87
N GLU A 152 -18.02 -7.25 -0.69
CA GLU A 152 -17.48 -8.52 -1.11
C GLU A 152 -17.04 -9.35 0.08
N THR A 153 -16.42 -8.71 1.06
CA THR A 153 -15.91 -9.40 2.24
C THR A 153 -16.79 -9.29 3.48
N LYS A 154 -16.44 -10.06 4.51
CA LYS A 154 -17.15 -10.02 5.78
C LYS A 154 -16.90 -8.65 6.39
N ALA A 155 -15.66 -8.18 6.25
CA ALA A 155 -15.24 -6.88 6.76
C ALA A 155 -16.03 -5.77 6.08
N ASP A 156 -16.32 -5.97 4.79
CA ASP A 156 -17.10 -5.00 4.06
C ASP A 156 -18.52 -5.07 4.59
N TYR A 157 -18.97 -6.30 4.82
CA TYR A 157 -20.32 -6.57 5.32
C TYR A 157 -20.50 -5.86 6.66
N ASP A 158 -19.63 -6.18 7.60
CA ASP A 158 -19.67 -5.58 8.93
C ASP A 158 -19.59 -4.08 8.89
N LEU A 159 -18.75 -3.55 8.00
CA LEU A 159 -18.60 -2.11 7.94
C LEU A 159 -19.84 -1.45 7.34
N TYR A 160 -20.41 -2.05 6.29
CA TYR A 160 -21.61 -1.49 5.66
C TYR A 160 -22.71 -1.45 6.71
N CYS A 161 -22.87 -2.56 7.42
CA CYS A 161 -23.87 -2.66 8.48
C CYS A 161 -23.59 -1.60 9.51
N HIS A 162 -22.31 -1.34 9.79
CA HIS A 162 -21.93 -0.31 10.74
C HIS A 162 -22.38 1.05 10.25
N TYR A 163 -22.25 1.29 8.94
CA TYR A 163 -22.65 2.58 8.38
C TYR A 163 -24.15 2.82 8.36
N VAL A 164 -24.92 1.79 8.05
CA VAL A 164 -26.37 1.95 7.95
C VAL A 164 -27.15 1.50 9.20
N ALA A 165 -26.52 0.79 10.12
CA ALA A 165 -27.22 0.30 11.30
C ALA A 165 -26.50 0.56 12.61
N GLY A 166 -25.27 0.09 12.70
CA GLY A 166 -24.48 0.27 13.91
C GLY A 166 -24.37 1.72 14.36
N LEU A 167 -24.29 2.62 13.39
CA LEU A 167 -24.17 4.03 13.64
C LEU A 167 -25.42 4.52 14.34
N VAL A 168 -26.56 4.00 13.93
CA VAL A 168 -27.81 4.39 14.54
C VAL A 168 -27.70 3.98 16.02
N GLY A 169 -27.04 2.85 16.26
CA GLY A 169 -26.83 2.38 17.61
C GLY A 169 -26.09 3.46 18.39
N HIS A 170 -24.96 3.91 17.85
CA HIS A 170 -24.16 4.97 18.48
C HIS A 170 -25.05 6.18 18.75
N GLY A 171 -25.77 6.64 17.74
CA GLY A 171 -26.63 7.79 17.90
C GLY A 171 -27.62 7.69 19.05
N LEU A 172 -28.31 6.55 19.14
CA LEU A 172 -29.30 6.36 20.21
C LEU A 172 -28.63 6.40 21.58
N THR A 173 -27.43 5.84 21.67
CA THR A 173 -26.71 5.81 22.93
C THR A 173 -26.40 7.23 23.39
N LEU A 174 -25.86 8.03 22.46
CA LEU A 174 -25.52 9.41 22.77
C LEU A 174 -26.78 10.17 23.19
N LEU A 175 -27.89 9.93 22.51
CA LEU A 175 -29.14 10.59 22.86
C LEU A 175 -29.57 10.18 24.28
N TYR A 176 -29.45 8.90 24.61
CA TYR A 176 -29.81 8.40 25.94
C TYR A 176 -29.00 9.10 27.03
N VAL A 177 -27.73 9.34 26.73
CA VAL A 177 -26.82 10.00 27.65
C VAL A 177 -27.16 11.48 27.73
N SER A 178 -27.28 12.08 26.55
CA SER A 178 -27.60 13.48 26.43
C SER A 178 -28.89 13.84 27.17
N SER A 179 -29.82 12.90 27.25
CA SER A 179 -31.09 13.17 27.93
C SER A 179 -30.96 13.05 29.43
N GLY A 180 -29.95 12.32 29.88
CA GLY A 180 -29.74 12.13 31.30
C GLY A 180 -30.39 10.88 31.81
N LEU A 181 -31.30 10.30 31.01
CA LEU A 181 -31.98 9.07 31.43
C LEU A 181 -30.98 7.97 31.73
N GLU A 182 -29.88 7.96 30.97
CA GLU A 182 -28.84 6.98 31.19
C GLU A 182 -27.53 7.67 31.64
N ASP A 183 -26.75 6.96 32.44
CA ASP A 183 -25.47 7.46 32.95
C ASP A 183 -24.45 7.63 31.81
N VAL A 184 -23.63 8.67 31.91
CA VAL A 184 -22.63 8.95 30.87
C VAL A 184 -21.67 7.79 30.58
N ARG A 185 -21.53 6.86 31.52
CA ARG A 185 -20.62 5.75 31.31
C ARG A 185 -21.03 4.93 30.08
N LEU A 186 -22.29 5.04 29.71
CA LEU A 186 -22.82 4.29 28.57
C LEU A 186 -22.09 4.61 27.28
N ALA A 187 -21.69 5.87 27.11
CA ALA A 187 -20.98 6.31 25.91
C ALA A 187 -19.47 6.09 25.92
N ASP A 188 -18.94 5.39 26.92
CA ASP A 188 -17.50 5.16 26.98
C ASP A 188 -17.04 4.36 25.76
N ASP A 189 -17.60 3.16 25.63
CA ASP A 189 -17.28 2.26 24.52
C ASP A 189 -18.56 1.99 23.73
N LEU A 190 -18.69 2.61 22.55
CA LEU A 190 -19.88 2.43 21.72
C LEU A 190 -19.90 1.14 20.91
N THR A 191 -19.07 0.18 21.33
CA THR A 191 -18.96 -1.09 20.65
C THR A 191 -20.21 -1.99 20.75
N ASN A 192 -20.71 -2.18 21.97
CA ASN A 192 -21.90 -3.01 22.13
C ASN A 192 -23.06 -2.35 21.42
N ALA A 193 -23.08 -1.03 21.41
CA ALA A 193 -24.15 -0.29 20.75
C ALA A 193 -24.12 -0.60 19.25
N ASN A 194 -22.92 -0.73 18.70
CA ASN A 194 -22.75 -1.04 17.30
C ASN A 194 -23.28 -2.47 17.04
N HIS A 195 -23.00 -3.37 17.97
CA HIS A 195 -23.46 -4.74 17.87
C HIS A 195 -24.98 -4.79 17.80
N MET A 196 -25.62 -3.86 18.49
CA MET A 196 -27.08 -3.76 18.53
C MET A 196 -27.68 -3.49 17.15
N GLY A 197 -27.18 -2.48 16.45
CA GLY A 197 -27.68 -2.18 15.13
C GLY A 197 -27.32 -3.30 14.16
N LEU A 198 -26.17 -3.92 14.38
CA LEU A 198 -25.70 -4.99 13.53
C LEU A 198 -26.56 -6.26 13.64
N PHE A 199 -27.06 -6.56 14.84
CA PHE A 199 -27.90 -7.75 15.00
C PHE A 199 -29.23 -7.55 14.25
N LEU A 200 -29.81 -6.37 14.36
CA LEU A 200 -31.08 -6.11 13.68
C LEU A 200 -30.89 -6.07 12.16
N GLN A 201 -29.83 -5.40 11.70
CA GLN A 201 -29.57 -5.29 10.27
C GLN A 201 -29.30 -6.65 9.63
N LYS A 202 -28.55 -7.50 10.30
CA LYS A 202 -28.25 -8.79 9.75
C LYS A 202 -29.47 -9.72 9.73
N THR A 203 -30.20 -9.79 10.84
CA THR A 203 -31.37 -10.66 10.90
C THR A 203 -32.32 -10.20 9.79
N ASN A 204 -32.33 -8.90 9.54
CA ASN A 204 -33.19 -8.37 8.53
C ASN A 204 -32.72 -8.66 7.11
N ILE A 205 -31.41 -8.61 6.89
CA ILE A 205 -30.85 -8.88 5.57
C ILE A 205 -31.05 -10.36 5.28
N ILE A 206 -30.91 -11.18 6.31
CA ILE A 206 -31.11 -12.60 6.16
C ILE A 206 -32.55 -12.91 5.78
N ARG A 207 -33.50 -12.30 6.49
CA ARG A 207 -34.92 -12.56 6.25
C ARG A 207 -35.46 -12.02 4.94
N ASP A 208 -34.92 -10.89 4.47
CA ASP A 208 -35.44 -10.30 3.23
C ASP A 208 -34.73 -10.71 1.94
N PHE A 209 -33.97 -11.79 2.01
CA PHE A 209 -33.25 -12.26 0.83
C PHE A 209 -34.05 -12.31 -0.47
N TYR A 210 -35.13 -13.09 -0.46
CA TYR A 210 -35.96 -13.27 -1.65
C TYR A 210 -36.58 -11.97 -2.15
N GLU A 211 -37.24 -11.26 -1.24
CA GLU A 211 -37.86 -9.99 -1.59
C GLU A 211 -36.78 -9.09 -2.21
N ASP A 212 -35.60 -9.04 -1.60
CA ASP A 212 -34.52 -8.19 -2.11
C ASP A 212 -34.01 -8.58 -3.50
N ILE A 213 -33.65 -9.84 -3.69
CA ILE A 213 -33.14 -10.29 -4.98
C ILE A 213 -34.19 -10.24 -6.09
N CYS A 214 -35.46 -10.09 -5.74
CA CYS A 214 -36.51 -10.06 -6.75
C CYS A 214 -36.82 -8.67 -7.27
N GLU A 215 -36.36 -7.64 -6.56
CA GLU A 215 -36.61 -6.28 -7.00
C GLU A 215 -35.87 -5.97 -8.29
N VAL A 216 -36.35 -4.97 -9.01
CA VAL A 216 -35.75 -4.58 -10.29
C VAL A 216 -35.04 -3.22 -10.18
N PRO A 217 -33.71 -3.21 -10.25
CA PRO A 217 -32.82 -4.38 -10.37
C PRO A 217 -32.71 -5.12 -9.05
N PRO A 218 -32.09 -6.31 -9.06
CA PRO A 218 -31.93 -7.10 -7.85
C PRO A 218 -31.08 -6.38 -6.81
N ARG A 219 -31.41 -6.60 -5.53
CA ARG A 219 -30.66 -6.02 -4.42
C ARG A 219 -29.94 -7.19 -3.79
N VAL A 220 -28.68 -6.98 -3.37
CA VAL A 220 -27.88 -8.04 -2.75
C VAL A 220 -27.08 -7.50 -1.58
N PHE A 221 -27.14 -8.19 -0.43
CA PHE A 221 -26.44 -7.75 0.77
C PHE A 221 -25.61 -8.86 1.38
N TRP A 222 -25.99 -10.10 1.13
CA TRP A 222 -25.22 -11.22 1.64
C TRP A 222 -23.86 -10.99 0.98
N PRO A 223 -22.77 -11.11 1.75
CA PRO A 223 -21.41 -10.89 1.21
C PRO A 223 -20.83 -12.10 0.47
N ARG A 224 -20.22 -11.81 -0.69
CA ARG A 224 -19.61 -12.86 -1.51
C ARG A 224 -18.69 -13.75 -0.69
N GLU A 225 -17.88 -13.12 0.15
CA GLU A 225 -16.96 -13.87 0.98
C GLU A 225 -17.68 -14.97 1.75
N ILE A 226 -18.99 -14.85 1.94
CA ILE A 226 -19.73 -15.88 2.66
C ILE A 226 -20.43 -16.90 1.74
N TRP A 227 -21.11 -16.42 0.71
CA TRP A 227 -21.83 -17.30 -0.19
C TRP A 227 -21.02 -17.91 -1.34
N GLU A 228 -19.83 -17.37 -1.58
CA GLU A 228 -18.98 -17.86 -2.67
C GLU A 228 -18.62 -19.33 -2.41
N LYS A 229 -18.85 -19.77 -1.17
CA LYS A 229 -18.55 -21.14 -0.76
C LYS A 229 -19.69 -22.10 -1.06
N TYR A 230 -20.83 -21.54 -1.46
CA TYR A 230 -22.00 -22.34 -1.73
C TYR A 230 -22.53 -22.18 -3.15
N THR A 231 -22.09 -21.14 -3.84
CA THR A 231 -22.59 -20.92 -5.19
C THR A 231 -21.75 -19.90 -5.94
N ASP A 232 -21.91 -19.85 -7.26
CA ASP A 232 -21.17 -18.89 -8.07
C ASP A 232 -22.13 -17.77 -8.42
N ASP A 233 -23.41 -18.05 -8.26
CA ASP A 233 -24.45 -17.07 -8.55
C ASP A 233 -25.52 -17.13 -7.49
N LEU A 234 -25.59 -16.07 -6.70
CA LEU A 234 -26.57 -15.97 -5.61
C LEU A 234 -28.01 -16.16 -6.12
N HIS A 235 -28.25 -15.93 -7.41
CA HIS A 235 -29.58 -16.11 -7.98
C HIS A 235 -30.03 -17.56 -8.00
N ALA A 236 -29.05 -18.47 -7.91
CA ALA A 236 -29.30 -19.91 -7.92
C ALA A 236 -30.10 -20.37 -6.71
N PHE A 237 -30.08 -19.57 -5.65
CA PHE A 237 -30.80 -19.92 -4.43
C PHE A 237 -32.31 -19.85 -4.59
N LYS A 238 -32.77 -19.27 -5.69
CA LYS A 238 -34.20 -19.17 -5.93
C LYS A 238 -34.73 -20.51 -6.43
N ASP A 239 -33.89 -21.31 -7.08
CA ASP A 239 -34.31 -22.62 -7.61
C ASP A 239 -34.16 -23.78 -6.62
N GLU A 240 -35.22 -24.57 -6.47
CA GLU A 240 -35.22 -25.72 -5.57
C GLU A 240 -34.05 -26.66 -5.85
N LEU A 241 -33.60 -26.69 -7.10
CA LEU A 241 -32.48 -27.53 -7.49
C LEU A 241 -31.32 -27.35 -6.49
N HIS A 242 -31.02 -26.09 -6.17
CA HIS A 242 -29.92 -25.78 -5.26
C HIS A 242 -30.34 -25.54 -3.80
N GLU A 243 -31.51 -26.06 -3.44
CA GLU A 243 -32.03 -25.91 -2.09
C GLU A 243 -31.05 -26.31 -0.97
N ALA A 244 -30.38 -27.44 -1.14
CA ALA A 244 -29.46 -27.93 -0.12
C ALA A 244 -28.32 -27.00 0.24
N LYS A 245 -27.73 -26.35 -0.76
CA LYS A 245 -26.63 -25.44 -0.50
C LYS A 245 -27.15 -24.08 -0.07
N ALA A 246 -28.36 -23.75 -0.49
CA ALA A 246 -28.98 -22.48 -0.11
C ALA A 246 -29.18 -22.50 1.39
N VAL A 247 -29.69 -23.60 1.91
CA VAL A 247 -29.93 -23.73 3.34
C VAL A 247 -28.61 -23.66 4.10
N GLU A 248 -27.54 -24.19 3.52
CA GLU A 248 -26.24 -24.13 4.20
C GLU A 248 -25.71 -22.70 4.21
N CYS A 249 -25.99 -21.95 3.16
CA CYS A 249 -25.54 -20.56 3.09
C CYS A 249 -26.34 -19.72 4.10
N LEU A 250 -27.64 -19.99 4.18
CA LEU A 250 -28.52 -19.26 5.11
C LEU A 250 -28.03 -19.51 6.53
N ASN A 251 -27.74 -20.77 6.83
CA ASN A 251 -27.27 -21.12 8.16
C ASN A 251 -25.93 -20.48 8.49
N ALA A 252 -25.09 -20.27 7.48
CA ALA A 252 -23.79 -19.65 7.74
C ALA A 252 -24.04 -18.18 8.05
N MET A 253 -25.00 -17.59 7.36
CA MET A 253 -25.36 -16.20 7.58
C MET A 253 -25.91 -16.00 9.00
N VAL A 254 -26.72 -16.96 9.44
CA VAL A 254 -27.29 -16.92 10.77
C VAL A 254 -26.13 -17.05 11.75
N ALA A 255 -25.24 -17.99 11.49
CA ALA A 255 -24.08 -18.18 12.35
C ALA A 255 -23.40 -16.83 12.52
N ASP A 256 -23.36 -16.07 11.44
CA ASP A 256 -22.71 -14.77 11.47
C ASP A 256 -23.45 -13.69 12.27
N ALA A 257 -24.76 -13.78 12.38
CA ALA A 257 -25.50 -12.78 13.12
C ALA A 257 -25.48 -13.14 14.61
N LEU A 258 -25.40 -14.43 14.90
CA LEU A 258 -25.39 -14.87 16.27
C LEU A 258 -24.18 -14.35 17.04
N VAL A 259 -23.16 -13.88 16.32
CA VAL A 259 -21.95 -13.38 16.97
C VAL A 259 -22.25 -12.20 17.87
N HIS A 260 -23.23 -11.39 17.47
CA HIS A 260 -23.60 -10.19 18.20
C HIS A 260 -24.50 -10.39 19.41
N VAL A 261 -25.19 -11.53 19.51
CA VAL A 261 -26.11 -11.74 20.63
C VAL A 261 -25.52 -11.45 22.02
N PRO A 262 -24.36 -12.05 22.34
CA PRO A 262 -23.75 -11.80 23.66
C PRO A 262 -23.61 -10.32 23.99
N HIS A 263 -23.21 -9.53 23.00
CA HIS A 263 -23.04 -8.10 23.19
C HIS A 263 -24.37 -7.38 23.33
N VAL A 264 -25.38 -7.79 22.56
CA VAL A 264 -26.68 -7.17 22.68
C VAL A 264 -27.15 -7.41 24.11
N VAL A 265 -26.85 -8.59 24.63
CA VAL A 265 -27.22 -8.88 25.99
C VAL A 265 -26.51 -7.91 26.93
N GLU A 266 -25.20 -7.79 26.81
CA GLU A 266 -24.48 -6.85 27.69
C GLU A 266 -25.13 -5.49 27.63
N TYR A 267 -25.32 -4.97 26.43
CA TYR A 267 -25.89 -3.64 26.27
C TYR A 267 -27.23 -3.48 26.97
N LEU A 268 -28.12 -4.46 26.79
CA LEU A 268 -29.42 -4.39 27.41
C LEU A 268 -29.30 -4.36 28.94
N ALA A 269 -28.39 -5.14 29.49
CA ALA A 269 -28.22 -5.18 30.92
C ALA A 269 -27.63 -3.91 31.51
N SER A 270 -27.02 -3.06 30.70
CA SER A 270 -26.44 -1.84 31.24
C SER A 270 -27.41 -0.67 31.32
N LEU A 271 -28.61 -0.87 30.78
CA LEU A 271 -29.64 0.17 30.79
C LEU A 271 -30.40 0.30 32.13
N ARG A 272 -30.52 1.51 32.66
CA ARG A 272 -31.24 1.69 33.92
C ARG A 272 -32.68 2.20 33.76
N ASP A 273 -32.93 3.00 32.73
CA ASP A 273 -34.25 3.55 32.50
C ASP A 273 -35.24 2.57 31.84
N PRO A 274 -36.48 2.50 32.37
CA PRO A 274 -37.56 1.64 31.91
C PRO A 274 -37.98 1.92 30.47
N SER A 275 -38.05 3.20 30.12
CA SER A 275 -38.46 3.58 28.78
C SER A 275 -37.39 3.29 27.74
N VAL A 276 -36.14 3.64 28.06
CA VAL A 276 -35.05 3.40 27.15
C VAL A 276 -34.91 1.90 26.99
N PHE A 277 -35.07 1.20 28.09
CA PHE A 277 -34.96 -0.25 28.07
C PHE A 277 -36.00 -0.91 27.19
N ALA A 278 -37.27 -0.58 27.40
CA ALA A 278 -38.31 -1.21 26.60
C ALA A 278 -38.09 -0.91 25.13
N PHE A 279 -37.79 0.35 24.84
CA PHE A 279 -37.56 0.78 23.48
C PHE A 279 -36.39 0.07 22.82
N SER A 280 -35.36 -0.24 23.60
CA SER A 280 -34.18 -0.89 23.06
C SER A 280 -34.28 -2.42 23.01
N ALA A 281 -35.02 -3.00 23.95
CA ALA A 281 -35.14 -4.44 24.00
C ALA A 281 -36.10 -5.06 22.98
N ILE A 282 -37.29 -4.49 22.84
CA ILE A 282 -38.29 -5.05 21.94
C ILE A 282 -37.79 -5.40 20.54
N PRO A 283 -37.05 -4.49 19.87
CA PRO A 283 -36.59 -4.84 18.54
C PRO A 283 -35.58 -5.99 18.54
N GLN A 284 -34.77 -6.06 19.60
CA GLN A 284 -33.78 -7.12 19.73
C GLN A 284 -34.50 -8.46 19.94
N VAL A 285 -35.52 -8.47 20.80
CA VAL A 285 -36.25 -9.70 21.03
C VAL A 285 -36.97 -10.10 19.72
N MET A 286 -37.56 -9.12 19.02
CA MET A 286 -38.24 -9.40 17.76
C MET A 286 -37.25 -10.05 16.77
N ALA A 287 -36.04 -9.50 16.72
CA ALA A 287 -35.00 -10.01 15.84
C ALA A 287 -34.60 -11.45 16.18
N MET A 288 -34.44 -11.75 17.47
CA MET A 288 -34.07 -13.09 17.89
C MET A 288 -35.19 -14.05 17.50
N ALA A 289 -36.42 -13.65 17.74
CA ALA A 289 -37.56 -14.49 17.40
C ALA A 289 -37.51 -14.79 15.90
N THR A 290 -37.27 -13.75 15.10
CA THR A 290 -37.20 -13.91 13.66
C THR A 290 -36.05 -14.81 13.24
N LEU A 291 -34.89 -14.58 13.86
CA LEU A 291 -33.73 -15.37 13.52
C LEU A 291 -33.98 -16.83 13.80
N SER A 292 -34.64 -17.13 14.91
CA SER A 292 -34.92 -18.51 15.27
C SER A 292 -35.89 -19.11 14.25
N LEU A 293 -36.63 -18.26 13.57
CA LEU A 293 -37.61 -18.72 12.59
C LEU A 293 -37.01 -18.97 11.20
N VAL A 294 -36.12 -18.10 10.74
CA VAL A 294 -35.52 -18.29 9.44
C VAL A 294 -34.39 -19.31 9.43
N PHE A 295 -33.88 -19.65 10.61
CA PHE A 295 -32.79 -20.62 10.72
C PHE A 295 -33.14 -22.00 10.18
N ASN A 296 -32.32 -22.50 9.25
CA ASN A 296 -32.52 -23.82 8.69
C ASN A 296 -33.93 -23.95 8.13
N ASN A 297 -34.42 -22.88 7.53
CA ASN A 297 -35.78 -22.85 6.97
C ASN A 297 -35.72 -22.55 5.47
N LYS A 298 -35.89 -23.57 4.65
CA LYS A 298 -35.82 -23.38 3.20
C LYS A 298 -36.85 -22.38 2.69
N ASP A 299 -37.91 -22.14 3.47
CA ASP A 299 -38.93 -21.22 3.03
C ASP A 299 -38.41 -19.81 2.85
N VAL A 300 -37.27 -19.50 3.46
CA VAL A 300 -36.72 -18.15 3.31
C VAL A 300 -36.48 -17.83 1.84
N PHE A 301 -36.23 -18.86 1.02
CA PHE A 301 -35.93 -18.61 -0.38
C PHE A 301 -37.07 -18.39 -1.36
N HIS A 302 -38.30 -18.32 -0.85
CA HIS A 302 -39.42 -18.04 -1.73
C HIS A 302 -40.46 -17.13 -1.09
N THR A 303 -40.34 -16.88 0.21
CA THR A 303 -41.30 -16.02 0.90
C THR A 303 -40.73 -15.28 2.09
N LYS A 304 -41.57 -14.43 2.70
CA LYS A 304 -41.17 -13.66 3.87
C LYS A 304 -41.59 -14.38 5.15
N VAL A 305 -40.60 -14.86 5.90
CA VAL A 305 -40.86 -15.57 7.16
C VAL A 305 -41.05 -14.57 8.29
N LYS A 306 -42.16 -14.69 9.03
CA LYS A 306 -42.50 -13.78 10.12
C LYS A 306 -43.05 -14.47 11.34
N THR A 307 -43.01 -13.77 12.45
CA THR A 307 -43.54 -14.29 13.70
C THR A 307 -45.04 -13.95 13.71
N THR A 308 -45.82 -14.69 14.47
CA THR A 308 -47.26 -14.46 14.54
C THR A 308 -47.56 -13.18 15.30
N ARG A 309 -48.66 -12.53 14.96
CA ARG A 309 -49.03 -11.32 15.65
C ARG A 309 -49.18 -11.60 17.14
N GLY A 310 -49.58 -12.81 17.48
CA GLY A 310 -49.73 -13.15 18.88
C GLY A 310 -48.38 -13.10 19.60
N ALA A 311 -47.37 -13.66 18.98
CA ALA A 311 -46.05 -13.69 19.57
C ALA A 311 -45.42 -12.28 19.58
N THR A 312 -45.67 -11.46 18.57
CA THR A 312 -45.08 -10.14 18.66
C THR A 312 -45.81 -9.33 19.75
N ALA A 313 -47.07 -9.63 20.00
CA ALA A 313 -47.77 -8.91 21.07
C ALA A 313 -47.21 -9.37 22.43
N ARG A 314 -46.93 -10.66 22.55
CA ARG A 314 -46.38 -11.19 23.78
C ARG A 314 -45.03 -10.51 24.03
N ILE A 315 -44.21 -10.40 22.98
CA ILE A 315 -42.90 -9.79 23.09
C ILE A 315 -42.96 -8.32 23.50
N PHE A 316 -43.88 -7.55 22.90
CA PHE A 316 -44.03 -6.14 23.25
C PHE A 316 -44.45 -6.04 24.72
N HIS A 317 -45.34 -6.93 25.14
CA HIS A 317 -45.84 -6.86 26.50
C HIS A 317 -44.83 -7.10 27.61
N TYR A 318 -43.95 -8.09 27.45
CA TYR A 318 -43.01 -8.41 28.51
C TYR A 318 -41.62 -7.80 28.48
N SER A 319 -41.19 -7.30 27.32
CA SER A 319 -39.86 -6.71 27.19
C SER A 319 -39.73 -5.37 27.92
N THR A 320 -40.31 -5.28 29.11
CA THR A 320 -40.26 -4.05 29.89
C THR A 320 -39.13 -4.05 30.92
N GLU A 321 -38.70 -5.23 31.34
CA GLU A 321 -37.62 -5.32 32.33
C GLU A 321 -36.67 -6.47 31.99
N LEU A 322 -35.40 -6.29 32.31
CA LEU A 322 -34.36 -7.26 32.01
C LEU A 322 -34.66 -8.76 32.13
N GLN A 323 -35.04 -9.22 33.32
CA GLN A 323 -35.28 -10.65 33.51
C GLN A 323 -36.22 -11.29 32.48
N ALA A 324 -37.42 -10.74 32.37
CA ALA A 324 -38.41 -11.26 31.44
C ALA A 324 -37.86 -11.30 30.00
N THR A 325 -37.25 -10.21 29.56
CA THR A 325 -36.73 -10.18 28.21
C THR A 325 -35.56 -11.15 28.14
N LEU A 326 -34.88 -11.34 29.27
CA LEU A 326 -33.75 -12.25 29.26
C LEU A 326 -34.26 -13.69 29.06
N GLN A 327 -35.37 -14.04 29.68
CA GLN A 327 -35.85 -15.39 29.50
C GLN A 327 -36.47 -15.61 28.12
N MET A 328 -36.94 -14.54 27.48
CA MET A 328 -37.52 -14.69 26.15
C MET A 328 -36.41 -14.93 25.12
N LEU A 329 -35.31 -14.20 25.26
CA LEU A 329 -34.18 -14.36 24.35
C LEU A 329 -33.64 -15.78 24.47
N LYS A 330 -33.62 -16.26 25.70
CA LYS A 330 -33.17 -17.60 25.98
C LYS A 330 -34.07 -18.58 25.24
N THR A 331 -35.38 -18.42 25.43
CA THR A 331 -36.35 -19.32 24.82
C THR A 331 -36.24 -19.36 23.30
N TYR A 332 -36.02 -18.20 22.70
CA TYR A 332 -35.89 -18.17 21.26
C TYR A 332 -34.55 -18.76 20.84
N THR A 333 -33.53 -18.57 21.66
CA THR A 333 -32.23 -19.12 21.35
C THR A 333 -32.27 -20.65 21.43
N LEU A 334 -33.03 -21.17 22.38
CA LEU A 334 -33.18 -22.62 22.53
C LEU A 334 -33.98 -23.17 21.36
N ARG A 335 -35.01 -22.44 20.93
CA ARG A 335 -35.82 -22.88 19.79
C ARG A 335 -34.93 -22.95 18.57
N LEU A 336 -34.07 -21.95 18.42
CA LEU A 336 -33.16 -21.91 17.29
C LEU A 336 -32.33 -23.18 17.22
N ALA A 337 -31.67 -23.50 18.33
CA ALA A 337 -30.82 -24.68 18.43
C ALA A 337 -31.57 -25.96 18.17
N ALA A 338 -32.77 -26.05 18.72
CA ALA A 338 -33.61 -27.23 18.58
C ALA A 338 -33.98 -27.54 17.12
N ARG A 339 -33.94 -26.54 16.26
CA ARG A 339 -34.27 -26.72 14.86
C ARG A 339 -33.14 -27.29 14.02
N MET A 340 -32.14 -27.88 14.66
CA MET A 340 -31.02 -28.47 13.93
C MET A 340 -30.69 -29.85 14.48
N ASN A 341 -29.92 -30.62 13.72
CA ASN A 341 -29.49 -31.96 14.16
C ASN A 341 -28.12 -32.36 13.63
N ALA A 342 -27.55 -33.41 14.23
CA ALA A 342 -26.23 -33.96 13.90
C ALA A 342 -25.77 -33.83 12.45
N GLN A 343 -26.58 -34.34 11.54
CA GLN A 343 -26.29 -34.32 10.11
C GLN A 343 -25.97 -32.92 9.55
N ASP A 344 -26.61 -31.90 10.11
CA ASP A 344 -26.40 -30.54 9.64
C ASP A 344 -24.94 -30.08 9.71
N ALA A 345 -24.44 -29.62 8.57
CA ALA A 345 -23.06 -29.15 8.45
C ALA A 345 -22.70 -28.10 9.50
N CYS A 346 -23.65 -27.20 9.76
CA CYS A 346 -23.45 -26.11 10.70
C CYS A 346 -23.51 -26.49 12.18
N TYR A 347 -24.07 -27.66 12.48
CA TYR A 347 -24.23 -28.10 13.87
C TYR A 347 -23.23 -27.59 14.90
N ASP A 348 -21.95 -27.87 14.67
CA ASP A 348 -20.92 -27.43 15.61
C ASP A 348 -20.82 -25.92 15.71
N ARG A 349 -20.67 -25.27 14.55
CA ARG A 349 -20.58 -23.82 14.50
C ARG A 349 -21.73 -23.22 15.30
N ILE A 350 -22.95 -23.62 14.96
CA ILE A 350 -24.13 -23.09 15.65
C ILE A 350 -24.23 -23.41 17.13
N GLU A 351 -24.05 -24.68 17.51
CA GLU A 351 -24.14 -25.02 18.93
C GLU A 351 -23.16 -24.19 19.77
N HIS A 352 -22.00 -23.92 19.22
CA HIS A 352 -21.03 -23.12 19.94
C HIS A 352 -21.62 -21.75 20.24
N LEU A 353 -21.96 -21.02 19.18
CA LEU A 353 -22.54 -19.68 19.27
C LEU A 353 -23.74 -19.57 20.21
N VAL A 354 -24.56 -20.62 20.24
CA VAL A 354 -25.74 -20.65 21.07
C VAL A 354 -25.37 -20.63 22.54
N ASN A 355 -24.50 -21.57 22.93
CA ASN A 355 -24.07 -21.65 24.32
C ASN A 355 -23.43 -20.34 24.75
N ASP A 356 -22.64 -19.75 23.87
CA ASP A 356 -21.99 -18.47 24.15
C ASP A 356 -23.04 -17.40 24.49
N ALA A 357 -24.17 -17.46 23.80
CA ALA A 357 -25.25 -16.51 24.02
C ALA A 357 -26.02 -16.87 25.28
N ILE A 358 -26.33 -18.15 25.43
CA ILE A 358 -27.06 -18.60 26.61
C ILE A 358 -26.28 -18.18 27.84
N ARG A 359 -24.98 -18.48 27.83
CA ARG A 359 -24.11 -18.14 28.95
C ARG A 359 -24.20 -16.68 29.31
N ALA A 360 -24.08 -15.81 28.31
CA ALA A 360 -24.15 -14.38 28.54
C ALA A 360 -25.54 -14.04 29.10
N MET A 361 -26.53 -14.82 28.73
CA MET A 361 -27.88 -14.56 29.22
C MET A 361 -27.99 -14.96 30.68
N GLU A 362 -27.62 -16.20 30.99
CA GLU A 362 -27.67 -16.69 32.36
C GLU A 362 -26.67 -15.86 33.17
N SER A 363 -25.63 -15.39 32.50
CA SER A 363 -24.61 -14.56 33.13
C SER A 363 -25.19 -13.30 33.76
N HIS A 364 -26.49 -13.08 33.56
CA HIS A 364 -27.16 -11.91 34.11
C HIS A 364 -28.42 -12.32 34.87
N GLN A 365 -28.64 -13.64 34.97
CA GLN A 365 -29.81 -14.15 35.66
C GLN A 365 -29.51 -14.54 37.11
N ASP B 25 20.69 3.01 -31.98
CA ASP B 25 19.75 4.06 -32.35
C ASP B 25 18.75 3.51 -33.36
N GLU B 26 19.15 2.47 -34.07
CA GLU B 26 18.30 1.85 -35.08
C GLU B 26 16.99 1.30 -34.56
N ASP B 27 17.04 0.63 -33.41
CA ASP B 27 15.84 0.03 -32.80
C ASP B 27 14.85 1.12 -32.44
N LEU B 28 15.37 2.16 -31.80
CA LEU B 28 14.56 3.27 -31.36
C LEU B 28 13.92 4.00 -32.53
N ARG B 29 14.63 4.09 -33.66
CA ARG B 29 14.07 4.79 -34.82
C ARG B 29 12.93 4.00 -35.45
N PHE B 30 13.07 2.67 -35.48
CA PHE B 30 12.00 1.85 -36.04
C PHE B 30 10.72 2.08 -35.25
N CYS B 31 10.85 2.22 -33.93
CA CYS B 31 9.70 2.45 -33.06
C CYS B 31 8.97 3.74 -33.38
N TYR B 32 9.71 4.85 -33.50
CA TYR B 32 9.07 6.12 -33.84
C TYR B 32 8.50 6.10 -35.27
N ASP B 33 9.15 5.37 -36.17
CA ASP B 33 8.66 5.27 -37.55
C ASP B 33 7.32 4.54 -37.63
N ILE B 34 7.22 3.42 -36.92
CA ILE B 34 5.99 2.63 -36.92
C ILE B 34 4.88 3.34 -36.13
N LEU B 35 5.28 4.08 -35.09
CA LEU B 35 4.31 4.82 -34.28
C LEU B 35 3.58 5.82 -35.15
N GLN B 36 4.36 6.60 -35.92
CA GLN B 36 3.79 7.60 -36.80
C GLN B 36 2.92 7.00 -37.88
N ALA B 37 3.33 5.84 -38.37
CA ALA B 37 2.58 5.16 -39.41
C ALA B 37 1.28 4.59 -38.86
N VAL B 38 1.34 4.11 -37.62
CA VAL B 38 0.20 3.48 -36.98
C VAL B 38 -0.80 4.33 -36.19
N SER B 39 -0.33 5.36 -35.48
CA SER B 39 -1.26 6.19 -34.71
C SER B 39 -0.98 7.68 -34.91
N ARG B 40 -1.25 8.15 -36.12
CA ARG B 40 -1.00 9.55 -36.50
C ARG B 40 -1.12 10.64 -35.44
N SER B 41 -2.30 10.81 -34.84
CA SER B 41 -2.49 11.84 -33.83
C SER B 41 -1.57 11.73 -32.59
N PHE B 42 -1.59 10.57 -31.94
CA PHE B 42 -0.73 10.37 -30.78
C PHE B 42 0.74 10.61 -31.15
N ALA B 43 1.08 10.29 -32.40
CA ALA B 43 2.44 10.50 -32.87
C ALA B 43 2.80 11.98 -32.72
N VAL B 44 1.82 12.86 -32.82
CA VAL B 44 2.11 14.28 -32.65
C VAL B 44 2.16 14.65 -31.17
N VAL B 45 1.14 14.26 -30.43
CA VAL B 45 1.07 14.59 -29.01
C VAL B 45 2.30 14.16 -28.21
N ILE B 46 2.82 12.99 -28.53
CA ILE B 46 3.97 12.44 -27.83
C ILE B 46 5.21 13.30 -27.99
N MET B 47 5.24 14.15 -29.01
CA MET B 47 6.39 15.00 -29.18
C MET B 47 6.41 16.13 -28.16
N GLU B 48 5.39 16.21 -27.32
CA GLU B 48 5.38 17.22 -26.25
C GLU B 48 6.32 16.74 -25.13
N LEU B 49 6.59 15.43 -25.11
CA LEU B 49 7.47 14.85 -24.10
C LEU B 49 8.92 14.98 -24.53
N ASP B 50 9.81 14.98 -23.57
CA ASP B 50 11.23 15.19 -23.84
C ASP B 50 12.17 14.11 -24.35
N GLU B 51 12.76 13.35 -23.44
CA GLU B 51 13.78 12.39 -23.86
C GLU B 51 13.54 10.95 -23.50
N GLU B 52 13.97 10.61 -22.30
CA GLU B 52 13.83 9.26 -21.76
C GLU B 52 12.36 8.94 -21.66
N MET B 53 11.59 9.92 -21.23
CA MET B 53 10.17 9.79 -21.06
C MET B 53 9.45 9.49 -22.38
N ARG B 54 9.81 10.22 -23.42
CA ARG B 54 9.17 10.03 -24.70
C ARG B 54 9.47 8.60 -25.23
N ASP B 55 10.70 8.15 -25.06
CA ASP B 55 11.07 6.81 -25.51
C ASP B 55 10.19 5.79 -24.79
N ALA B 56 10.09 5.93 -23.47
CA ALA B 56 9.33 4.99 -22.68
C ALA B 56 7.86 4.98 -23.03
N VAL B 57 7.29 6.15 -23.28
CA VAL B 57 5.87 6.21 -23.62
C VAL B 57 5.67 5.64 -25.02
N CYS B 58 6.69 5.78 -25.85
CA CYS B 58 6.65 5.27 -27.20
C CYS B 58 6.58 3.75 -27.16
N ILE B 59 7.52 3.14 -26.43
CA ILE B 59 7.57 1.68 -26.29
C ILE B 59 6.28 1.20 -25.66
N PHE B 60 5.82 1.94 -24.66
CA PHE B 60 4.60 1.62 -23.94
C PHE B 60 3.43 1.54 -24.92
N TYR B 61 3.31 2.56 -25.75
CA TYR B 61 2.24 2.62 -26.74
C TYR B 61 2.29 1.43 -27.70
N LEU B 62 3.47 1.16 -28.24
CA LEU B 62 3.61 0.06 -29.18
C LEU B 62 3.30 -1.28 -28.56
N VAL B 63 3.81 -1.51 -27.34
CA VAL B 63 3.55 -2.76 -26.66
C VAL B 63 2.02 -2.99 -26.50
N LEU B 64 1.30 -1.96 -26.06
CA LEU B 64 -0.14 -2.10 -25.89
C LEU B 64 -0.83 -2.23 -27.25
N ARG B 65 -0.23 -1.65 -28.28
CA ARG B 65 -0.79 -1.70 -29.62
C ARG B 65 -0.60 -3.09 -30.20
N ALA B 66 0.56 -3.68 -29.92
CA ALA B 66 0.83 -5.02 -30.42
C ALA B 66 -0.15 -5.95 -29.75
N LEU B 67 -0.31 -5.80 -28.44
CA LEU B 67 -1.24 -6.61 -27.69
C LEU B 67 -2.63 -6.47 -28.27
N ASP B 68 -3.06 -5.23 -28.47
CA ASP B 68 -4.38 -4.98 -29.01
C ASP B 68 -4.60 -5.58 -30.39
N THR B 69 -3.51 -5.69 -31.15
CA THR B 69 -3.63 -6.24 -32.50
C THR B 69 -3.96 -7.72 -32.43
N VAL B 70 -3.32 -8.43 -31.51
CA VAL B 70 -3.57 -9.84 -31.33
C VAL B 70 -4.98 -10.09 -30.80
N GLU B 71 -5.34 -9.40 -29.73
CA GLU B 71 -6.68 -9.58 -29.16
C GLU B 71 -7.79 -9.32 -30.17
N ASP B 72 -7.54 -8.42 -31.11
CA ASP B 72 -8.57 -8.07 -32.09
C ASP B 72 -8.60 -8.91 -33.38
N ASP B 73 -7.65 -9.80 -33.60
CA ASP B 73 -7.68 -10.57 -34.83
C ASP B 73 -8.73 -11.66 -34.69
N MET B 74 -9.69 -11.69 -35.60
CA MET B 74 -10.75 -12.68 -35.53
C MET B 74 -10.42 -14.05 -36.13
N SER B 75 -9.26 -14.15 -36.77
CA SER B 75 -8.84 -15.41 -37.36
C SER B 75 -8.06 -16.20 -36.33
N ILE B 76 -7.81 -15.59 -35.18
CA ILE B 76 -7.08 -16.27 -34.12
C ILE B 76 -8.08 -16.90 -33.16
N PRO B 77 -8.01 -18.22 -32.97
CA PRO B 77 -8.93 -18.91 -32.06
C PRO B 77 -8.84 -18.36 -30.64
N VAL B 78 -9.99 -18.31 -29.98
CA VAL B 78 -10.07 -17.81 -28.62
C VAL B 78 -9.10 -18.50 -27.67
N GLU B 79 -9.16 -19.83 -27.63
CA GLU B 79 -8.31 -20.62 -26.75
C GLU B 79 -6.87 -20.14 -26.78
N PHE B 80 -6.41 -19.76 -27.96
CA PHE B 80 -5.05 -19.26 -28.14
C PHE B 80 -4.85 -17.92 -27.42
N LYS B 81 -5.75 -16.98 -27.68
CA LYS B 81 -5.70 -15.65 -27.07
C LYS B 81 -5.72 -15.77 -25.56
N LEU B 82 -6.62 -16.62 -25.09
CA LEU B 82 -6.82 -16.86 -23.66
C LEU B 82 -5.54 -17.36 -23.03
N ARG B 83 -4.66 -17.92 -23.86
CA ARG B 83 -3.40 -18.48 -23.39
C ARG B 83 -2.19 -17.62 -23.78
N GLU B 84 -2.26 -16.97 -24.92
CA GLU B 84 -1.15 -16.15 -25.39
C GLU B 84 -1.15 -14.72 -24.80
N LEU B 85 -2.33 -14.12 -24.65
CA LEU B 85 -2.41 -12.77 -24.11
C LEU B 85 -1.84 -12.61 -22.69
N PRO B 86 -2.19 -13.53 -21.77
CA PRO B 86 -1.65 -13.39 -20.40
C PRO B 86 -0.13 -13.55 -20.32
N LYS B 87 0.49 -14.04 -21.40
CA LYS B 87 1.94 -14.27 -21.48
C LYS B 87 2.66 -13.20 -22.31
N PHE B 88 1.88 -12.35 -22.98
CA PHE B 88 2.44 -11.33 -23.84
C PHE B 88 3.53 -10.52 -23.18
N HIS B 89 3.26 -10.01 -21.98
CA HIS B 89 4.25 -9.21 -21.29
C HIS B 89 5.55 -9.96 -21.13
N GLU B 90 5.48 -11.28 -21.13
CA GLU B 90 6.68 -12.10 -20.97
C GLU B 90 7.61 -12.01 -22.16
N HIS B 91 7.08 -11.75 -23.35
CA HIS B 91 7.90 -11.64 -24.55
C HIS B 91 8.85 -10.44 -24.50
N LEU B 92 8.60 -9.51 -23.59
CA LEU B 92 9.43 -8.33 -23.47
C LEU B 92 10.87 -8.67 -23.13
N HIS B 93 11.09 -9.84 -22.52
CA HIS B 93 12.43 -10.29 -22.16
C HIS B 93 13.05 -11.18 -23.23
N ASP B 94 12.24 -11.56 -24.22
CA ASP B 94 12.71 -12.40 -25.32
C ASP B 94 13.07 -11.55 -26.55
N THR B 95 14.36 -11.26 -26.72
CA THR B 95 14.80 -10.43 -27.85
C THR B 95 14.88 -11.15 -29.18
N THR B 96 14.07 -12.20 -29.36
CA THR B 96 14.03 -12.94 -30.61
C THR B 96 12.59 -13.23 -30.96
N TRP B 97 11.70 -13.00 -29.99
CA TRP B 97 10.28 -13.25 -30.19
C TRP B 97 9.64 -12.27 -31.17
N CYS B 98 8.71 -12.78 -31.97
CA CYS B 98 7.99 -11.95 -32.93
C CYS B 98 6.86 -12.78 -33.52
N MET B 99 5.97 -12.14 -34.27
CA MET B 99 4.83 -12.82 -34.87
C MET B 99 4.74 -12.42 -36.32
N SER B 100 4.25 -13.31 -37.19
CA SER B 100 4.22 -13.00 -38.61
C SER B 100 2.92 -13.02 -39.42
N GLY B 101 1.83 -13.51 -38.87
CA GLY B 101 0.62 -13.54 -39.67
C GLY B 101 -0.52 -12.68 -39.17
N VAL B 102 -0.21 -11.76 -38.27
CA VAL B 102 -1.25 -10.91 -37.70
C VAL B 102 -1.07 -9.42 -37.95
N GLY B 103 -2.21 -8.71 -37.99
CA GLY B 103 -2.16 -7.28 -38.18
C GLY B 103 -2.53 -6.73 -39.55
N VAL B 104 -2.98 -5.48 -39.56
CA VAL B 104 -3.35 -4.82 -40.82
C VAL B 104 -2.42 -3.63 -41.00
N GLY B 105 -2.09 -3.34 -42.24
CA GLY B 105 -1.21 -2.22 -42.50
C GLY B 105 0.14 -2.50 -41.85
N ARG B 106 0.73 -1.46 -41.29
CA ARG B 106 2.04 -1.64 -40.67
C ARG B 106 1.95 -2.24 -39.26
N GLU B 107 0.73 -2.60 -38.85
CA GLU B 107 0.54 -3.26 -37.55
C GLU B 107 1.23 -4.62 -37.66
N ARG B 108 1.26 -5.14 -38.88
CA ARG B 108 1.89 -6.42 -39.16
C ARG B 108 3.40 -6.27 -39.01
N GLU B 109 3.94 -5.19 -39.58
CA GLU B 109 5.38 -4.93 -39.53
C GLU B 109 5.84 -4.83 -38.09
N LEU B 110 4.98 -4.33 -37.23
CA LEU B 110 5.26 -4.16 -35.81
C LEU B 110 5.51 -5.52 -35.13
N LEU B 111 4.55 -6.42 -35.27
CA LEU B 111 4.66 -7.76 -34.70
C LEU B 111 5.75 -8.55 -35.40
N GLU B 112 5.99 -8.27 -36.67
CA GLU B 112 7.04 -8.98 -37.39
C GLU B 112 8.41 -8.50 -36.96
N ARG B 113 8.53 -7.22 -36.66
CA ARG B 113 9.81 -6.64 -36.26
C ARG B 113 9.75 -6.16 -34.82
N TYR B 114 9.07 -6.95 -34.00
CA TYR B 114 8.90 -6.64 -32.61
C TYR B 114 10.24 -6.64 -31.89
N THR B 115 11.22 -7.35 -32.44
CA THR B 115 12.54 -7.40 -31.80
C THR B 115 13.10 -6.00 -31.59
N HIS B 116 12.68 -5.05 -32.41
CA HIS B 116 13.14 -3.68 -32.29
C HIS B 116 12.61 -3.07 -30.99
N VAL B 117 11.32 -3.28 -30.74
CA VAL B 117 10.68 -2.76 -29.54
C VAL B 117 11.28 -3.40 -28.30
N THR B 118 11.32 -4.73 -28.30
CA THR B 118 11.84 -5.50 -27.18
C THR B 118 13.28 -5.09 -26.86
N ARG B 119 14.05 -4.89 -27.91
CA ARG B 119 15.45 -4.49 -27.79
C ARG B 119 15.55 -3.08 -27.21
N ALA B 120 14.75 -2.16 -27.75
CA ALA B 120 14.73 -0.78 -27.27
C ALA B 120 14.25 -0.80 -25.82
N TYR B 121 13.26 -1.63 -25.54
CA TYR B 121 12.70 -1.78 -24.20
C TYR B 121 13.77 -2.18 -23.18
N SER B 122 14.66 -3.09 -23.57
CA SER B 122 15.69 -3.59 -22.67
C SER B 122 16.63 -2.51 -22.19
N ARG B 123 16.67 -1.39 -22.92
CA ARG B 123 17.56 -0.31 -22.55
C ARG B 123 16.84 0.87 -21.90
N LEU B 124 15.62 0.66 -21.46
CA LEU B 124 14.86 1.76 -20.85
C LEU B 124 15.26 2.21 -19.46
N GLY B 125 15.31 1.27 -18.53
CA GLY B 125 15.64 1.62 -17.15
C GLY B 125 14.65 0.80 -16.34
N LYS B 126 15.17 0.04 -15.39
CA LYS B 126 14.34 -0.83 -14.56
C LYS B 126 12.95 -0.27 -14.24
N ALA B 127 12.93 0.91 -13.64
CA ALA B 127 11.68 1.56 -13.27
C ALA B 127 10.64 1.63 -14.39
N TYR B 128 11.07 2.01 -15.61
CA TYR B 128 10.15 2.10 -16.75
C TYR B 128 9.70 0.73 -17.24
N GLN B 129 10.65 -0.20 -17.32
CA GLN B 129 10.36 -1.55 -17.77
C GLN B 129 9.23 -2.20 -16.95
N ASP B 130 9.29 -2.07 -15.63
CA ASP B 130 8.28 -2.68 -14.77
C ASP B 130 6.89 -2.08 -14.93
N VAL B 131 6.82 -0.77 -15.11
CA VAL B 131 5.52 -0.12 -15.28
C VAL B 131 4.89 -0.73 -16.51
N ILE B 132 5.62 -0.63 -17.62
CA ILE B 132 5.16 -1.13 -18.90
C ILE B 132 4.81 -2.63 -18.80
N SER B 133 5.70 -3.40 -18.20
CA SER B 133 5.48 -4.84 -18.02
C SER B 133 4.19 -5.12 -17.23
N GLY B 134 4.04 -4.44 -16.09
CA GLY B 134 2.87 -4.65 -15.26
C GLY B 134 1.54 -4.27 -15.90
N ILE B 135 1.51 -3.09 -16.50
CA ILE B 135 0.29 -2.60 -17.15
C ILE B 135 -0.08 -3.49 -18.32
N CYS B 136 0.91 -3.92 -19.09
CA CYS B 136 0.64 -4.79 -20.23
C CYS B 136 -0.10 -6.04 -19.74
N GLU B 137 0.48 -6.72 -18.76
CA GLU B 137 -0.09 -7.92 -18.20
C GLU B 137 -1.50 -7.69 -17.65
N ARG B 138 -1.68 -6.61 -16.91
CA ARG B 138 -2.98 -6.31 -16.35
C ARG B 138 -4.01 -6.05 -17.43
N MET B 139 -3.60 -5.36 -18.50
CA MET B 139 -4.51 -5.08 -19.60
C MET B 139 -4.85 -6.40 -20.29
N ALA B 140 -3.81 -7.21 -20.49
CA ALA B 140 -3.98 -8.51 -21.13
C ALA B 140 -5.04 -9.34 -20.40
N ASN B 141 -4.89 -9.48 -19.07
CA ASN B 141 -5.86 -10.25 -18.31
C ASN B 141 -7.24 -9.66 -18.37
N GLY B 142 -7.32 -8.33 -18.39
CA GLY B 142 -8.62 -7.69 -18.47
C GLY B 142 -9.28 -7.98 -19.80
N MET B 143 -8.49 -8.03 -20.86
CA MET B 143 -9.05 -8.30 -22.18
C MET B 143 -9.61 -9.71 -22.22
N CYS B 144 -8.93 -10.65 -21.57
CA CYS B 144 -9.37 -12.04 -21.55
C CYS B 144 -10.72 -12.17 -20.86
N ASP B 145 -10.92 -11.36 -19.83
CA ASP B 145 -12.19 -11.35 -19.10
C ASP B 145 -13.30 -11.05 -20.11
N PHE B 146 -13.06 -10.08 -20.99
CA PHE B 146 -14.07 -9.71 -21.97
C PHE B 146 -14.05 -10.40 -23.33
N LEU B 147 -13.30 -11.49 -23.44
CA LEU B 147 -13.27 -12.25 -24.68
C LEU B 147 -14.29 -13.38 -24.51
N THR B 148 -14.63 -13.66 -23.25
CA THR B 148 -15.59 -14.71 -22.93
C THR B 148 -17.00 -14.16 -22.70
N ARG B 149 -17.12 -12.86 -22.45
CA ARG B 149 -18.44 -12.26 -22.24
C ARG B 149 -18.58 -10.93 -22.97
N LYS B 150 -19.54 -10.12 -22.54
CA LYS B 150 -19.77 -8.83 -23.16
C LYS B 150 -20.21 -7.76 -22.18
N VAL B 151 -20.22 -6.50 -22.64
CA VAL B 151 -20.60 -5.39 -21.77
C VAL B 151 -22.11 -5.23 -21.75
N GLU B 152 -22.72 -5.50 -20.60
CA GLU B 152 -24.16 -5.39 -20.47
C GLU B 152 -24.54 -4.29 -19.49
N THR B 153 -23.78 -4.20 -18.42
CA THR B 153 -24.07 -3.22 -17.37
C THR B 153 -23.15 -2.00 -17.39
N LYS B 154 -23.58 -0.96 -16.70
CA LYS B 154 -22.80 0.26 -16.58
C LYS B 154 -21.47 -0.07 -15.90
N ALA B 155 -21.50 -0.99 -14.94
CA ALA B 155 -20.30 -1.39 -14.23
C ALA B 155 -19.35 -2.12 -15.20
N ASP B 156 -19.92 -2.95 -16.07
CA ASP B 156 -19.15 -3.69 -17.05
C ASP B 156 -18.43 -2.69 -17.96
N TYR B 157 -19.20 -1.69 -18.40
CA TYR B 157 -18.72 -0.65 -19.28
C TYR B 157 -17.48 0.05 -18.67
N ASP B 158 -17.61 0.43 -17.40
CA ASP B 158 -16.53 1.09 -16.67
C ASP B 158 -15.32 0.19 -16.50
N LEU B 159 -15.58 -1.08 -16.21
CA LEU B 159 -14.50 -2.04 -16.01
C LEU B 159 -13.79 -2.24 -17.33
N TYR B 160 -14.56 -2.34 -18.40
CA TYR B 160 -13.99 -2.53 -19.71
C TYR B 160 -13.13 -1.29 -20.01
N CYS B 161 -13.71 -0.11 -19.83
CA CYS B 161 -12.96 1.13 -20.08
C CYS B 161 -11.68 1.17 -19.25
N HIS B 162 -11.78 0.72 -18.01
CA HIS B 162 -10.63 0.70 -17.12
C HIS B 162 -9.51 -0.17 -17.72
N TYR B 163 -9.89 -1.34 -18.21
CA TYR B 163 -8.93 -2.29 -18.77
C TYR B 163 -8.17 -1.80 -19.99
N VAL B 164 -8.88 -1.12 -20.90
CA VAL B 164 -8.28 -0.64 -22.14
C VAL B 164 -7.76 0.80 -22.14
N ALA B 165 -8.30 1.67 -21.29
CA ALA B 165 -7.85 3.07 -21.23
C ALA B 165 -7.44 3.50 -19.84
N GLY B 166 -8.31 3.23 -18.86
CA GLY B 166 -8.03 3.58 -17.49
C GLY B 166 -6.63 3.16 -17.08
N LEU B 167 -6.26 1.91 -17.39
CA LEU B 167 -4.94 1.40 -17.05
C LEU B 167 -3.83 2.18 -17.73
N VAL B 168 -4.07 2.69 -18.93
CA VAL B 168 -3.05 3.48 -19.61
C VAL B 168 -2.82 4.69 -18.73
N GLY B 169 -3.91 5.24 -18.20
CA GLY B 169 -3.82 6.38 -17.32
C GLY B 169 -2.95 6.01 -16.15
N HIS B 170 -3.18 4.83 -15.55
CA HIS B 170 -2.36 4.38 -14.42
C HIS B 170 -0.91 4.27 -14.84
N GLY B 171 -0.69 3.66 -16.00
CA GLY B 171 0.66 3.47 -16.53
C GLY B 171 1.39 4.78 -16.80
N LEU B 172 0.72 5.74 -17.41
CA LEU B 172 1.35 7.01 -17.71
C LEU B 172 1.75 7.76 -16.45
N THR B 173 0.90 7.70 -15.44
CA THR B 173 1.14 8.38 -14.17
C THR B 173 2.36 7.83 -13.47
N LEU B 174 2.50 6.51 -13.50
CA LEU B 174 3.62 5.84 -12.89
C LEU B 174 4.88 6.28 -13.61
N LEU B 175 4.83 6.30 -14.95
CA LEU B 175 5.98 6.72 -15.74
C LEU B 175 6.38 8.17 -15.44
N TYR B 176 5.40 9.02 -15.14
CA TYR B 176 5.72 10.40 -14.84
C TYR B 176 6.53 10.42 -13.56
N VAL B 177 6.00 9.74 -12.55
CA VAL B 177 6.66 9.67 -11.25
C VAL B 177 8.07 9.09 -11.32
N SER B 178 8.15 7.92 -11.94
CA SER B 178 9.41 7.21 -12.11
C SER B 178 10.47 8.04 -12.84
N SER B 179 10.04 9.05 -13.58
CA SER B 179 10.95 9.91 -14.31
C SER B 179 11.46 11.01 -13.40
N GLY B 180 10.69 11.32 -12.36
CA GLY B 180 11.06 12.36 -11.43
C GLY B 180 10.48 13.72 -11.80
N LEU B 181 9.85 13.79 -12.97
CA LEU B 181 9.24 15.03 -13.45
C LEU B 181 8.02 15.45 -12.61
N GLU B 182 7.34 14.48 -12.03
CA GLU B 182 6.20 14.76 -11.16
C GLU B 182 6.46 14.22 -9.76
N ASP B 183 5.81 14.82 -8.77
CA ASP B 183 5.97 14.39 -7.39
C ASP B 183 5.53 12.93 -7.20
N VAL B 184 6.29 12.18 -6.40
CA VAL B 184 5.98 10.77 -6.14
C VAL B 184 4.58 10.59 -5.57
N ARG B 185 4.02 11.62 -4.95
CA ARG B 185 2.69 11.54 -4.35
C ARG B 185 1.62 11.34 -5.42
N LEU B 186 1.95 11.73 -6.65
CA LEU B 186 1.02 11.64 -7.76
C LEU B 186 0.42 10.25 -7.93
N ALA B 187 1.20 9.23 -7.62
CA ALA B 187 0.73 7.86 -7.76
C ALA B 187 0.08 7.24 -6.53
N ASP B 188 -0.14 8.02 -5.47
CA ASP B 188 -0.75 7.45 -4.26
C ASP B 188 -2.19 6.96 -4.46
N ASP B 189 -2.95 7.64 -5.32
CA ASP B 189 -4.31 7.23 -5.62
C ASP B 189 -4.49 7.40 -7.12
N LEU B 190 -4.60 6.28 -7.82
CA LEU B 190 -4.73 6.35 -9.27
C LEU B 190 -6.18 6.47 -9.76
N THR B 191 -7.07 6.89 -8.86
CA THR B 191 -8.47 7.05 -9.24
C THR B 191 -8.65 8.07 -10.36
N ASN B 192 -8.14 9.27 -10.17
CA ASN B 192 -8.29 10.29 -11.19
C ASN B 192 -7.56 9.92 -12.48
N ALA B 193 -6.47 9.16 -12.37
CA ALA B 193 -5.73 8.73 -13.57
C ALA B 193 -6.66 7.84 -14.37
N ASN B 194 -7.50 7.11 -13.65
CA ASN B 194 -8.45 6.21 -14.26
C ASN B 194 -9.52 7.02 -15.00
N HIS B 195 -10.03 8.06 -14.35
CA HIS B 195 -11.06 8.92 -14.95
C HIS B 195 -10.52 9.53 -16.24
N MET B 196 -9.26 9.95 -16.21
CA MET B 196 -8.61 10.56 -17.39
C MET B 196 -8.74 9.58 -18.55
N GLY B 197 -8.35 8.35 -18.31
CA GLY B 197 -8.45 7.33 -19.35
C GLY B 197 -9.89 7.10 -19.74
N LEU B 198 -10.78 7.01 -18.75
CA LEU B 198 -12.17 6.78 -19.06
C LEU B 198 -12.85 7.90 -19.83
N PHE B 199 -12.44 9.14 -19.63
CA PHE B 199 -13.07 10.22 -20.35
C PHE B 199 -12.76 10.10 -21.83
N LEU B 200 -11.51 9.79 -22.12
CA LEU B 200 -11.06 9.64 -23.51
C LEU B 200 -11.72 8.47 -24.21
N GLN B 201 -11.73 7.30 -23.57
CA GLN B 201 -12.33 6.11 -24.18
C GLN B 201 -13.82 6.29 -24.45
N LYS B 202 -14.53 6.88 -23.49
CA LYS B 202 -15.97 7.06 -23.66
C LYS B 202 -16.30 8.06 -24.75
N THR B 203 -15.60 9.18 -24.76
CA THR B 203 -15.87 10.20 -25.76
C THR B 203 -15.67 9.55 -27.13
N ASN B 204 -14.61 8.78 -27.22
CA ASN B 204 -14.26 8.08 -28.44
C ASN B 204 -15.31 7.04 -28.88
N ILE B 205 -15.78 6.24 -27.92
CA ILE B 205 -16.76 5.19 -28.19
C ILE B 205 -18.08 5.80 -28.63
N ILE B 206 -18.32 7.02 -28.19
CA ILE B 206 -19.53 7.73 -28.56
C ILE B 206 -19.38 8.23 -29.99
N ARG B 207 -18.43 9.15 -30.19
CA ARG B 207 -18.19 9.71 -31.51
C ARG B 207 -18.14 8.67 -32.64
N ASP B 208 -17.55 7.51 -32.38
CA ASP B 208 -17.43 6.49 -33.42
C ASP B 208 -18.55 5.44 -33.48
N PHE B 209 -19.73 5.75 -32.95
CA PHE B 209 -20.84 4.80 -32.97
C PHE B 209 -21.12 4.19 -34.33
N TYR B 210 -21.40 5.04 -35.32
CA TYR B 210 -21.69 4.59 -36.67
C TYR B 210 -20.56 3.77 -37.30
N GLU B 211 -19.40 4.38 -37.44
CA GLU B 211 -18.25 3.69 -38.01
C GLU B 211 -18.10 2.31 -37.38
N ASP B 212 -18.27 2.26 -36.06
CA ASP B 212 -18.15 1.00 -35.33
C ASP B 212 -19.22 -0.01 -35.73
N ILE B 213 -20.49 0.41 -35.69
CA ILE B 213 -21.57 -0.50 -36.04
C ILE B 213 -21.61 -0.87 -37.51
N CYS B 214 -21.10 0.02 -38.37
CA CYS B 214 -21.08 -0.24 -39.81
C CYS B 214 -19.97 -1.19 -40.26
N GLU B 215 -19.56 -2.14 -39.41
CA GLU B 215 -18.52 -3.09 -39.78
C GLU B 215 -19.00 -4.54 -39.79
N VAL B 216 -18.14 -5.41 -40.31
CA VAL B 216 -18.46 -6.84 -40.40
C VAL B 216 -17.38 -7.65 -39.69
N PRO B 217 -17.65 -8.12 -38.46
CA PRO B 217 -18.88 -7.94 -37.69
C PRO B 217 -19.07 -6.49 -37.21
N PRO B 218 -20.29 -6.15 -36.80
CA PRO B 218 -20.57 -4.79 -36.31
C PRO B 218 -19.94 -4.58 -34.93
N ARG B 219 -19.26 -3.45 -34.74
CA ARG B 219 -18.64 -3.14 -33.45
C ARG B 219 -19.59 -2.44 -32.50
N VAL B 220 -19.85 -3.06 -31.36
CA VAL B 220 -20.76 -2.48 -30.38
C VAL B 220 -20.11 -2.29 -29.01
N PHE B 221 -20.12 -1.05 -28.54
CA PHE B 221 -19.53 -0.73 -27.23
C PHE B 221 -20.56 -0.17 -26.24
N TRP B 222 -21.59 0.50 -26.77
CA TRP B 222 -22.64 1.08 -25.92
C TRP B 222 -23.27 -0.05 -25.09
N PRO B 223 -23.22 0.09 -23.76
CA PRO B 223 -23.77 -0.90 -22.82
C PRO B 223 -25.29 -1.04 -22.86
N ARG B 224 -25.75 -2.29 -22.85
CA ARG B 224 -27.17 -2.61 -22.88
C ARG B 224 -27.93 -1.86 -21.79
N GLU B 225 -27.37 -1.81 -20.59
CA GLU B 225 -28.06 -1.12 -19.49
C GLU B 225 -28.52 0.27 -19.85
N ILE B 226 -27.81 0.92 -20.76
CA ILE B 226 -28.19 2.27 -21.17
C ILE B 226 -29.11 2.32 -22.38
N TRP B 227 -28.75 1.60 -23.44
CA TRP B 227 -29.55 1.66 -24.66
C TRP B 227 -30.87 0.88 -24.66
N GLU B 228 -31.00 -0.12 -23.80
CA GLU B 228 -32.26 -0.88 -23.77
C GLU B 228 -33.39 0.02 -23.27
N LYS B 229 -33.05 1.13 -22.65
CA LYS B 229 -34.05 2.07 -22.15
C LYS B 229 -34.51 2.92 -23.33
N TYR B 230 -33.92 2.69 -24.49
CA TYR B 230 -34.26 3.49 -25.65
C TYR B 230 -34.58 2.68 -26.88
N THR B 231 -34.28 1.39 -26.84
CA THR B 231 -34.55 0.51 -27.97
C THR B 231 -34.27 -0.94 -27.65
N ASP B 232 -34.74 -1.83 -28.52
CA ASP B 232 -34.56 -3.26 -28.35
C ASP B 232 -33.47 -3.77 -29.29
N ASP B 233 -33.20 -2.96 -30.32
CA ASP B 233 -32.17 -3.28 -31.30
C ASP B 233 -31.38 -1.99 -31.51
N LEU B 234 -30.06 -2.08 -31.35
CA LEU B 234 -29.19 -0.91 -31.49
C LEU B 234 -29.07 -0.39 -32.92
N HIS B 235 -29.12 -1.28 -33.90
CA HIS B 235 -29.00 -0.86 -35.30
C HIS B 235 -30.13 0.10 -35.63
N ALA B 236 -31.24 -0.04 -34.93
CA ALA B 236 -32.40 0.79 -35.14
C ALA B 236 -32.02 2.25 -35.29
N PHE B 237 -30.94 2.66 -34.65
CA PHE B 237 -30.53 4.05 -34.70
C PHE B 237 -29.94 4.56 -36.01
N LYS B 238 -29.81 3.68 -37.00
CA LYS B 238 -29.28 4.10 -38.28
C LYS B 238 -30.40 4.77 -39.09
N ASP B 239 -31.63 4.38 -38.81
CA ASP B 239 -32.80 4.91 -39.49
C ASP B 239 -33.28 6.24 -38.91
N GLU B 240 -33.42 7.27 -39.75
CA GLU B 240 -33.87 8.57 -39.26
C GLU B 240 -35.27 8.41 -38.67
N LEU B 241 -35.75 7.18 -38.71
CA LEU B 241 -37.06 6.81 -38.19
C LEU B 241 -36.98 6.80 -36.66
N HIS B 242 -36.14 5.91 -36.13
CA HIS B 242 -35.95 5.79 -34.69
C HIS B 242 -35.04 6.89 -34.16
N GLU B 243 -34.69 7.82 -35.04
CA GLU B 243 -33.83 8.96 -34.72
C GLU B 243 -34.09 9.56 -33.33
N ALA B 244 -35.34 9.95 -33.08
CA ALA B 244 -35.74 10.57 -31.81
C ALA B 244 -35.12 9.88 -30.60
N LYS B 245 -35.21 8.55 -30.57
CA LYS B 245 -34.67 7.78 -29.47
C LYS B 245 -33.15 7.67 -29.54
N ALA B 246 -32.60 7.72 -30.74
CA ALA B 246 -31.17 7.62 -30.95
C ALA B 246 -30.43 8.74 -30.24
N VAL B 247 -30.98 9.95 -30.34
CA VAL B 247 -30.38 11.11 -29.72
C VAL B 247 -30.61 11.11 -28.21
N GLU B 248 -31.82 10.74 -27.79
CA GLU B 248 -32.15 10.71 -26.38
C GLU B 248 -31.17 9.77 -25.67
N CYS B 249 -30.78 8.72 -26.38
CA CYS B 249 -29.85 7.72 -25.86
C CYS B 249 -28.41 8.24 -25.98
N LEU B 250 -28.16 9.00 -27.04
CA LEU B 250 -26.85 9.57 -27.25
C LEU B 250 -26.56 10.44 -26.06
N ASN B 251 -27.51 11.32 -25.74
CA ASN B 251 -27.37 12.21 -24.62
C ASN B 251 -27.08 11.51 -23.32
N ALA B 252 -27.68 10.33 -23.13
CA ALA B 252 -27.45 9.57 -21.90
C ALA B 252 -25.99 9.15 -21.85
N MET B 253 -25.44 8.75 -23.00
CA MET B 253 -24.06 8.30 -23.09
C MET B 253 -23.10 9.45 -22.75
N VAL B 254 -23.45 10.66 -23.19
CA VAL B 254 -22.62 11.82 -22.92
C VAL B 254 -22.67 12.18 -21.44
N ALA B 255 -23.86 12.03 -20.85
CA ALA B 255 -24.03 12.33 -19.44
C ALA B 255 -23.10 11.41 -18.65
N ASP B 256 -23.11 10.13 -19.02
CA ASP B 256 -22.26 9.15 -18.36
C ASP B 256 -20.79 9.53 -18.56
N ALA B 257 -20.48 10.21 -19.66
CA ALA B 257 -19.10 10.60 -19.93
C ALA B 257 -18.69 11.86 -19.15
N LEU B 258 -19.63 12.78 -19.01
CA LEU B 258 -19.34 14.01 -18.29
C LEU B 258 -18.99 13.78 -16.83
N VAL B 259 -19.35 12.62 -16.32
CA VAL B 259 -19.09 12.24 -14.93
C VAL B 259 -17.62 12.39 -14.57
N HIS B 260 -16.76 12.17 -15.55
CA HIS B 260 -15.31 12.23 -15.33
C HIS B 260 -14.60 13.57 -15.39
N VAL B 261 -15.24 14.57 -16.00
CA VAL B 261 -14.63 15.90 -16.15
C VAL B 261 -14.06 16.54 -14.89
N PRO B 262 -14.85 16.58 -13.80
CA PRO B 262 -14.36 17.18 -12.55
C PRO B 262 -13.06 16.49 -12.08
N HIS B 263 -12.97 15.19 -12.33
CA HIS B 263 -11.81 14.40 -11.93
C HIS B 263 -10.67 14.63 -12.89
N VAL B 264 -11.01 14.92 -14.14
CA VAL B 264 -9.98 15.18 -15.13
C VAL B 264 -9.29 16.49 -14.79
N VAL B 265 -10.07 17.50 -14.38
CA VAL B 265 -9.46 18.78 -14.05
C VAL B 265 -8.63 18.66 -12.78
N GLU B 266 -9.07 17.82 -11.84
CA GLU B 266 -8.30 17.61 -10.63
C GLU B 266 -6.92 17.05 -11.01
N TYR B 267 -6.92 16.05 -11.90
CA TYR B 267 -5.67 15.44 -12.35
C TYR B 267 -4.76 16.50 -12.98
N LEU B 268 -5.23 17.14 -14.04
CA LEU B 268 -4.45 18.17 -14.71
C LEU B 268 -3.94 19.26 -13.78
N ALA B 269 -4.73 19.63 -12.78
CA ALA B 269 -4.35 20.67 -11.82
C ALA B 269 -3.20 20.25 -10.91
N SER B 270 -3.00 18.95 -10.80
CA SER B 270 -1.97 18.44 -9.92
C SER B 270 -0.62 18.19 -10.59
N LEU B 271 -0.52 18.50 -11.88
CA LEU B 271 0.74 18.28 -12.58
C LEU B 271 1.63 19.52 -12.48
N ARG B 272 2.94 19.32 -12.32
CA ARG B 272 3.88 20.44 -12.20
C ARG B 272 4.76 20.68 -13.43
N ASP B 273 5.17 19.60 -14.10
CA ASP B 273 6.03 19.66 -15.29
C ASP B 273 5.30 20.13 -16.57
N PRO B 274 5.88 21.11 -17.29
CA PRO B 274 5.26 21.62 -18.52
C PRO B 274 5.07 20.60 -19.64
N SER B 275 6.08 19.77 -19.89
CA SER B 275 5.96 18.75 -20.94
C SER B 275 4.87 17.76 -20.59
N VAL B 276 4.99 17.15 -19.42
CA VAL B 276 4.02 16.18 -18.95
C VAL B 276 2.63 16.82 -18.98
N PHE B 277 2.56 18.08 -18.58
CA PHE B 277 1.27 18.73 -18.60
C PHE B 277 0.68 18.80 -20.00
N ALA B 278 1.43 19.35 -20.95
CA ALA B 278 0.92 19.48 -22.33
C ALA B 278 0.51 18.11 -22.85
N PHE B 279 1.37 17.13 -22.65
CA PHE B 279 1.10 15.77 -23.09
C PHE B 279 -0.21 15.25 -22.49
N SER B 280 -0.48 15.58 -21.23
CA SER B 280 -1.68 15.08 -20.58
C SER B 280 -2.95 15.85 -20.91
N ALA B 281 -2.81 17.17 -21.08
CA ALA B 281 -3.92 18.07 -21.33
C ALA B 281 -4.54 18.10 -22.73
N ILE B 282 -3.68 18.09 -23.75
CA ILE B 282 -4.15 18.18 -25.13
C ILE B 282 -5.23 17.16 -25.45
N PRO B 283 -4.99 15.88 -25.13
CA PRO B 283 -6.02 14.90 -25.45
C PRO B 283 -7.32 15.14 -24.68
N GLN B 284 -7.22 15.57 -23.43
CA GLN B 284 -8.43 15.83 -22.64
C GLN B 284 -9.26 16.97 -23.23
N VAL B 285 -8.58 18.03 -23.65
CA VAL B 285 -9.26 19.17 -24.26
C VAL B 285 -9.88 18.77 -25.60
N MET B 286 -9.16 17.97 -26.39
CA MET B 286 -9.70 17.49 -27.67
C MET B 286 -11.02 16.71 -27.40
N ALA B 287 -10.98 15.84 -26.39
CA ALA B 287 -12.14 15.04 -26.02
C ALA B 287 -13.34 15.90 -25.62
N MET B 288 -13.11 16.94 -24.82
CA MET B 288 -14.19 17.82 -24.38
C MET B 288 -14.79 18.66 -25.51
N ALA B 289 -13.96 19.04 -26.47
CA ALA B 289 -14.43 19.82 -27.61
C ALA B 289 -15.27 18.89 -28.49
N THR B 290 -14.75 17.68 -28.69
CA THR B 290 -15.45 16.69 -29.49
C THR B 290 -16.77 16.34 -28.80
N LEU B 291 -16.70 16.12 -27.49
CA LEU B 291 -17.88 15.77 -26.73
C LEU B 291 -18.97 16.83 -26.85
N SER B 292 -18.57 18.10 -26.73
CA SER B 292 -19.50 19.22 -26.82
C SER B 292 -20.07 19.34 -28.23
N LEU B 293 -19.50 18.63 -29.18
CA LEU B 293 -19.96 18.70 -30.55
C LEU B 293 -20.85 17.51 -30.91
N VAL B 294 -20.59 16.35 -30.31
CA VAL B 294 -21.37 15.16 -30.58
C VAL B 294 -22.66 15.13 -29.76
N PHE B 295 -22.65 15.90 -28.68
CA PHE B 295 -23.80 15.98 -27.79
C PHE B 295 -25.04 16.47 -28.51
N ASN B 296 -26.16 15.79 -28.26
CA ASN B 296 -27.44 16.15 -28.85
C ASN B 296 -27.34 16.47 -30.35
N ASN B 297 -26.75 15.54 -31.11
CA ASN B 297 -26.58 15.74 -32.54
C ASN B 297 -26.85 14.45 -33.30
N LYS B 298 -27.89 14.49 -34.13
CA LYS B 298 -28.29 13.32 -34.91
C LYS B 298 -27.24 12.79 -35.88
N ASP B 299 -26.33 13.67 -36.31
CA ASP B 299 -25.28 13.30 -37.26
C ASP B 299 -24.38 12.18 -36.77
N VAL B 300 -24.23 12.09 -35.44
CA VAL B 300 -23.41 11.05 -34.83
C VAL B 300 -23.80 9.70 -35.39
N PHE B 301 -25.04 9.60 -35.87
CA PHE B 301 -25.54 8.35 -36.40
C PHE B 301 -25.27 8.01 -37.86
N HIS B 302 -24.81 8.98 -38.64
CA HIS B 302 -24.52 8.67 -40.04
C HIS B 302 -23.23 9.32 -40.55
N THR B 303 -22.48 9.94 -39.65
CA THR B 303 -21.22 10.57 -40.01
C THR B 303 -20.29 10.72 -38.80
N LYS B 304 -18.99 10.76 -39.06
CA LYS B 304 -18.01 10.92 -38.01
C LYS B 304 -17.80 12.40 -37.72
N VAL B 305 -18.37 12.85 -36.61
CA VAL B 305 -18.25 14.25 -36.22
C VAL B 305 -16.83 14.58 -35.77
N LYS B 306 -16.34 15.71 -36.25
CA LYS B 306 -15.00 16.15 -35.91
C LYS B 306 -14.96 17.63 -35.61
N THR B 307 -13.84 18.06 -35.06
CA THR B 307 -13.62 19.45 -34.74
C THR B 307 -12.90 19.98 -35.97
N THR B 308 -12.96 21.29 -36.20
CA THR B 308 -12.28 21.86 -37.36
C THR B 308 -10.78 21.84 -37.11
N ARG B 309 -9.99 21.76 -38.18
CA ARG B 309 -8.54 21.72 -38.02
C ARG B 309 -8.05 22.95 -37.27
N GLY B 310 -8.74 24.06 -37.46
CA GLY B 310 -8.34 25.29 -36.78
C GLY B 310 -8.55 25.20 -35.29
N ALA B 311 -9.63 24.54 -34.89
CA ALA B 311 -9.94 24.38 -33.47
C ALA B 311 -8.88 23.48 -32.83
N THR B 312 -8.60 22.36 -33.47
CA THR B 312 -7.61 21.44 -32.94
C THR B 312 -6.21 22.03 -32.91
N ALA B 313 -5.90 22.95 -33.81
CA ALA B 313 -4.58 23.57 -33.81
C ALA B 313 -4.49 24.58 -32.65
N ARG B 314 -5.64 25.16 -32.31
CA ARG B 314 -5.69 26.11 -31.22
C ARG B 314 -5.49 25.39 -29.88
N ILE B 315 -6.07 24.20 -29.79
CA ILE B 315 -5.97 23.41 -28.57
C ILE B 315 -4.53 22.98 -28.34
N PHE B 316 -3.88 22.49 -29.40
CA PHE B 316 -2.48 22.07 -29.29
C PHE B 316 -1.59 23.21 -28.82
N HIS B 317 -1.86 24.42 -29.29
CA HIS B 317 -1.02 25.56 -28.92
C HIS B 317 -1.22 26.11 -27.52
N TYR B 318 -2.46 26.23 -27.09
CA TYR B 318 -2.72 26.79 -25.78
C TYR B 318 -2.73 25.85 -24.59
N SER B 319 -2.87 24.55 -24.82
CA SER B 319 -2.91 23.60 -23.71
C SER B 319 -1.52 23.36 -23.14
N THR B 320 -0.83 24.44 -22.80
CA THR B 320 0.52 24.37 -22.26
C THR B 320 0.58 24.64 -20.76
N GLU B 321 -0.50 25.21 -20.22
CA GLU B 321 -0.53 25.48 -18.79
C GLU B 321 -1.96 25.47 -18.26
N LEU B 322 -2.10 25.20 -16.98
CA LEU B 322 -3.40 25.09 -16.34
C LEU B 322 -4.46 26.14 -16.64
N GLN B 323 -4.22 27.39 -16.26
CA GLN B 323 -5.20 28.45 -16.50
C GLN B 323 -5.79 28.48 -17.92
N ALA B 324 -4.94 28.45 -18.92
CA ALA B 324 -5.43 28.48 -20.30
C ALA B 324 -6.24 27.22 -20.68
N THR B 325 -5.78 26.03 -20.27
CA THR B 325 -6.53 24.85 -20.63
C THR B 325 -7.86 24.77 -19.87
N LEU B 326 -7.91 25.36 -18.67
CA LEU B 326 -9.15 25.36 -17.90
C LEU B 326 -10.12 26.26 -18.62
N GLN B 327 -9.63 27.43 -19.06
CA GLN B 327 -10.46 28.38 -19.80
C GLN B 327 -11.10 27.70 -21.01
N MET B 328 -10.31 26.92 -21.75
CA MET B 328 -10.84 26.22 -22.91
C MET B 328 -11.83 25.12 -22.52
N LEU B 329 -11.56 24.39 -21.43
CA LEU B 329 -12.48 23.35 -21.01
C LEU B 329 -13.83 23.99 -20.65
N LYS B 330 -13.74 25.12 -19.95
CA LYS B 330 -14.91 25.86 -19.54
C LYS B 330 -15.73 26.18 -20.77
N THR B 331 -15.06 26.77 -21.76
CA THR B 331 -15.71 27.15 -23.01
C THR B 331 -16.45 26.01 -23.66
N TYR B 332 -15.80 24.87 -23.78
CA TYR B 332 -16.46 23.75 -24.41
C TYR B 332 -17.59 23.12 -23.59
N THR B 333 -17.54 23.21 -22.27
CA THR B 333 -18.63 22.63 -21.49
C THR B 333 -19.87 23.50 -21.66
N LEU B 334 -19.71 24.82 -21.50
CA LEU B 334 -20.82 25.76 -21.67
C LEU B 334 -21.40 25.66 -23.09
N ARG B 335 -20.53 25.44 -24.10
CA ARG B 335 -21.02 25.30 -25.46
C ARG B 335 -21.87 24.03 -25.56
N LEU B 336 -21.46 23.00 -24.83
CA LEU B 336 -22.20 21.73 -24.80
C LEU B 336 -23.56 21.99 -24.19
N ALA B 337 -23.54 22.61 -23.01
CA ALA B 337 -24.76 22.93 -22.30
C ALA B 337 -25.76 23.62 -23.22
N ALA B 338 -25.30 24.70 -23.87
CA ALA B 338 -26.16 25.47 -24.76
C ALA B 338 -26.46 24.78 -26.10
N ARG B 339 -26.96 23.55 -26.04
CA ARG B 339 -27.31 22.81 -27.24
C ARG B 339 -28.54 21.99 -26.92
N MET B 340 -29.06 22.23 -25.72
CA MET B 340 -30.23 21.53 -25.23
C MET B 340 -31.27 22.56 -24.80
N ASN B 341 -32.54 22.17 -24.84
CA ASN B 341 -33.62 23.05 -24.44
C ASN B 341 -34.29 22.42 -23.23
N ALA B 342 -34.98 23.24 -22.44
CA ALA B 342 -35.65 22.76 -21.23
C ALA B 342 -36.57 21.56 -21.48
N GLN B 343 -37.00 21.40 -22.74
CA GLN B 343 -37.89 20.29 -23.07
C GLN B 343 -37.14 18.99 -23.36
N ASP B 344 -35.82 19.00 -23.28
CA ASP B 344 -35.05 17.78 -23.52
C ASP B 344 -35.11 16.83 -22.33
N ALA B 345 -35.17 15.54 -22.63
CA ALA B 345 -35.24 14.52 -21.61
C ALA B 345 -34.05 14.55 -20.65
N CYS B 346 -32.89 14.94 -21.17
CA CYS B 346 -31.67 14.96 -20.38
C CYS B 346 -31.31 16.30 -19.74
N TYR B 347 -32.14 17.31 -19.96
CA TYR B 347 -31.87 18.65 -19.43
C TYR B 347 -31.33 18.74 -17.99
N ASP B 348 -32.18 18.46 -17.00
CA ASP B 348 -31.75 18.55 -15.61
C ASP B 348 -30.47 17.81 -15.28
N ARG B 349 -30.34 16.58 -15.76
CA ARG B 349 -29.14 15.82 -15.46
C ARG B 349 -27.90 16.46 -16.10
N ILE B 350 -27.98 16.84 -17.37
CA ILE B 350 -26.82 17.44 -18.00
C ILE B 350 -26.47 18.75 -17.30
N GLU B 351 -27.48 19.54 -16.95
CA GLU B 351 -27.22 20.80 -16.28
C GLU B 351 -26.40 20.62 -15.01
N HIS B 352 -26.72 19.59 -14.24
CA HIS B 352 -25.97 19.34 -13.01
C HIS B 352 -24.55 18.89 -13.34
N LEU B 353 -24.43 17.91 -14.23
CA LEU B 353 -23.11 17.44 -14.61
C LEU B 353 -22.27 18.64 -15.03
N VAL B 354 -22.86 19.52 -15.84
CA VAL B 354 -22.15 20.70 -16.32
C VAL B 354 -21.68 21.60 -15.18
N ASN B 355 -22.56 21.83 -14.20
CA ASN B 355 -22.21 22.66 -13.05
C ASN B 355 -21.12 22.03 -12.22
N ASP B 356 -21.14 20.70 -12.09
CA ASP B 356 -20.11 20.01 -11.34
C ASP B 356 -18.77 20.28 -12.01
N ALA B 357 -18.76 20.19 -13.34
CA ALA B 357 -17.53 20.43 -14.09
C ALA B 357 -17.00 21.84 -13.87
N ILE B 358 -17.85 22.83 -14.07
CA ILE B 358 -17.46 24.22 -13.92
C ILE B 358 -17.02 24.60 -12.51
N ARG B 359 -17.71 24.11 -11.49
CA ARG B 359 -17.30 24.42 -10.13
C ARG B 359 -15.87 23.95 -9.99
N ALA B 360 -15.66 22.68 -10.35
CA ALA B 360 -14.34 22.04 -10.29
C ALA B 360 -13.26 22.91 -10.91
N MET B 361 -13.53 23.39 -12.12
CA MET B 361 -12.60 24.25 -12.83
C MET B 361 -12.27 25.51 -12.03
N GLU B 362 -13.30 26.24 -11.61
CA GLU B 362 -13.09 27.47 -10.82
C GLU B 362 -12.22 27.15 -9.63
N SER B 363 -12.45 26.00 -9.03
CA SER B 363 -11.67 25.57 -7.88
C SER B 363 -10.16 25.69 -8.09
N HIS B 364 -9.73 25.92 -9.32
CA HIS B 364 -8.29 26.03 -9.62
C HIS B 364 -7.94 27.30 -10.37
N GLN B 365 -8.87 28.26 -10.39
CA GLN B 365 -8.64 29.52 -11.07
C GLN B 365 -8.35 30.65 -10.09
N ASP C 25 33.80 -35.00 -17.31
CA ASP C 25 33.06 -35.98 -16.53
C ASP C 25 33.26 -35.77 -15.04
N GLU C 26 34.33 -35.07 -14.69
CA GLU C 26 34.62 -34.79 -13.29
C GLU C 26 33.80 -33.59 -12.84
N ASP C 27 33.46 -32.74 -13.80
CA ASP C 27 32.69 -31.54 -13.51
C ASP C 27 31.30 -31.87 -12.97
N LEU C 28 30.58 -32.76 -13.65
CA LEU C 28 29.25 -33.14 -13.22
C LEU C 28 29.29 -33.73 -11.82
N ARG C 29 30.28 -34.59 -11.57
CA ARG C 29 30.42 -35.22 -10.27
C ARG C 29 30.55 -34.17 -9.17
N PHE C 30 31.25 -33.09 -9.48
CA PHE C 30 31.44 -32.02 -8.50
C PHE C 30 30.09 -31.40 -8.14
N CYS C 31 29.26 -31.17 -9.15
CA CYS C 31 27.95 -30.57 -8.96
C CYS C 31 27.07 -31.41 -8.03
N TYR C 32 26.91 -32.68 -8.35
CA TYR C 32 26.09 -33.58 -7.54
C TYR C 32 26.61 -33.72 -6.11
N ASP C 33 27.90 -33.49 -5.93
CA ASP C 33 28.50 -33.60 -4.60
C ASP C 33 28.21 -32.37 -3.77
N ILE C 34 28.34 -31.20 -4.38
CA ILE C 34 28.07 -29.96 -3.68
C ILE C 34 26.55 -29.85 -3.50
N LEU C 35 25.80 -30.32 -4.49
CA LEU C 35 24.35 -30.32 -4.43
C LEU C 35 23.93 -31.11 -3.19
N GLN C 36 24.53 -32.29 -3.05
CA GLN C 36 24.28 -33.19 -1.93
C GLN C 36 24.60 -32.50 -0.61
N ALA C 37 25.68 -31.73 -0.61
CA ALA C 37 26.10 -31.04 0.59
C ALA C 37 25.18 -29.87 0.96
N VAL C 38 24.69 -29.15 -0.03
CA VAL C 38 23.85 -27.99 0.24
C VAL C 38 22.39 -28.31 0.59
N SER C 39 21.62 -28.71 -0.42
CA SER C 39 20.22 -29.03 -0.16
C SER C 39 20.07 -30.54 -0.12
N ARG C 40 20.64 -31.15 0.91
CA ARG C 40 20.59 -32.60 1.10
C ARG C 40 19.26 -33.24 0.72
N SER C 41 18.15 -32.63 1.16
CA SER C 41 16.84 -33.20 0.88
C SER C 41 16.55 -33.27 -0.63
N PHE C 42 16.59 -32.11 -1.29
CA PHE C 42 16.33 -32.04 -2.73
C PHE C 42 17.28 -32.98 -3.49
N ALA C 43 18.47 -33.14 -2.96
CA ALA C 43 19.50 -33.99 -3.55
C ALA C 43 19.00 -35.43 -3.75
N VAL C 44 17.95 -35.80 -3.03
CA VAL C 44 17.40 -37.13 -3.17
C VAL C 44 16.31 -37.15 -4.22
N VAL C 45 15.51 -36.09 -4.25
CA VAL C 45 14.43 -35.97 -5.22
C VAL C 45 14.99 -35.93 -6.63
N ILE C 46 16.02 -35.13 -6.83
CA ILE C 46 16.64 -34.98 -8.15
C ILE C 46 17.20 -36.30 -8.65
N MET C 47 17.69 -37.12 -7.74
CA MET C 47 18.24 -38.43 -8.09
C MET C 47 17.16 -39.28 -8.76
N GLU C 48 15.90 -38.87 -8.58
CA GLU C 48 14.75 -39.57 -9.18
C GLU C 48 14.80 -39.51 -10.72
N LEU C 49 15.15 -38.35 -11.25
CA LEU C 49 15.22 -38.11 -12.70
C LEU C 49 16.34 -38.85 -13.42
N ASP C 50 16.14 -39.06 -14.73
CA ASP C 50 17.12 -39.72 -15.59
C ASP C 50 18.34 -38.83 -15.73
N GLU C 51 19.52 -39.46 -15.77
CA GLU C 51 20.77 -38.73 -15.84
C GLU C 51 20.86 -37.51 -16.78
N GLU C 52 20.32 -37.61 -17.99
CA GLU C 52 20.41 -36.46 -18.91
C GLU C 52 19.70 -35.24 -18.34
N MET C 53 18.40 -35.35 -18.15
CA MET C 53 17.62 -34.25 -17.61
C MET C 53 18.07 -33.94 -16.18
N ARG C 54 18.50 -34.99 -15.48
CA ARG C 54 18.97 -34.86 -14.10
C ARG C 54 20.09 -33.85 -14.00
N ASP C 55 21.01 -33.90 -14.96
CA ASP C 55 22.14 -32.98 -14.98
C ASP C 55 21.61 -31.57 -15.16
N ALA C 56 20.59 -31.44 -16.00
CA ALA C 56 19.98 -30.17 -16.29
C ALA C 56 19.45 -29.50 -15.03
N VAL C 57 18.51 -30.16 -14.36
CA VAL C 57 17.92 -29.60 -13.15
C VAL C 57 18.97 -29.46 -12.05
N CYS C 58 20.03 -30.26 -12.11
CA CYS C 58 21.08 -30.18 -11.11
C CYS C 58 21.82 -28.87 -11.30
N ILE C 59 22.32 -28.65 -12.51
CA ILE C 59 23.03 -27.42 -12.82
C ILE C 59 22.08 -26.25 -12.60
N PHE C 60 20.82 -26.47 -12.94
CA PHE C 60 19.80 -25.46 -12.77
C PHE C 60 19.73 -25.11 -11.29
N TYR C 61 19.68 -26.13 -10.44
CA TYR C 61 19.61 -25.91 -9.01
C TYR C 61 20.76 -25.04 -8.54
N LEU C 62 21.97 -25.49 -8.87
CA LEU C 62 23.19 -24.80 -8.47
C LEU C 62 23.28 -23.34 -8.90
N VAL C 63 22.91 -23.06 -10.14
CA VAL C 63 22.95 -21.70 -10.65
C VAL C 63 22.11 -20.78 -9.78
N LEU C 64 20.86 -21.18 -9.56
CA LEU C 64 19.96 -20.39 -8.74
C LEU C 64 20.45 -20.35 -7.29
N ARG C 65 21.08 -21.43 -6.86
CA ARG C 65 21.59 -21.46 -5.49
C ARG C 65 22.77 -20.50 -5.40
N ALA C 66 23.60 -20.45 -6.44
CA ALA C 66 24.74 -19.53 -6.45
C ALA C 66 24.18 -18.13 -6.33
N LEU C 67 23.24 -17.82 -7.22
CA LEU C 67 22.58 -16.51 -7.25
C LEU C 67 21.97 -16.15 -5.90
N ASP C 68 21.19 -17.06 -5.35
CA ASP C 68 20.54 -16.85 -4.07
C ASP C 68 21.55 -16.52 -2.97
N THR C 69 22.70 -17.19 -3.01
CA THR C 69 23.75 -16.96 -2.04
C THR C 69 24.29 -15.54 -2.12
N VAL C 70 24.55 -15.08 -3.34
CA VAL C 70 25.05 -13.73 -3.56
C VAL C 70 24.05 -12.75 -2.95
N GLU C 71 22.83 -12.79 -3.47
CA GLU C 71 21.78 -11.92 -2.99
C GLU C 71 21.65 -12.03 -1.46
N ASP C 72 21.87 -13.22 -0.94
CA ASP C 72 21.75 -13.52 0.50
C ASP C 72 22.62 -12.71 1.45
N ASP C 73 23.94 -12.91 1.33
CA ASP C 73 24.94 -12.28 2.19
C ASP C 73 24.55 -10.91 2.75
N MET C 74 24.60 -10.79 4.07
CA MET C 74 24.25 -9.53 4.72
C MET C 74 25.45 -8.60 4.91
N SER C 75 26.62 -9.06 4.47
CA SER C 75 27.84 -8.25 4.56
C SER C 75 28.35 -7.92 3.16
N ILE C 76 27.49 -7.27 2.40
CA ILE C 76 27.78 -6.85 1.03
C ILE C 76 26.90 -5.66 0.69
N PRO C 77 27.46 -4.66 0.00
CA PRO C 77 26.71 -3.47 -0.38
C PRO C 77 25.53 -3.73 -1.32
N VAL C 78 24.36 -3.22 -0.96
CA VAL C 78 23.16 -3.38 -1.77
C VAL C 78 23.52 -2.97 -3.19
N GLU C 79 24.14 -1.80 -3.32
CA GLU C 79 24.55 -1.25 -4.61
C GLU C 79 25.35 -2.26 -5.44
N PHE C 80 26.14 -3.08 -4.75
CA PHE C 80 26.93 -4.11 -5.41
C PHE C 80 25.99 -5.06 -6.13
N LYS C 81 25.09 -5.65 -5.37
CA LYS C 81 24.10 -6.60 -5.88
C LYS C 81 23.27 -6.02 -7.02
N LEU C 82 22.62 -4.89 -6.74
CA LEU C 82 21.77 -4.22 -7.73
C LEU C 82 22.45 -4.07 -9.08
N ARG C 83 23.77 -4.21 -9.09
CA ARG C 83 24.55 -4.09 -10.31
C ARG C 83 25.03 -5.45 -10.80
N GLU C 84 25.61 -6.23 -9.90
CA GLU C 84 26.14 -7.55 -10.24
C GLU C 84 25.12 -8.66 -10.49
N LEU C 85 24.02 -8.69 -9.75
CA LEU C 85 23.01 -9.74 -9.93
C LEU C 85 22.40 -9.80 -11.33
N PRO C 86 21.94 -8.65 -11.86
CA PRO C 86 21.33 -8.63 -13.19
C PRO C 86 22.23 -9.13 -14.32
N LYS C 87 23.52 -9.28 -14.04
CA LYS C 87 24.45 -9.73 -15.06
C LYS C 87 25.00 -11.12 -14.74
N PHE C 88 24.52 -11.70 -13.64
CA PHE C 88 24.98 -13.01 -13.22
C PHE C 88 24.89 -14.06 -14.33
N HIS C 89 23.73 -14.14 -14.97
CA HIS C 89 23.50 -15.11 -16.03
C HIS C 89 24.54 -15.07 -17.14
N GLU C 90 25.19 -13.92 -17.32
CA GLU C 90 26.19 -13.78 -18.36
C GLU C 90 27.46 -14.57 -18.05
N HIS C 91 27.67 -14.88 -16.78
CA HIS C 91 28.86 -15.64 -16.37
C HIS C 91 28.77 -17.10 -16.77
N LEU C 92 27.55 -17.57 -17.00
CA LEU C 92 27.34 -18.96 -17.40
C LEU C 92 28.10 -19.28 -18.68
N HIS C 93 28.51 -18.25 -19.41
CA HIS C 93 29.22 -18.44 -20.66
C HIS C 93 30.69 -18.07 -20.53
N ASP C 94 31.19 -18.08 -19.29
CA ASP C 94 32.58 -17.76 -19.01
C ASP C 94 33.15 -18.78 -18.03
N THR C 95 33.67 -19.86 -18.56
CA THR C 95 34.25 -20.95 -17.76
C THR C 95 35.33 -20.52 -16.77
N THR C 96 35.80 -19.29 -16.91
CA THR C 96 36.84 -18.75 -16.04
C THR C 96 36.29 -18.01 -14.83
N TRP C 97 35.05 -17.52 -14.96
CA TRP C 97 34.42 -16.75 -13.90
C TRP C 97 34.13 -17.52 -12.61
N CYS C 98 34.34 -16.84 -11.50
CA CYS C 98 34.10 -17.37 -10.16
C CYS C 98 34.10 -16.18 -9.19
N MET C 99 33.65 -16.39 -7.97
CA MET C 99 33.62 -15.30 -7.00
C MET C 99 34.49 -15.70 -5.81
N SER C 100 35.14 -14.71 -5.23
CA SER C 100 36.07 -14.94 -4.12
C SER C 100 35.55 -15.14 -2.70
N GLY C 101 34.95 -14.12 -2.08
CA GLY C 101 34.52 -14.30 -0.71
C GLY C 101 33.14 -13.85 -0.24
N VAL C 102 32.17 -14.75 -0.33
CA VAL C 102 30.79 -14.47 0.08
C VAL C 102 30.03 -15.77 0.35
N GLY C 103 29.23 -15.77 1.42
CA GLY C 103 28.44 -16.94 1.77
C GLY C 103 29.23 -18.07 2.40
N VAL C 104 28.97 -18.35 3.68
CA VAL C 104 29.68 -19.41 4.38
C VAL C 104 29.41 -20.81 3.83
N GLY C 105 29.91 -21.81 4.55
CA GLY C 105 29.71 -23.20 4.16
C GLY C 105 30.00 -23.57 2.71
N ARG C 106 29.29 -24.58 2.24
CA ARG C 106 29.43 -25.10 0.89
C ARG C 106 29.06 -24.05 -0.17
N GLU C 107 28.20 -23.11 0.21
CA GLU C 107 27.80 -22.07 -0.72
C GLU C 107 29.08 -21.39 -1.22
N ARG C 108 29.98 -21.09 -0.27
CA ARG C 108 31.26 -20.47 -0.58
C ARG C 108 31.90 -21.27 -1.70
N GLU C 109 31.94 -22.58 -1.48
CA GLU C 109 32.53 -23.53 -2.42
C GLU C 109 31.92 -23.49 -3.81
N LEU C 110 30.67 -23.06 -3.91
CA LEU C 110 30.02 -23.00 -5.21
C LEU C 110 30.51 -21.80 -6.01
N LEU C 111 30.39 -20.61 -5.42
CA LEU C 111 30.81 -19.37 -6.08
C LEU C 111 32.30 -19.28 -6.38
N GLU C 112 33.11 -20.06 -5.67
CA GLU C 112 34.55 -20.04 -5.90
C GLU C 112 34.91 -21.09 -6.94
N ARG C 113 34.22 -22.22 -6.88
CA ARG C 113 34.44 -23.31 -7.80
C ARG C 113 33.33 -23.32 -8.85
N TYR C 114 32.63 -22.18 -8.96
CA TYR C 114 31.53 -22.03 -9.91
C TYR C 114 31.98 -22.49 -11.30
N THR C 115 33.29 -22.60 -11.45
CA THR C 115 33.90 -23.02 -12.70
C THR C 115 33.30 -24.31 -13.23
N HIS C 116 33.23 -25.34 -12.38
CA HIS C 116 32.70 -26.63 -12.79
C HIS C 116 31.24 -26.64 -13.23
N VAL C 117 30.50 -25.61 -12.84
CA VAL C 117 29.10 -25.52 -13.23
C VAL C 117 29.07 -25.09 -14.70
N THR C 118 29.65 -23.93 -14.97
CA THR C 118 29.71 -23.38 -16.31
C THR C 118 30.15 -24.43 -17.32
N ARG C 119 31.17 -25.21 -16.94
CA ARG C 119 31.69 -26.27 -17.81
C ARG C 119 30.56 -27.21 -18.16
N ALA C 120 29.98 -27.81 -17.11
CA ALA C 120 28.88 -28.74 -17.30
C ALA C 120 27.80 -28.06 -18.11
N TYR C 121 27.49 -26.82 -17.73
CA TYR C 121 26.48 -26.04 -18.43
C TYR C 121 26.75 -26.04 -19.93
N SER C 122 27.99 -25.73 -20.29
CA SER C 122 28.40 -25.67 -21.68
C SER C 122 28.06 -26.92 -22.50
N ARG C 123 28.10 -28.09 -21.87
CA ARG C 123 27.80 -29.30 -22.61
C ARG C 123 26.37 -29.82 -22.56
N LEU C 124 25.42 -28.95 -22.21
CA LEU C 124 24.00 -29.35 -22.16
C LEU C 124 23.33 -28.89 -23.44
N GLY C 125 22.16 -29.45 -23.73
CA GLY C 125 21.43 -29.04 -24.92
C GLY C 125 21.22 -27.53 -24.90
N LYS C 126 21.32 -26.90 -26.08
CA LYS C 126 21.15 -25.46 -26.18
C LYS C 126 19.85 -25.02 -25.51
N ALA C 127 18.77 -25.74 -25.80
CA ALA C 127 17.45 -25.44 -25.23
C ALA C 127 17.55 -25.40 -23.70
N TYR C 128 18.20 -26.40 -23.12
CA TYR C 128 18.36 -26.48 -21.68
C TYR C 128 19.13 -25.23 -21.23
N GLN C 129 20.26 -24.98 -21.89
CA GLN C 129 21.08 -23.83 -21.55
C GLN C 129 20.30 -22.54 -21.58
N ASP C 130 19.37 -22.42 -22.53
CA ASP C 130 18.57 -21.21 -22.62
C ASP C 130 17.57 -21.09 -21.49
N VAL C 131 16.90 -22.19 -21.15
CA VAL C 131 15.91 -22.18 -20.07
C VAL C 131 16.55 -21.68 -18.77
N ILE C 132 17.67 -22.29 -18.42
CA ILE C 132 18.40 -21.96 -17.20
C ILE C 132 18.78 -20.47 -17.15
N SER C 133 19.33 -19.99 -18.26
CA SER C 133 19.76 -18.60 -18.38
C SER C 133 18.59 -17.63 -18.27
N GLY C 134 17.51 -17.94 -18.99
CA GLY C 134 16.34 -17.08 -18.96
C GLY C 134 15.75 -16.96 -17.56
N ILE C 135 15.51 -18.09 -16.91
CA ILE C 135 14.97 -18.06 -15.55
C ILE C 135 15.93 -17.30 -14.62
N CYS C 136 17.20 -17.66 -14.67
CA CYS C 136 18.19 -17.00 -13.84
C CYS C 136 18.05 -15.48 -13.87
N GLU C 137 18.32 -14.86 -15.02
CA GLU C 137 18.22 -13.41 -15.14
C GLU C 137 16.88 -12.87 -14.65
N ARG C 138 15.79 -13.54 -14.98
CA ARG C 138 14.49 -13.06 -14.51
C ARG C 138 14.42 -13.10 -12.99
N MET C 139 15.01 -14.12 -12.39
CA MET C 139 15.01 -14.23 -10.93
C MET C 139 15.90 -13.18 -10.31
N ALA C 140 17.12 -13.07 -10.80
CA ALA C 140 18.05 -12.08 -10.27
C ALA C 140 17.40 -10.69 -10.24
N ASN C 141 16.78 -10.31 -11.35
CA ASN C 141 16.12 -9.02 -11.46
C ASN C 141 14.94 -8.92 -10.51
N GLY C 142 14.32 -10.05 -10.22
CA GLY C 142 13.19 -10.04 -9.31
C GLY C 142 13.67 -9.83 -7.89
N MET C 143 14.85 -10.39 -7.60
CA MET C 143 15.45 -10.28 -6.28
C MET C 143 15.89 -8.84 -6.08
N CYS C 144 16.46 -8.26 -7.12
CA CYS C 144 16.92 -6.89 -7.06
C CYS C 144 15.77 -5.99 -6.66
N ASP C 145 14.64 -6.15 -7.34
CA ASP C 145 13.47 -5.34 -7.05
C ASP C 145 13.16 -5.39 -5.56
N PHE C 146 13.23 -6.58 -4.97
CA PHE C 146 12.94 -6.72 -3.55
C PHE C 146 14.10 -6.48 -2.60
N LEU C 147 15.21 -5.97 -3.12
CA LEU C 147 16.35 -5.66 -2.27
C LEU C 147 16.07 -4.25 -1.72
N THR C 148 15.54 -3.41 -2.60
CA THR C 148 15.23 -2.03 -2.29
C THR C 148 13.99 -1.84 -1.42
N ARG C 149 12.92 -2.57 -1.73
CA ARG C 149 11.66 -2.46 -0.98
C ARG C 149 11.27 -3.75 -0.23
N LYS C 150 10.21 -3.67 0.58
CA LYS C 150 9.76 -4.82 1.36
C LYS C 150 8.45 -5.43 0.83
N VAL C 151 8.10 -6.58 1.41
CA VAL C 151 6.87 -7.28 1.05
C VAL C 151 5.78 -6.73 1.98
N GLU C 152 4.93 -5.87 1.43
CA GLU C 152 3.89 -5.25 2.23
C GLU C 152 2.50 -5.80 1.96
N THR C 153 2.20 -6.10 0.70
CA THR C 153 0.86 -6.60 0.35
C THR C 153 0.84 -8.03 -0.17
N LYS C 154 -0.35 -8.59 -0.30
CA LYS C 154 -0.51 -9.94 -0.82
C LYS C 154 0.05 -10.00 -2.22
N ALA C 155 -0.07 -8.91 -2.97
CA ALA C 155 0.45 -8.84 -4.33
C ALA C 155 1.97 -8.91 -4.22
N ASP C 156 2.53 -8.14 -3.28
CA ASP C 156 3.97 -8.15 -3.08
C ASP C 156 4.39 -9.59 -2.77
N TYR C 157 3.65 -10.22 -1.87
CA TYR C 157 3.90 -11.58 -1.41
C TYR C 157 3.84 -12.58 -2.57
N ASP C 158 2.76 -12.52 -3.35
CA ASP C 158 2.62 -13.42 -4.49
C ASP C 158 3.68 -13.14 -5.54
N LEU C 159 4.10 -11.89 -5.66
CA LEU C 159 5.11 -11.57 -6.66
C LEU C 159 6.50 -12.00 -6.20
N TYR C 160 6.80 -11.81 -4.92
CA TYR C 160 8.10 -12.20 -4.41
C TYR C 160 8.30 -13.70 -4.56
N CYS C 161 7.28 -14.47 -4.21
CA CYS C 161 7.30 -15.93 -4.31
C CYS C 161 7.44 -16.34 -5.78
N HIS C 162 6.82 -15.58 -6.67
CA HIS C 162 6.90 -15.86 -8.09
C HIS C 162 8.34 -15.79 -8.55
N TYR C 163 9.05 -14.76 -8.09
CA TYR C 163 10.45 -14.58 -8.47
C TYR C 163 11.39 -15.66 -7.94
N VAL C 164 11.25 -16.00 -6.66
CA VAL C 164 12.13 -16.97 -6.06
C VAL C 164 11.73 -18.44 -6.17
N ALA C 165 10.50 -18.74 -6.61
CA ALA C 165 10.07 -20.14 -6.71
C ALA C 165 9.12 -20.43 -7.87
N GLY C 166 8.15 -19.55 -8.08
CA GLY C 166 7.22 -19.76 -9.17
C GLY C 166 7.95 -19.91 -10.49
N LEU C 167 8.97 -19.07 -10.71
CA LEU C 167 9.73 -19.15 -11.95
C LEU C 167 10.49 -20.46 -12.01
N VAL C 168 10.92 -20.96 -10.85
CA VAL C 168 11.62 -22.24 -10.81
C VAL C 168 10.65 -23.21 -11.46
N GLY C 169 9.38 -23.05 -11.11
CA GLY C 169 8.32 -23.88 -11.68
C GLY C 169 8.27 -23.67 -13.17
N HIS C 170 8.32 -22.41 -13.62
CA HIS C 170 8.32 -22.10 -15.05
C HIS C 170 9.48 -22.84 -15.71
N GLY C 171 10.67 -22.70 -15.14
CA GLY C 171 11.84 -23.36 -15.69
C GLY C 171 11.75 -24.87 -15.77
N LEU C 172 11.29 -25.50 -14.69
CA LEU C 172 11.20 -26.95 -14.67
C LEU C 172 10.18 -27.47 -15.70
N THR C 173 9.14 -26.70 -15.95
CA THR C 173 8.14 -27.14 -16.92
C THR C 173 8.70 -27.02 -18.33
N LEU C 174 9.66 -26.12 -18.51
CA LEU C 174 10.25 -25.93 -19.83
C LEU C 174 11.27 -27.01 -20.10
N LEU C 175 12.01 -27.41 -19.06
CA LEU C 175 12.98 -28.47 -19.24
C LEU C 175 12.21 -29.74 -19.55
N TYR C 176 11.08 -29.94 -18.86
CA TYR C 176 10.26 -31.12 -19.11
C TYR C 176 9.87 -31.21 -20.58
N VAL C 177 9.32 -30.13 -21.12
CA VAL C 177 8.89 -30.09 -22.52
C VAL C 177 10.09 -30.23 -23.45
N SER C 178 11.14 -29.49 -23.15
CA SER C 178 12.35 -29.52 -23.94
C SER C 178 12.88 -30.93 -24.03
N SER C 179 12.72 -31.69 -22.94
CA SER C 179 13.20 -33.07 -22.85
C SER C 179 12.41 -34.09 -23.65
N GLY C 180 11.17 -33.76 -23.98
CA GLY C 180 10.35 -34.69 -24.73
C GLY C 180 9.59 -35.62 -23.81
N LEU C 181 10.02 -35.68 -22.55
CA LEU C 181 9.35 -36.53 -21.57
C LEU C 181 7.89 -36.13 -21.40
N GLU C 182 7.63 -34.84 -21.58
CA GLU C 182 6.28 -34.32 -21.47
C GLU C 182 5.83 -33.72 -22.81
N ASP C 183 4.52 -33.64 -23.00
CA ASP C 183 3.97 -33.08 -24.23
C ASP C 183 4.06 -31.55 -24.28
N VAL C 184 4.62 -31.03 -25.37
CA VAL C 184 4.80 -29.59 -25.58
C VAL C 184 3.63 -28.74 -25.06
N ARG C 185 2.43 -29.27 -25.10
CA ARG C 185 1.24 -28.55 -24.64
C ARG C 185 1.33 -28.21 -23.15
N LEU C 186 2.27 -28.83 -22.44
CA LEU C 186 2.43 -28.60 -21.02
C LEU C 186 2.88 -27.18 -20.70
N ALA C 187 3.74 -26.64 -21.54
CA ALA C 187 4.25 -25.29 -21.38
C ALA C 187 3.39 -24.23 -22.11
N ASP C 188 2.14 -24.57 -22.38
CA ASP C 188 1.24 -23.63 -23.05
C ASP C 188 0.84 -22.55 -22.06
N ASP C 189 0.46 -23.00 -20.87
CA ASP C 189 0.03 -22.11 -19.79
C ASP C 189 0.85 -22.43 -18.55
N LEU C 190 1.70 -21.50 -18.13
CA LEU C 190 2.56 -21.73 -16.95
C LEU C 190 1.97 -21.24 -15.62
N THR C 191 0.66 -21.00 -15.60
CA THR C 191 0.00 -20.54 -14.38
C THR C 191 -0.02 -21.60 -13.30
N ASN C 192 -0.37 -22.82 -13.66
CA ASN C 192 -0.40 -23.86 -12.66
C ASN C 192 1.00 -24.18 -12.15
N ALA C 193 1.98 -24.21 -13.04
CA ALA C 193 3.35 -24.48 -12.62
C ALA C 193 3.77 -23.41 -11.62
N ASN C 194 3.30 -22.20 -11.85
CA ASN C 194 3.63 -21.12 -10.94
C ASN C 194 2.99 -21.41 -9.58
N HIS C 195 1.81 -22.02 -9.60
CA HIS C 195 1.14 -22.38 -8.36
C HIS C 195 1.99 -23.38 -7.59
N MET C 196 2.53 -24.38 -8.30
CA MET C 196 3.37 -25.41 -7.68
C MET C 196 4.48 -24.73 -6.87
N GLY C 197 5.25 -23.88 -7.53
CA GLY C 197 6.32 -23.17 -6.85
C GLY C 197 5.81 -22.40 -5.65
N LEU C 198 4.77 -21.61 -5.84
CA LEU C 198 4.23 -20.83 -4.74
C LEU C 198 3.80 -21.70 -3.57
N PHE C 199 3.20 -22.84 -3.84
CA PHE C 199 2.77 -23.69 -2.75
C PHE C 199 3.94 -24.12 -1.85
N LEU C 200 5.08 -24.50 -2.44
CA LEU C 200 6.23 -24.91 -1.65
C LEU C 200 6.80 -23.71 -0.89
N GLN C 201 7.11 -22.64 -1.63
CA GLN C 201 7.68 -21.43 -1.05
C GLN C 201 6.88 -20.88 0.13
N LYS C 202 5.56 -20.92 0.04
CA LYS C 202 4.73 -20.39 1.14
C LYS C 202 4.71 -21.33 2.34
N THR C 203 4.63 -22.64 2.11
CA THR C 203 4.60 -23.55 3.23
C THR C 203 5.88 -23.32 4.03
N ASN C 204 6.98 -23.17 3.32
CA ASN C 204 8.29 -22.91 3.92
C ASN C 204 8.32 -21.62 4.74
N ILE C 205 7.94 -20.52 4.10
CA ILE C 205 7.92 -19.21 4.75
C ILE C 205 7.07 -19.24 6.00
N ILE C 206 5.99 -20.02 5.94
CA ILE C 206 5.09 -20.13 7.08
C ILE C 206 5.79 -20.94 8.17
N ARG C 207 6.30 -22.10 7.79
CA ARG C 207 6.94 -23.01 8.72
C ARG C 207 8.22 -22.45 9.34
N ASP C 208 8.95 -21.64 8.61
CA ASP C 208 10.20 -21.11 9.14
C ASP C 208 10.08 -19.70 9.70
N PHE C 209 8.89 -19.34 10.19
CA PHE C 209 8.67 -18.00 10.73
C PHE C 209 9.63 -17.60 11.84
N TYR C 210 9.74 -18.44 12.86
CA TYR C 210 10.60 -18.18 14.02
C TYR C 210 12.07 -18.17 13.63
N GLU C 211 12.53 -19.27 13.03
CA GLU C 211 13.91 -19.36 12.60
C GLU C 211 14.31 -18.14 11.78
N ASP C 212 13.36 -17.61 11.00
CA ASP C 212 13.63 -16.45 10.16
C ASP C 212 13.58 -15.09 10.86
N ILE C 213 12.69 -14.94 11.84
CA ILE C 213 12.57 -13.67 12.54
C ILE C 213 13.63 -13.54 13.62
N CYS C 214 14.29 -14.64 13.92
CA CYS C 214 15.35 -14.66 14.92
C CYS C 214 16.69 -14.45 14.23
N GLU C 215 16.63 -13.97 12.99
CA GLU C 215 17.86 -13.75 12.24
C GLU C 215 18.35 -12.32 12.44
N VAL C 216 19.58 -12.07 11.99
CA VAL C 216 20.16 -10.74 12.12
C VAL C 216 20.72 -10.25 10.79
N PRO C 217 20.03 -9.29 10.15
CA PRO C 217 18.78 -8.73 10.66
C PRO C 217 17.64 -9.72 10.47
N PRO C 218 16.52 -9.51 11.16
CA PRO C 218 15.39 -10.43 11.01
C PRO C 218 14.91 -10.58 9.57
N ARG C 219 14.56 -11.81 9.21
CA ARG C 219 14.03 -12.10 7.89
C ARG C 219 12.52 -12.14 8.04
N VAL C 220 11.83 -11.21 7.38
CA VAL C 220 10.38 -11.16 7.45
C VAL C 220 9.81 -11.38 6.06
N PHE C 221 8.79 -12.23 5.97
CA PHE C 221 8.17 -12.52 4.69
C PHE C 221 6.66 -12.38 4.76
N TRP C 222 6.07 -12.80 5.87
CA TRP C 222 4.63 -12.68 6.02
C TRP C 222 4.27 -11.22 5.69
N PRO C 223 3.33 -11.02 4.76
CA PRO C 223 2.87 -9.70 4.29
C PRO C 223 2.02 -8.90 5.29
N ARG C 224 2.33 -7.61 5.39
CA ARG C 224 1.60 -6.72 6.30
C ARG C 224 0.09 -6.78 6.08
N GLU C 225 -0.32 -6.84 4.82
CA GLU C 225 -1.73 -6.89 4.47
C GLU C 225 -2.44 -7.98 5.24
N ILE C 226 -1.69 -8.98 5.69
CA ILE C 226 -2.27 -10.07 6.44
C ILE C 226 -2.10 -9.94 7.96
N TRP C 227 -0.86 -9.84 8.44
CA TRP C 227 -0.64 -9.75 9.87
C TRP C 227 -1.07 -8.48 10.58
N GLU C 228 -1.13 -7.35 9.87
CA GLU C 228 -1.53 -6.11 10.51
C GLU C 228 -2.94 -6.24 11.12
N LYS C 229 -3.70 -7.24 10.67
CA LYS C 229 -5.04 -7.45 11.20
C LYS C 229 -4.94 -8.15 12.55
N TYR C 230 -3.78 -8.72 12.86
CA TYR C 230 -3.62 -9.48 14.11
C TYR C 230 -2.65 -8.89 15.11
N THR C 231 -1.87 -7.90 14.69
CA THR C 231 -0.92 -7.27 15.60
C THR C 231 -0.38 -6.02 14.95
N ASP C 232 0.25 -5.18 15.77
CA ASP C 232 0.83 -3.95 15.28
C ASP C 232 2.31 -4.19 15.01
N ASP C 233 2.83 -5.26 15.59
CA ASP C 233 4.24 -5.63 15.42
C ASP C 233 4.41 -7.14 15.35
N LEU C 234 5.09 -7.58 14.29
CA LEU C 234 5.31 -9.00 14.06
C LEU C 234 6.15 -9.71 15.12
N HIS C 235 7.08 -9.00 15.75
CA HIS C 235 7.93 -9.60 16.79
C HIS C 235 7.13 -9.96 18.05
N ALA C 236 5.87 -9.53 18.09
CA ALA C 236 5.03 -9.82 19.24
C ALA C 236 4.68 -11.30 19.31
N PHE C 237 4.75 -11.98 18.16
CA PHE C 237 4.40 -13.38 18.13
C PHE C 237 5.42 -14.32 18.78
N LYS C 238 6.51 -13.76 19.30
CA LYS C 238 7.52 -14.59 19.94
C LYS C 238 7.18 -14.85 21.41
N ASP C 239 6.23 -14.08 21.96
CA ASP C 239 5.83 -14.21 23.36
C ASP C 239 4.49 -14.92 23.54
N GLU C 240 4.44 -15.80 24.55
CA GLU C 240 3.24 -16.55 24.87
C GLU C 240 2.04 -15.62 25.01
N LEU C 241 2.26 -14.44 25.58
CA LEU C 241 1.17 -13.51 25.78
C LEU C 241 0.29 -13.34 24.55
N HIS C 242 0.91 -13.13 23.40
CA HIS C 242 0.20 -12.91 22.14
C HIS C 242 -0.09 -14.18 21.33
N GLU C 243 0.06 -15.32 21.98
CA GLU C 243 -0.16 -16.61 21.38
C GLU C 243 -1.49 -16.74 20.62
N ALA C 244 -2.54 -16.09 21.11
CA ALA C 244 -3.83 -16.18 20.44
C ALA C 244 -3.85 -15.43 19.12
N LYS C 245 -3.23 -14.25 19.10
CA LYS C 245 -3.18 -13.46 17.87
C LYS C 245 -2.20 -14.05 16.87
N ALA C 246 -1.13 -14.67 17.37
CA ALA C 246 -0.13 -15.28 16.51
C ALA C 246 -0.76 -16.39 15.68
N VAL C 247 -1.40 -17.32 16.38
CA VAL C 247 -2.08 -18.44 15.75
C VAL C 247 -3.10 -18.00 14.68
N GLU C 248 -3.97 -17.06 15.03
CA GLU C 248 -4.99 -16.58 14.08
C GLU C 248 -4.32 -16.11 12.81
N CYS C 249 -3.16 -15.48 12.96
CA CYS C 249 -2.43 -15.00 11.82
C CYS C 249 -1.85 -16.22 11.09
N LEU C 250 -1.27 -17.16 11.84
CA LEU C 250 -0.71 -18.35 11.24
C LEU C 250 -1.78 -18.99 10.35
N ASN C 251 -2.99 -19.09 10.86
CA ASN C 251 -4.06 -19.71 10.11
C ASN C 251 -4.45 -18.92 8.88
N ALA C 252 -4.43 -17.60 8.99
CA ALA C 252 -4.76 -16.77 7.84
C ALA C 252 -3.69 -17.06 6.79
N MET C 253 -2.45 -17.25 7.25
CA MET C 253 -1.33 -17.55 6.37
C MET C 253 -1.56 -18.91 5.70
N VAL C 254 -1.98 -19.89 6.50
CA VAL C 254 -2.21 -21.22 5.97
C VAL C 254 -3.33 -21.17 4.94
N ALA C 255 -4.33 -20.34 5.19
CA ALA C 255 -5.45 -20.19 4.26
C ALA C 255 -4.93 -19.66 2.92
N ASP C 256 -4.09 -18.63 2.97
CA ASP C 256 -3.52 -18.05 1.76
C ASP C 256 -2.81 -19.12 0.90
N ALA C 257 -2.10 -20.04 1.54
CA ALA C 257 -1.35 -21.09 0.80
C ALA C 257 -2.28 -22.13 0.16
N LEU C 258 -3.29 -22.58 0.90
CA LEU C 258 -4.23 -23.55 0.41
C LEU C 258 -4.84 -23.11 -0.92
N VAL C 259 -4.82 -21.80 -1.19
CA VAL C 259 -5.35 -21.28 -2.43
C VAL C 259 -4.75 -21.99 -3.64
N HIS C 260 -3.53 -22.48 -3.47
CA HIS C 260 -2.81 -23.12 -4.56
C HIS C 260 -3.06 -24.60 -4.84
N VAL C 261 -3.45 -25.34 -3.82
CA VAL C 261 -3.67 -26.78 -3.94
C VAL C 261 -4.43 -27.24 -5.17
N PRO C 262 -5.63 -26.70 -5.39
CA PRO C 262 -6.40 -27.12 -6.57
C PRO C 262 -5.55 -27.10 -7.83
N HIS C 263 -4.73 -26.06 -7.96
CA HIS C 263 -3.90 -25.92 -9.13
C HIS C 263 -2.78 -26.95 -9.18
N VAL C 264 -2.18 -27.21 -8.02
CA VAL C 264 -1.12 -28.20 -7.93
C VAL C 264 -1.69 -29.54 -8.41
N VAL C 265 -2.85 -29.90 -7.88
CA VAL C 265 -3.51 -31.14 -8.26
C VAL C 265 -3.69 -31.18 -9.78
N GLU C 266 -4.12 -30.06 -10.34
CA GLU C 266 -4.33 -29.96 -11.77
C GLU C 266 -3.05 -30.28 -12.51
N TYR C 267 -1.98 -29.65 -12.06
CA TYR C 267 -0.67 -29.81 -12.69
C TYR C 267 -0.13 -31.23 -12.65
N LEU C 268 -0.22 -31.85 -11.47
CA LEU C 268 0.27 -33.21 -11.31
C LEU C 268 -0.54 -34.17 -12.20
N ALA C 269 -1.84 -33.92 -12.28
CA ALA C 269 -2.73 -34.77 -13.09
C ALA C 269 -2.48 -34.57 -14.58
N SER C 270 -1.66 -33.60 -14.93
CA SER C 270 -1.40 -33.36 -16.33
C SER C 270 -0.06 -33.97 -16.75
N LEU C 271 0.72 -34.47 -15.80
CA LEU C 271 2.00 -35.08 -16.16
C LEU C 271 1.77 -36.50 -16.67
N ARG C 272 2.45 -36.87 -17.75
CA ARG C 272 2.28 -38.20 -18.34
C ARG C 272 3.45 -39.12 -18.06
N ASP C 273 4.61 -38.54 -17.75
CA ASP C 273 5.79 -39.35 -17.51
C ASP C 273 6.05 -39.68 -16.04
N PRO C 274 6.29 -40.95 -15.73
CA PRO C 274 6.54 -41.44 -14.36
C PRO C 274 7.71 -40.78 -13.65
N SER C 275 8.83 -40.64 -14.34
CA SER C 275 9.99 -40.04 -13.73
C SER C 275 9.78 -38.58 -13.36
N VAL C 276 9.18 -37.81 -14.26
CA VAL C 276 8.91 -36.40 -14.01
C VAL C 276 7.83 -36.24 -12.96
N PHE C 277 6.85 -37.14 -12.97
CA PHE C 277 5.78 -37.07 -12.00
C PHE C 277 6.33 -37.26 -10.59
N ALA C 278 6.99 -38.38 -10.35
CA ALA C 278 7.54 -38.64 -9.01
C ALA C 278 8.36 -37.45 -8.54
N PHE C 279 9.16 -36.87 -9.43
CA PHE C 279 10.00 -35.74 -9.07
C PHE C 279 9.20 -34.48 -8.78
N SER C 280 8.05 -34.35 -9.41
CA SER C 280 7.22 -33.18 -9.22
C SER C 280 6.26 -33.36 -8.06
N ALA C 281 5.76 -34.58 -7.89
CA ALA C 281 4.80 -34.88 -6.86
C ALA C 281 5.33 -34.97 -5.42
N ILE C 282 6.49 -35.59 -5.24
CA ILE C 282 7.03 -35.76 -3.89
C ILE C 282 7.16 -34.48 -3.08
N PRO C 283 7.75 -33.43 -3.66
CA PRO C 283 7.87 -32.19 -2.87
C PRO C 283 6.50 -31.61 -2.50
N GLN C 284 5.55 -31.73 -3.42
CA GLN C 284 4.23 -31.18 -3.17
C GLN C 284 3.55 -31.87 -2.00
N VAL C 285 3.61 -33.20 -1.96
CA VAL C 285 2.99 -33.95 -0.86
C VAL C 285 3.66 -33.62 0.47
N MET C 286 4.98 -33.55 0.45
CA MET C 286 5.73 -33.20 1.64
C MET C 286 5.22 -31.87 2.21
N ALA C 287 4.91 -30.94 1.30
CA ALA C 287 4.43 -29.62 1.67
C ALA C 287 3.06 -29.66 2.33
N MET C 288 2.13 -30.41 1.74
CA MET C 288 0.81 -30.50 2.34
C MET C 288 0.97 -31.15 3.71
N ALA C 289 1.78 -32.19 3.79
CA ALA C 289 2.00 -32.83 5.07
C ALA C 289 2.48 -31.79 6.07
N THR C 290 3.44 -30.95 5.67
CA THR C 290 3.97 -29.95 6.58
C THR C 290 2.91 -28.92 6.95
N LEU C 291 2.11 -28.55 5.96
CA LEU C 291 1.03 -27.59 6.16
C LEU C 291 0.02 -28.12 7.17
N SER C 292 -0.30 -29.40 7.07
CA SER C 292 -1.27 -30.00 7.98
C SER C 292 -0.74 -30.03 9.40
N LEU C 293 0.57 -29.83 9.57
CA LEU C 293 1.18 -29.87 10.91
C LEU C 293 1.45 -28.50 11.51
N VAL C 294 1.76 -27.50 10.68
CA VAL C 294 2.04 -26.17 11.20
C VAL C 294 0.74 -25.42 11.43
N PHE C 295 -0.29 -25.77 10.65
CA PHE C 295 -1.57 -25.11 10.76
C PHE C 295 -2.18 -25.20 12.14
N ASN C 296 -2.56 -24.05 12.68
CA ASN C 296 -3.20 -23.97 13.98
C ASN C 296 -2.37 -24.71 15.02
N ASN C 297 -1.06 -24.50 14.96
CA ASN C 297 -0.10 -25.13 15.87
C ASN C 297 0.76 -24.00 16.42
N LYS C 298 0.65 -23.75 17.71
CA LYS C 298 1.41 -22.69 18.36
C LYS C 298 2.92 -22.90 18.39
N ASP C 299 3.37 -24.13 18.16
CA ASP C 299 4.79 -24.40 18.21
C ASP C 299 5.54 -23.70 17.12
N VAL C 300 4.80 -23.30 16.08
CA VAL C 300 5.41 -22.60 14.96
C VAL C 300 6.20 -21.40 15.47
N PHE C 301 5.74 -20.79 16.55
CA PHE C 301 6.37 -19.59 17.09
C PHE C 301 7.55 -19.75 18.06
N HIS C 302 8.23 -20.89 18.01
CA HIS C 302 9.39 -21.08 18.88
C HIS C 302 10.25 -22.27 18.47
N THR C 303 9.75 -23.04 17.52
CA THR C 303 10.47 -24.21 17.02
C THR C 303 10.19 -24.46 15.54
N LYS C 304 10.89 -25.43 14.96
CA LYS C 304 10.68 -25.75 13.55
C LYS C 304 9.88 -27.04 13.42
N VAL C 305 8.60 -26.89 13.08
CA VAL C 305 7.72 -28.05 12.94
C VAL C 305 8.04 -28.87 11.70
N LYS C 306 8.13 -30.18 11.86
CA LYS C 306 8.44 -31.04 10.75
C LYS C 306 7.76 -32.40 10.86
N THR C 307 7.58 -33.06 9.71
CA THR C 307 6.97 -34.37 9.68
C THR C 307 8.02 -35.37 10.16
N THR C 308 7.60 -36.58 10.52
CA THR C 308 8.55 -37.61 10.97
C THR C 308 9.24 -38.23 9.77
N ARG C 309 10.51 -38.59 9.94
CA ARG C 309 11.27 -39.21 8.87
C ARG C 309 10.54 -40.40 8.27
N GLY C 310 9.78 -41.10 9.11
CA GLY C 310 9.02 -42.24 8.60
C GLY C 310 7.96 -41.77 7.62
N ALA C 311 7.34 -40.63 7.93
CA ALA C 311 6.31 -40.09 7.07
C ALA C 311 6.87 -39.67 5.73
N THR C 312 8.05 -39.04 5.72
CA THR C 312 8.59 -38.62 4.44
C THR C 312 8.99 -39.85 3.64
N ALA C 313 9.56 -40.86 4.30
CA ALA C 313 9.94 -42.10 3.61
C ALA C 313 8.68 -42.67 2.97
N ARG C 314 7.58 -42.67 3.73
CA ARG C 314 6.32 -43.17 3.23
C ARG C 314 5.89 -42.36 1.99
N ILE C 315 6.05 -41.05 2.06
CA ILE C 315 5.66 -40.21 0.93
C ILE C 315 6.55 -40.43 -0.29
N PHE C 316 7.86 -40.48 -0.07
CA PHE C 316 8.79 -40.73 -1.18
C PHE C 316 8.47 -42.07 -1.84
N HIS C 317 8.09 -43.04 -1.03
CA HIS C 317 7.81 -44.37 -1.59
C HIS C 317 6.56 -44.48 -2.45
N TYR C 318 5.47 -43.83 -2.04
CA TYR C 318 4.23 -43.93 -2.79
C TYR C 318 3.89 -42.86 -3.81
N SER C 319 4.42 -41.66 -3.66
CA SER C 319 4.11 -40.59 -4.60
C SER C 319 4.73 -40.82 -5.98
N THR C 320 4.46 -41.97 -6.57
CA THR C 320 5.03 -42.28 -7.87
C THR C 320 3.97 -42.36 -8.96
N GLU C 321 2.70 -42.24 -8.57
CA GLU C 321 1.61 -42.29 -9.53
C GLU C 321 0.40 -41.54 -8.99
N LEU C 322 -0.28 -40.83 -9.89
CA LEU C 322 -1.42 -40.01 -9.52
C LEU C 322 -2.36 -40.49 -8.42
N GLN C 323 -3.06 -41.61 -8.62
CA GLN C 323 -4.01 -42.07 -7.60
C GLN C 323 -3.42 -42.13 -6.20
N ALA C 324 -2.23 -42.71 -6.07
CA ALA C 324 -1.60 -42.83 -4.77
C ALA C 324 -1.31 -41.47 -4.16
N THR C 325 -0.68 -40.58 -4.92
CA THR C 325 -0.38 -39.28 -4.34
C THR C 325 -1.62 -38.43 -4.07
N LEU C 326 -2.71 -38.66 -4.78
CA LEU C 326 -3.93 -37.90 -4.51
C LEU C 326 -4.55 -38.32 -3.18
N GLN C 327 -4.57 -39.62 -2.90
CA GLN C 327 -5.17 -40.02 -1.65
C GLN C 327 -4.29 -39.67 -0.45
N MET C 328 -3.01 -39.37 -0.69
CA MET C 328 -2.13 -38.96 0.39
C MET C 328 -2.39 -37.47 0.62
N LEU C 329 -2.58 -36.72 -0.47
CA LEU C 329 -2.87 -35.29 -0.37
C LEU C 329 -4.20 -35.15 0.35
N LYS C 330 -5.18 -35.90 -0.14
CA LYS C 330 -6.51 -35.90 0.44
C LYS C 330 -6.36 -36.14 1.94
N THR C 331 -5.70 -37.23 2.30
CA THR C 331 -5.53 -37.57 3.71
C THR C 331 -4.99 -36.41 4.56
N TYR C 332 -3.92 -35.76 4.09
CA TYR C 332 -3.33 -34.67 4.85
C TYR C 332 -4.23 -33.45 4.93
N THR C 333 -4.91 -33.17 3.82
CA THR C 333 -5.84 -32.05 3.75
C THR C 333 -6.94 -32.27 4.76
N LEU C 334 -7.37 -33.53 4.91
CA LEU C 334 -8.40 -33.85 5.87
C LEU C 334 -7.87 -33.77 7.30
N ARG C 335 -6.63 -34.18 7.50
CA ARG C 335 -6.02 -34.13 8.81
C ARG C 335 -5.90 -32.68 9.23
N LEU C 336 -5.67 -31.81 8.25
CA LEU C 336 -5.53 -30.38 8.49
C LEU C 336 -6.84 -29.80 9.02
N ALA C 337 -7.92 -30.04 8.30
CA ALA C 337 -9.23 -29.54 8.68
C ALA C 337 -9.65 -30.00 10.07
N ALA C 338 -9.20 -31.18 10.47
CA ALA C 338 -9.57 -31.73 11.77
C ALA C 338 -8.88 -31.09 12.96
N ARG C 339 -7.99 -30.14 12.71
CA ARG C 339 -7.28 -29.50 13.81
C ARG C 339 -7.94 -28.22 14.30
N MET C 340 -8.77 -27.61 13.44
CA MET C 340 -9.44 -26.37 13.78
C MET C 340 -10.78 -26.64 14.44
N ASN C 341 -11.31 -25.64 15.15
CA ASN C 341 -12.60 -25.74 15.82
C ASN C 341 -13.64 -24.86 15.14
N ALA C 342 -14.91 -25.10 15.47
CA ALA C 342 -16.00 -24.33 14.90
C ALA C 342 -15.92 -22.92 15.46
N GLN C 343 -15.12 -22.75 16.50
CA GLN C 343 -14.97 -21.45 17.12
C GLN C 343 -13.67 -20.71 16.77
N ASP C 344 -12.99 -21.15 15.71
CA ASP C 344 -11.78 -20.48 15.25
C ASP C 344 -12.20 -19.61 14.09
N ALA C 345 -11.77 -18.35 14.10
CA ALA C 345 -12.12 -17.39 13.06
C ALA C 345 -11.98 -17.96 11.65
N CYS C 346 -10.89 -18.69 11.42
CA CYS C 346 -10.61 -19.27 10.11
C CYS C 346 -11.57 -20.37 9.66
N TYR C 347 -12.46 -20.82 10.55
CA TYR C 347 -13.36 -21.91 10.22
C TYR C 347 -13.89 -21.90 8.79
N ASP C 348 -14.75 -20.94 8.49
CA ASP C 348 -15.34 -20.82 7.16
C ASP C 348 -14.32 -20.85 6.03
N ARG C 349 -13.33 -19.96 6.12
CA ARG C 349 -12.31 -19.86 5.09
C ARG C 349 -11.60 -21.20 4.86
N ILE C 350 -11.09 -21.80 5.92
CA ILE C 350 -10.42 -23.08 5.77
C ILE C 350 -11.38 -24.15 5.25
N GLU C 351 -12.45 -24.42 5.97
CA GLU C 351 -13.42 -25.42 5.56
C GLU C 351 -13.73 -25.28 4.07
N HIS C 352 -13.89 -24.04 3.62
CA HIS C 352 -14.14 -23.82 2.21
C HIS C 352 -12.94 -24.28 1.39
N LEU C 353 -11.80 -23.63 1.60
CA LEU C 353 -10.57 -23.96 0.86
C LEU C 353 -10.23 -25.45 0.89
N VAL C 354 -10.53 -26.11 2.00
CA VAL C 354 -10.28 -27.54 2.14
C VAL C 354 -11.22 -28.30 1.20
N ASN C 355 -12.52 -28.13 1.43
CA ASN C 355 -13.53 -28.80 0.61
C ASN C 355 -13.23 -28.58 -0.86
N ASP C 356 -12.58 -27.46 -1.15
CA ASP C 356 -12.22 -27.13 -2.52
C ASP C 356 -11.03 -27.96 -3.02
N ALA C 357 -10.08 -28.22 -2.12
CA ALA C 357 -8.91 -28.99 -2.48
C ALA C 357 -9.34 -30.41 -2.79
N ILE C 358 -10.16 -30.96 -1.91
CA ILE C 358 -10.67 -32.31 -2.05
C ILE C 358 -11.50 -32.50 -3.31
N ARG C 359 -12.33 -31.52 -3.66
CA ARG C 359 -13.13 -31.65 -4.86
C ARG C 359 -12.22 -31.80 -6.07
N ALA C 360 -11.17 -30.99 -6.14
CA ALA C 360 -10.24 -31.07 -7.27
C ALA C 360 -9.54 -32.41 -7.27
N MET C 361 -9.39 -33.00 -6.09
CA MET C 361 -8.72 -34.29 -5.97
C MET C 361 -9.68 -35.39 -6.38
N GLU C 362 -10.93 -35.28 -5.97
CA GLU C 362 -11.95 -36.27 -6.32
C GLU C 362 -12.22 -36.20 -7.82
N SER C 363 -12.05 -35.01 -8.38
CA SER C 363 -12.27 -34.79 -9.80
C SER C 363 -11.30 -35.59 -10.66
N HIS C 364 -10.37 -36.29 -10.02
CA HIS C 364 -9.39 -37.08 -10.75
C HIS C 364 -9.33 -38.53 -10.27
N GLN C 365 -10.40 -39.00 -9.65
CA GLN C 365 -10.46 -40.37 -9.17
C GLN C 365 -11.70 -41.07 -9.69
N ASP D 25 51.54 34.73 1.86
CA ASP D 25 50.40 35.53 2.26
C ASP D 25 49.14 35.16 1.48
N GLU D 26 49.31 34.83 0.19
CA GLU D 26 48.18 34.44 -0.64
C GLU D 26 47.70 33.06 -0.19
N ASP D 27 48.42 32.48 0.77
CA ASP D 27 48.06 31.17 1.32
C ASP D 27 46.93 31.41 2.31
N LEU D 28 47.14 32.41 3.16
CA LEU D 28 46.16 32.78 4.17
C LEU D 28 44.83 33.07 3.48
N ARG D 29 44.89 33.88 2.43
CA ARG D 29 43.70 34.24 1.68
C ARG D 29 43.04 33.01 1.06
N PHE D 30 43.83 32.02 0.68
CA PHE D 30 43.27 30.80 0.09
C PHE D 30 42.49 30.03 1.14
N CYS D 31 43.08 29.91 2.32
CA CYS D 31 42.46 29.20 3.42
C CYS D 31 41.09 29.78 3.74
N TYR D 32 41.04 31.11 3.87
CA TYR D 32 39.79 31.79 4.18
C TYR D 32 38.74 31.64 3.05
N ASP D 33 39.19 31.59 1.80
CA ASP D 33 38.29 31.43 0.66
C ASP D 33 37.72 30.03 0.60
N ILE D 34 38.57 29.03 0.81
CA ILE D 34 38.12 27.65 0.77
C ILE D 34 37.14 27.42 1.93
N LEU D 35 37.39 28.09 3.05
CA LEU D 35 36.54 27.99 4.22
C LEU D 35 35.17 28.58 3.94
N GLN D 36 35.15 29.75 3.31
CA GLN D 36 33.90 30.41 2.98
C GLN D 36 33.11 29.49 2.07
N ALA D 37 33.82 28.70 1.28
CA ALA D 37 33.19 27.78 0.35
C ALA D 37 32.77 26.46 0.99
N VAL D 38 33.61 25.95 1.89
CA VAL D 38 33.34 24.68 2.55
C VAL D 38 32.28 24.76 3.65
N SER D 39 32.32 25.82 4.45
CA SER D 39 31.36 25.97 5.54
C SER D 39 30.84 27.40 5.59
N ARG D 40 29.74 27.63 4.87
CA ARG D 40 29.11 28.94 4.77
C ARG D 40 28.97 29.72 6.08
N SER D 41 28.12 29.23 6.98
CA SER D 41 27.89 29.91 8.25
C SER D 41 29.09 30.01 9.18
N PHE D 42 29.82 28.90 9.35
CA PHE D 42 30.99 28.94 10.22
C PHE D 42 31.98 30.04 9.78
N ALA D 43 31.96 30.36 8.49
CA ALA D 43 32.85 31.38 7.94
C ALA D 43 32.46 32.76 8.47
N VAL D 44 31.28 32.82 9.10
CA VAL D 44 30.79 34.07 9.68
C VAL D 44 31.16 34.04 11.16
N VAL D 45 30.90 32.91 11.81
CA VAL D 45 31.20 32.72 13.21
C VAL D 45 32.67 32.99 13.52
N ILE D 46 33.55 32.49 12.66
CA ILE D 46 34.98 32.65 12.87
C ILE D 46 35.42 34.10 12.84
N MET D 47 34.64 34.95 12.20
CA MET D 47 34.94 36.37 12.14
C MET D 47 34.83 37.05 13.50
N GLU D 48 34.27 36.36 14.50
CA GLU D 48 34.14 36.92 15.84
C GLU D 48 35.53 37.05 16.46
N LEU D 49 36.39 36.11 16.11
CA LEU D 49 37.75 36.05 16.63
C LEU D 49 38.70 37.06 16.02
N ASP D 50 39.75 37.37 16.78
CA ASP D 50 40.78 38.32 16.35
C ASP D 50 41.73 37.57 15.44
N GLU D 51 42.19 38.24 14.39
CA GLU D 51 43.08 37.62 13.42
C GLU D 51 44.05 36.56 13.96
N GLU D 52 44.73 36.84 15.06
CA GLU D 52 45.66 35.84 15.59
C GLU D 52 44.92 34.53 15.84
N MET D 53 43.90 34.60 16.70
CA MET D 53 43.07 33.44 17.04
C MET D 53 42.40 32.94 15.75
N ARG D 54 41.96 33.90 14.94
CA ARG D 54 41.29 33.65 13.68
C ARG D 54 42.14 32.82 12.73
N ASP D 55 43.42 33.17 12.62
CA ASP D 55 44.32 32.44 11.72
C ASP D 55 44.46 30.98 12.13
N ALA D 56 44.66 30.74 13.42
CA ALA D 56 44.83 29.38 13.92
C ALA D 56 43.56 28.54 13.76
N VAL D 57 42.42 29.12 14.13
CA VAL D 57 41.16 28.42 14.04
C VAL D 57 40.82 28.07 12.60
N CYS D 58 41.19 28.95 11.67
CA CYS D 58 40.94 28.70 10.25
C CYS D 58 41.82 27.57 9.74
N ILE D 59 43.08 27.57 10.16
CA ILE D 59 44.03 26.53 9.76
C ILE D 59 43.51 25.21 10.34
N PHE D 60 43.27 25.25 11.64
CA PHE D 60 42.78 24.12 12.39
C PHE D 60 41.54 23.50 11.72
N TYR D 61 40.64 24.35 11.26
CA TYR D 61 39.42 23.90 10.60
C TYR D 61 39.70 23.13 9.33
N LEU D 62 40.52 23.72 8.46
CA LEU D 62 40.85 23.09 7.18
C LEU D 62 41.58 21.77 7.38
N VAL D 63 42.54 21.76 8.30
CA VAL D 63 43.28 20.53 8.57
C VAL D 63 42.30 19.41 8.88
N LEU D 64 41.45 19.63 9.87
CA LEU D 64 40.46 18.62 10.24
C LEU D 64 39.50 18.36 9.10
N ARG D 65 39.27 19.39 8.29
CA ARG D 65 38.34 19.26 7.18
C ARG D 65 38.87 18.30 6.14
N ALA D 66 40.15 18.44 5.79
CA ALA D 66 40.78 17.58 4.80
C ALA D 66 40.69 16.15 5.32
N LEU D 67 41.10 16.00 6.57
CA LEU D 67 41.10 14.72 7.27
C LEU D 67 39.72 14.08 7.23
N ASP D 68 38.68 14.91 7.31
CA ASP D 68 37.31 14.42 7.28
C ASP D 68 36.90 13.98 5.88
N THR D 69 37.51 14.59 4.87
CA THR D 69 37.22 14.25 3.48
C THR D 69 37.66 12.82 3.19
N VAL D 70 38.88 12.50 3.61
CA VAL D 70 39.42 11.17 3.41
C VAL D 70 38.53 10.11 4.05
N GLU D 71 38.26 10.26 5.35
CA GLU D 71 37.42 9.30 6.05
C GLU D 71 36.07 9.07 5.38
N ASP D 72 35.46 10.15 4.87
CA ASP D 72 34.14 10.05 4.24
C ASP D 72 34.14 9.59 2.78
N ASP D 73 35.30 9.61 2.14
CA ASP D 73 35.38 9.19 0.74
C ASP D 73 35.06 7.71 0.62
N MET D 74 33.85 7.42 0.15
CA MET D 74 33.39 6.05 0.00
C MET D 74 33.95 5.36 -1.24
N SER D 75 34.45 6.15 -2.18
CA SER D 75 34.98 5.61 -3.43
C SER D 75 36.42 5.10 -3.37
N ILE D 76 37.03 5.09 -2.20
CA ILE D 76 38.40 4.59 -2.11
C ILE D 76 38.55 3.54 -1.01
N PRO D 77 39.56 2.67 -1.14
CA PRO D 77 39.89 1.58 -0.21
C PRO D 77 40.13 1.98 1.23
N VAL D 78 39.65 1.15 2.15
CA VAL D 78 39.79 1.39 3.59
C VAL D 78 41.25 1.29 4.04
N GLU D 79 41.89 0.17 3.73
CA GLU D 79 43.29 -0.04 4.11
C GLU D 79 44.14 1.15 3.72
N PHE D 80 43.68 1.91 2.73
CA PHE D 80 44.39 3.09 2.26
C PHE D 80 44.26 4.20 3.29
N LYS D 81 43.06 4.36 3.83
CA LYS D 81 42.77 5.37 4.83
C LYS D 81 43.53 5.07 6.13
N LEU D 82 43.56 3.79 6.51
CA LEU D 82 44.24 3.36 7.72
C LEU D 82 45.75 3.61 7.64
N ARG D 83 46.29 3.55 6.42
CA ARG D 83 47.72 3.76 6.22
C ARG D 83 48.05 5.24 6.01
N GLU D 84 47.02 6.05 5.80
CA GLU D 84 47.20 7.48 5.57
C GLU D 84 46.99 8.27 6.86
N LEU D 85 45.73 8.37 7.26
CA LEU D 85 45.31 9.12 8.45
C LEU D 85 46.30 9.17 9.61
N PRO D 86 46.67 8.02 10.18
CA PRO D 86 47.62 8.00 11.30
C PRO D 86 48.81 8.95 11.18
N LYS D 87 49.21 9.29 9.95
CA LYS D 87 50.34 10.19 9.75
C LYS D 87 49.96 11.46 8.98
N PHE D 88 48.68 11.75 8.92
CA PHE D 88 48.18 12.92 8.20
C PHE D 88 48.78 14.19 8.78
N HIS D 89 49.06 14.16 10.09
CA HIS D 89 49.63 15.31 10.75
C HIS D 89 51.06 15.55 10.28
N GLU D 90 51.79 14.46 10.08
CA GLU D 90 53.17 14.54 9.64
C GLU D 90 53.29 15.51 8.46
N HIS D 91 52.32 15.46 7.56
CA HIS D 91 52.31 16.32 6.39
C HIS D 91 52.25 17.80 6.71
N LEU D 92 51.84 18.14 7.93
CA LEU D 92 51.74 19.54 8.32
C LEU D 92 53.09 20.25 8.22
N HIS D 93 54.10 19.54 7.75
CA HIS D 93 55.44 20.12 7.61
C HIS D 93 55.90 20.15 6.16
N ASP D 94 55.51 19.12 5.40
CA ASP D 94 55.90 19.02 3.99
C ASP D 94 55.10 20.00 3.11
N THR D 95 55.66 21.18 2.89
CA THR D 95 55.01 22.21 2.10
C THR D 95 54.97 21.90 0.60
N THR D 96 54.87 20.62 0.26
CA THR D 96 54.81 20.20 -1.14
C THR D 96 53.84 19.04 -1.28
N TRP D 97 53.34 18.58 -0.14
CA TRP D 97 52.40 17.47 -0.10
C TRP D 97 51.03 17.88 -0.59
N CYS D 98 50.20 16.89 -0.92
CA CYS D 98 48.85 17.13 -1.40
C CYS D 98 48.23 15.84 -1.97
N MET D 99 46.90 15.80 -2.06
CA MET D 99 46.21 14.64 -2.57
C MET D 99 45.22 14.95 -3.68
N SER D 100 45.61 14.65 -4.91
CA SER D 100 44.75 14.91 -6.05
C SER D 100 44.05 13.63 -6.50
N GLY D 101 42.75 13.56 -6.27
CA GLY D 101 41.97 12.41 -6.66
C GLY D 101 41.05 11.94 -5.54
N VAL D 102 41.00 12.72 -4.47
CA VAL D 102 40.17 12.40 -3.32
C VAL D 102 39.05 13.39 -3.06
N GLY D 103 37.97 12.87 -2.48
CA GLY D 103 36.82 13.70 -2.17
C GLY D 103 36.15 14.25 -3.42
N VAL D 104 35.26 15.21 -3.22
CA VAL D 104 34.54 15.86 -4.31
C VAL D 104 34.44 17.35 -4.02
N GLY D 105 33.91 18.10 -4.97
CA GLY D 105 33.77 19.53 -4.79
C GLY D 105 35.00 20.21 -4.19
N ARG D 106 34.75 21.30 -3.46
CA ARG D 106 35.81 22.07 -2.82
C ARG D 106 36.82 21.25 -2.05
N GLU D 107 36.33 20.26 -1.31
CA GLU D 107 37.21 19.40 -0.53
C GLU D 107 38.34 18.89 -1.40
N ARG D 108 37.98 18.25 -2.51
CA ARG D 108 39.00 17.73 -3.42
C ARG D 108 40.06 18.78 -3.65
N GLU D 109 39.63 20.01 -3.95
CA GLU D 109 40.58 21.07 -4.16
C GLU D 109 41.45 21.27 -2.93
N LEU D 110 40.81 21.41 -1.77
CA LEU D 110 41.51 21.60 -0.51
C LEU D 110 42.69 20.63 -0.37
N LEU D 111 42.51 19.42 -0.87
CA LEU D 111 43.56 18.41 -0.80
C LEU D 111 44.60 18.59 -1.90
N GLU D 112 44.14 18.80 -3.13
CA GLU D 112 45.05 18.96 -4.25
C GLU D 112 45.93 20.19 -4.05
N ARG D 113 45.36 21.25 -3.47
CA ARG D 113 46.11 22.48 -3.23
C ARG D 113 46.41 22.65 -1.73
N TYR D 114 46.42 21.52 -1.02
CA TYR D 114 46.68 21.50 0.41
C TYR D 114 47.98 22.19 0.84
N THR D 115 48.80 22.56 -0.14
CA THR D 115 50.07 23.20 0.15
C THR D 115 49.92 24.56 0.85
N HIS D 116 49.00 25.38 0.37
CA HIS D 116 48.79 26.69 0.96
C HIS D 116 48.46 26.55 2.45
N VAL D 117 47.69 25.52 2.78
CA VAL D 117 47.31 25.27 4.16
C VAL D 117 48.56 25.22 5.00
N THR D 118 49.37 24.19 4.78
CA THR D 118 50.61 23.99 5.49
C THR D 118 51.49 25.24 5.40
N ARG D 119 51.40 25.94 4.28
CA ARG D 119 52.16 27.17 4.08
C ARG D 119 51.72 28.22 5.10
N ALA D 120 50.44 28.20 5.45
CA ALA D 120 49.92 29.15 6.42
C ALA D 120 50.27 28.63 7.81
N TYR D 121 50.03 27.34 8.01
CA TYR D 121 50.31 26.67 9.28
C TYR D 121 51.70 27.04 9.75
N SER D 122 52.66 26.87 8.84
CA SER D 122 54.06 27.17 9.11
C SER D 122 54.30 28.44 9.91
N ARG D 123 53.50 29.47 9.65
CA ARG D 123 53.68 30.73 10.35
C ARG D 123 52.62 31.08 11.40
N LEU D 124 52.44 30.17 12.35
CA LEU D 124 51.49 30.36 13.44
C LEU D 124 52.26 30.15 14.74
N GLY D 125 51.79 30.76 15.82
CA GLY D 125 52.46 30.59 17.10
C GLY D 125 52.84 29.14 17.26
N LYS D 126 54.04 28.89 17.77
CA LYS D 126 54.52 27.51 17.97
C LYS D 126 53.47 26.72 18.74
N ALA D 127 52.98 27.31 19.82
CA ALA D 127 51.98 26.68 20.67
C ALA D 127 50.77 26.21 19.85
N TYR D 128 50.22 27.11 19.04
CA TYR D 128 49.07 26.80 18.20
C TYR D 128 49.32 25.56 17.36
N GLN D 129 50.47 25.54 16.70
CA GLN D 129 50.84 24.42 15.86
C GLN D 129 50.78 23.09 16.60
N ASP D 130 51.15 23.10 17.88
CA ASP D 130 51.13 21.88 18.68
C ASP D 130 49.72 21.38 18.96
N VAL D 131 48.80 22.30 19.20
CA VAL D 131 47.42 21.91 19.45
C VAL D 131 46.84 21.29 18.18
N ILE D 132 47.08 21.94 17.05
CA ILE D 132 46.58 21.45 15.76
C ILE D 132 47.11 20.04 15.48
N SER D 133 48.43 19.91 15.45
CA SER D 133 49.08 18.63 15.21
C SER D 133 48.59 17.59 16.21
N GLY D 134 48.61 17.95 17.49
CA GLY D 134 48.17 17.05 18.53
C GLY D 134 46.76 16.53 18.26
N ILE D 135 45.80 17.44 18.26
CA ILE D 135 44.40 17.09 18.03
C ILE D 135 44.21 16.35 16.72
N CYS D 136 44.84 16.81 15.65
CA CYS D 136 44.70 16.16 14.37
C CYS D 136 45.02 14.67 14.47
N GLU D 137 46.19 14.36 15.00
CA GLU D 137 46.62 12.99 15.15
C GLU D 137 45.61 12.17 15.95
N ARG D 138 45.26 12.69 17.13
CA ARG D 138 44.29 12.00 17.98
C ARG D 138 43.01 11.68 17.22
N MET D 139 42.47 12.67 16.51
CA MET D 139 41.25 12.47 15.75
C MET D 139 41.45 11.46 14.63
N ALA D 140 42.58 11.58 13.92
CA ALA D 140 42.87 10.67 12.82
C ALA D 140 42.75 9.19 13.26
N ASN D 141 43.55 8.81 14.26
CA ASN D 141 43.53 7.46 14.80
C ASN D 141 42.11 7.11 15.26
N GLY D 142 41.50 8.03 16.00
CA GLY D 142 40.15 7.79 16.47
C GLY D 142 39.22 7.44 15.32
N MET D 143 39.40 8.13 14.20
CA MET D 143 38.56 7.88 13.03
C MET D 143 38.83 6.46 12.53
N CYS D 144 40.11 6.09 12.49
CA CYS D 144 40.50 4.77 12.05
C CYS D 144 39.75 3.71 12.85
N ASP D 145 39.86 3.78 14.18
CA ASP D 145 39.17 2.82 15.04
C ASP D 145 37.78 2.52 14.51
N PHE D 146 36.95 3.56 14.39
CA PHE D 146 35.58 3.40 13.91
C PHE D 146 35.44 3.18 12.41
N LEU D 147 36.57 3.13 11.71
CA LEU D 147 36.55 2.93 10.27
C LEU D 147 36.42 1.43 10.02
N THR D 148 36.81 0.64 11.02
CA THR D 148 36.74 -0.82 10.94
C THR D 148 35.44 -1.31 11.55
N ARG D 149 35.26 -1.05 12.85
CA ARG D 149 34.03 -1.47 13.52
C ARG D 149 32.89 -0.51 13.26
N LYS D 150 31.75 -0.77 13.91
CA LYS D 150 30.56 0.05 13.72
C LYS D 150 30.05 0.55 15.07
N VAL D 151 29.16 1.55 15.03
CA VAL D 151 28.58 2.11 16.24
C VAL D 151 27.25 1.43 16.52
N GLU D 152 27.21 0.68 17.61
CA GLU D 152 26.00 -0.06 18.00
C GLU D 152 25.51 0.38 19.37
N THR D 153 26.44 0.66 20.27
CA THR D 153 26.09 1.05 21.63
C THR D 153 26.19 2.56 21.86
N LYS D 154 25.59 3.03 22.94
CA LYS D 154 25.64 4.43 23.28
C LYS D 154 27.09 4.80 23.57
N ALA D 155 27.87 3.84 24.05
CA ALA D 155 29.26 4.08 24.36
C ALA D 155 30.03 4.30 23.06
N ASP D 156 29.64 3.56 22.02
CA ASP D 156 30.26 3.72 20.72
C ASP D 156 29.96 5.15 20.31
N TYR D 157 28.66 5.46 20.37
CA TYR D 157 28.13 6.76 20.02
C TYR D 157 28.95 7.91 20.60
N ASP D 158 28.95 8.02 21.93
CA ASP D 158 29.69 9.07 22.62
C ASP D 158 31.18 9.10 22.28
N LEU D 159 31.79 7.93 22.16
CA LEU D 159 33.21 7.87 21.83
C LEU D 159 33.50 8.37 20.43
N TYR D 160 32.60 8.09 19.49
CA TYR D 160 32.78 8.53 18.11
C TYR D 160 32.70 10.05 18.08
N CYS D 161 31.68 10.58 18.76
CA CYS D 161 31.47 12.02 18.85
C CYS D 161 32.68 12.69 19.48
N HIS D 162 33.31 11.98 20.41
CA HIS D 162 34.49 12.50 21.07
C HIS D 162 35.60 12.72 20.03
N TYR D 163 35.83 11.71 19.21
CA TYR D 163 36.86 11.77 18.16
C TYR D 163 36.52 12.76 17.06
N VAL D 164 35.22 12.87 16.76
CA VAL D 164 34.71 13.73 15.70
C VAL D 164 34.51 15.20 16.08
N ALA D 165 33.92 15.47 17.25
CA ALA D 165 33.68 16.84 17.65
C ALA D 165 34.26 17.20 19.02
N GLY D 166 34.15 16.28 19.98
CA GLY D 166 34.69 16.53 21.30
C GLY D 166 36.10 17.05 21.27
N LEU D 167 36.96 16.39 20.49
CA LEU D 167 38.37 16.77 20.35
C LEU D 167 38.54 18.19 19.80
N VAL D 168 37.59 18.64 19.00
CA VAL D 168 37.61 19.99 18.46
C VAL D 168 37.50 20.94 19.67
N GLY D 169 36.62 20.56 20.59
CA GLY D 169 36.44 21.35 21.80
C GLY D 169 37.75 21.38 22.57
N HIS D 170 38.37 20.22 22.73
CA HIS D 170 39.65 20.17 23.43
C HIS D 170 40.62 21.12 22.76
N GLY D 171 40.79 20.94 21.44
CA GLY D 171 41.69 21.77 20.67
C GLY D 171 41.41 23.27 20.74
N LEU D 172 40.15 23.65 20.61
CA LEU D 172 39.78 25.07 20.66
C LEU D 172 40.01 25.62 22.05
N THR D 173 39.78 24.79 23.06
CA THR D 173 39.98 25.20 24.44
C THR D 173 41.48 25.35 24.73
N LEU D 174 42.30 24.51 24.09
CA LEU D 174 43.74 24.60 24.26
C LEU D 174 44.27 25.81 23.51
N LEU D 175 43.54 26.22 22.47
CA LEU D 175 43.96 27.39 21.71
C LEU D 175 43.64 28.63 22.52
N TYR D 176 42.48 28.62 23.21
CA TYR D 176 42.04 29.76 24.02
C TYR D 176 43.06 30.06 25.11
N VAL D 177 43.48 29.02 25.82
CA VAL D 177 44.47 29.17 26.88
C VAL D 177 45.77 29.72 26.29
N SER D 178 46.33 28.97 25.34
CA SER D 178 47.55 29.38 24.66
C SER D 178 47.54 30.87 24.33
N SER D 179 46.62 31.29 23.48
CA SER D 179 46.51 32.69 23.08
C SER D 179 46.71 33.63 24.27
N GLY D 180 46.10 33.30 25.40
CA GLY D 180 46.23 34.14 26.58
C GLY D 180 44.97 34.90 26.92
N LEU D 181 43.97 34.80 26.05
CA LEU D 181 42.70 35.49 26.27
C LEU D 181 41.89 34.83 27.39
N GLU D 182 42.10 33.55 27.60
CA GLU D 182 41.39 32.83 28.67
C GLU D 182 42.38 32.29 29.70
N ASP D 183 41.92 32.15 30.95
CA ASP D 183 42.76 31.65 32.03
C ASP D 183 43.16 30.19 31.79
N VAL D 184 44.40 29.86 32.12
CA VAL D 184 44.90 28.50 31.94
C VAL D 184 44.10 27.44 32.70
N ARG D 185 43.30 27.85 33.69
CA ARG D 185 42.51 26.90 34.46
C ARG D 185 41.44 26.27 33.58
N LEU D 186 41.17 26.92 32.45
CA LEU D 186 40.15 26.46 31.52
C LEU D 186 40.53 25.14 30.85
N ALA D 187 41.81 24.91 30.65
CA ALA D 187 42.29 23.70 29.99
C ALA D 187 42.54 22.56 30.97
N ASP D 188 42.49 22.85 32.26
CA ASP D 188 42.72 21.81 33.26
C ASP D 188 41.84 20.60 32.95
N ASP D 189 40.55 20.69 33.23
CA ASP D 189 39.66 19.57 32.94
C ASP D 189 38.81 19.86 31.70
N LEU D 190 39.05 19.08 30.65
CA LEU D 190 38.34 19.26 29.39
C LEU D 190 37.00 18.52 29.25
N THR D 191 36.45 18.04 30.35
CA THR D 191 35.19 17.31 30.32
C THR D 191 34.08 18.12 29.65
N ASN D 192 33.90 19.35 30.11
CA ASN D 192 32.86 20.19 29.55
C ASN D 192 33.18 20.57 28.11
N ALA D 193 34.45 20.80 27.81
CA ALA D 193 34.82 21.16 26.43
C ALA D 193 34.38 20.03 25.51
N ASN D 194 34.47 18.80 26.03
CA ASN D 194 34.07 17.63 25.27
C ASN D 194 32.57 17.68 25.06
N HIS D 195 31.85 18.04 26.11
CA HIS D 195 30.39 18.15 26.05
C HIS D 195 29.94 19.14 24.97
N MET D 196 30.69 20.22 24.83
CA MET D 196 30.37 21.22 23.83
C MET D 196 30.42 20.55 22.46
N GLY D 197 31.49 19.81 22.21
CA GLY D 197 31.64 19.13 20.95
C GLY D 197 30.50 18.15 20.71
N LEU D 198 30.30 17.23 21.64
CA LEU D 198 29.25 16.26 21.49
C LEU D 198 27.88 16.90 21.26
N PHE D 199 27.54 17.91 22.06
CA PHE D 199 26.24 18.52 21.89
C PHE D 199 26.00 19.02 20.47
N LEU D 200 27.05 19.53 19.82
CA LEU D 200 26.89 20.02 18.46
C LEU D 200 26.74 18.87 17.49
N GLN D 201 27.60 17.88 17.64
CA GLN D 201 27.58 16.71 16.76
C GLN D 201 26.24 15.97 16.84
N LYS D 202 25.76 15.72 18.05
CA LYS D 202 24.52 14.99 18.18
C LYS D 202 23.34 15.73 17.59
N THR D 203 23.28 17.03 17.85
CA THR D 203 22.18 17.81 17.31
C THR D 203 22.22 17.74 15.79
N ASN D 204 23.42 17.78 15.23
CA ASN D 204 23.53 17.70 13.78
C ASN D 204 23.23 16.31 13.25
N ILE D 205 23.67 15.31 14.01
CA ILE D 205 23.45 13.93 13.60
C ILE D 205 21.96 13.63 13.62
N ILE D 206 21.24 14.24 14.54
CA ILE D 206 19.81 14.02 14.60
C ILE D 206 19.12 14.72 13.43
N ARG D 207 19.38 16.01 13.29
CA ARG D 207 18.78 16.81 12.23
C ARG D 207 19.00 16.29 10.81
N ASP D 208 20.13 15.65 10.55
CA ASP D 208 20.44 15.17 9.20
C ASP D 208 20.17 13.69 8.95
N PHE D 209 19.38 13.05 9.80
CA PHE D 209 19.10 11.63 9.62
C PHE D 209 18.76 11.26 8.18
N TYR D 210 17.72 11.91 7.65
CA TYR D 210 17.26 11.65 6.29
C TYR D 210 18.31 11.92 5.22
N GLU D 211 18.88 13.11 5.26
CA GLU D 211 19.89 13.51 4.31
C GLU D 211 20.99 12.46 4.25
N ASP D 212 21.38 11.95 5.42
CA ASP D 212 22.45 10.97 5.50
C ASP D 212 22.05 9.54 5.11
N ILE D 213 20.85 9.14 5.49
CA ILE D 213 20.37 7.80 5.20
C ILE D 213 20.10 7.60 3.70
N CYS D 214 19.92 8.71 2.99
CA CYS D 214 19.68 8.68 1.55
C CYS D 214 20.98 8.59 0.76
N GLU D 215 22.09 8.93 1.41
CA GLU D 215 23.39 8.89 0.76
C GLU D 215 23.64 7.54 0.08
N VAL D 216 24.61 7.53 -0.84
CA VAL D 216 24.96 6.31 -1.56
C VAL D 216 26.45 6.03 -1.44
N PRO D 217 26.84 5.09 -0.56
CA PRO D 217 25.94 4.29 0.27
C PRO D 217 25.35 5.09 1.44
N PRO D 218 24.28 4.56 2.06
CA PRO D 218 23.62 5.24 3.18
C PRO D 218 24.52 5.43 4.40
N ARG D 219 24.58 6.66 4.91
CA ARG D 219 25.36 6.96 6.10
C ARG D 219 24.43 6.95 7.31
N VAL D 220 24.78 6.12 8.28
CA VAL D 220 23.99 5.98 9.49
C VAL D 220 24.85 6.34 10.69
N PHE D 221 24.27 7.10 11.61
CA PHE D 221 24.99 7.50 12.80
C PHE D 221 24.27 7.12 14.08
N TRP D 222 22.94 7.08 14.02
CA TRP D 222 22.16 6.73 15.22
C TRP D 222 22.61 5.35 15.75
N PRO D 223 22.96 5.28 17.04
CA PRO D 223 23.42 4.05 17.70
C PRO D 223 22.41 2.89 17.77
N ARG D 224 22.82 1.73 17.27
CA ARG D 224 21.96 0.54 17.27
C ARG D 224 21.26 0.36 18.61
N GLU D 225 22.00 0.61 19.69
CA GLU D 225 21.49 0.46 21.06
C GLU D 225 20.26 1.30 21.38
N ILE D 226 20.04 2.37 20.61
CA ILE D 226 18.89 3.23 20.87
C ILE D 226 17.71 2.93 19.93
N TRP D 227 17.99 2.82 18.64
CA TRP D 227 16.91 2.55 17.71
C TRP D 227 16.40 1.12 17.72
N GLU D 228 17.25 0.18 18.13
CA GLU D 228 16.83 -1.23 18.16
C GLU D 228 15.52 -1.37 18.94
N LYS D 229 15.31 -0.49 19.90
CA LYS D 229 14.11 -0.50 20.74
C LYS D 229 12.88 0.08 20.05
N TYR D 230 13.04 0.61 18.84
CA TYR D 230 11.93 1.21 18.13
C TYR D 230 11.68 0.64 16.75
N THR D 231 12.56 -0.26 16.31
CA THR D 231 12.42 -0.88 15.00
C THR D 231 13.47 -1.95 14.82
N ASP D 232 13.35 -2.69 13.73
CA ASP D 232 14.29 -3.76 13.41
C ASP D 232 15.31 -3.25 12.40
N ASP D 233 14.91 -2.24 11.62
CA ASP D 233 15.80 -1.65 10.62
C ASP D 233 15.64 -0.14 10.55
N LEU D 234 16.77 0.55 10.60
CA LEU D 234 16.80 2.00 10.56
C LEU D 234 16.11 2.62 9.34
N HIS D 235 16.41 2.12 8.15
CA HIS D 235 15.81 2.65 6.92
C HIS D 235 14.29 2.71 6.96
N ALA D 236 13.69 1.97 7.89
CA ALA D 236 12.23 1.91 8.03
C ALA D 236 11.56 3.26 8.29
N PHE D 237 12.24 4.16 8.99
CA PHE D 237 11.68 5.46 9.34
C PHE D 237 11.36 6.37 8.15
N LYS D 238 11.80 5.98 6.96
CA LYS D 238 11.53 6.79 5.77
C LYS D 238 10.04 6.73 5.44
N ASP D 239 9.45 5.56 5.66
CA ASP D 239 8.05 5.33 5.40
C ASP D 239 7.24 5.66 6.65
N GLU D 240 6.38 6.69 6.56
CA GLU D 240 5.59 7.11 7.71
C GLU D 240 4.65 6.02 8.22
N LEU D 241 4.65 4.86 7.56
CA LEU D 241 3.81 3.77 8.02
C LEU D 241 4.35 3.51 9.42
N HIS D 242 5.59 3.94 9.63
CA HIS D 242 6.28 3.77 10.91
C HIS D 242 6.56 5.08 11.64
N GLU D 243 5.77 6.12 11.40
CA GLU D 243 5.99 7.40 12.08
C GLU D 243 6.02 7.21 13.59
N ALA D 244 4.98 6.59 14.12
CA ALA D 244 4.87 6.34 15.54
C ALA D 244 6.24 6.05 16.13
N LYS D 245 6.76 4.86 15.84
CA LYS D 245 8.05 4.46 16.37
C LYS D 245 9.23 5.25 15.81
N ALA D 246 8.96 6.10 14.82
CA ALA D 246 10.02 6.91 14.21
C ALA D 246 10.32 8.09 15.14
N VAL D 247 9.28 8.89 15.38
CA VAL D 247 9.37 10.04 16.26
C VAL D 247 9.80 9.57 17.65
N GLU D 248 9.17 8.52 18.16
CA GLU D 248 9.52 8.00 19.48
C GLU D 248 11.03 7.76 19.62
N CYS D 249 11.67 7.34 18.53
CA CYS D 249 13.10 7.09 18.56
C CYS D 249 13.80 8.46 18.54
N LEU D 250 13.25 9.35 17.72
CA LEU D 250 13.76 10.71 17.60
C LEU D 250 13.83 11.34 18.97
N ASN D 251 12.73 11.26 19.72
CA ASN D 251 12.67 11.83 21.05
C ASN D 251 13.77 11.25 21.95
N ALA D 252 14.08 9.97 21.72
CA ALA D 252 15.10 9.31 22.53
C ALA D 252 16.49 9.83 22.19
N MET D 253 16.67 10.26 20.94
CA MET D 253 17.96 10.80 20.48
C MET D 253 18.10 12.20 21.05
N VAL D 254 17.00 12.95 21.01
CA VAL D 254 16.98 14.30 21.52
C VAL D 254 17.25 14.25 23.01
N ALA D 255 16.73 13.21 23.67
CA ALA D 255 16.91 13.06 25.10
C ALA D 255 18.38 12.79 25.42
N ASP D 256 18.97 11.92 24.63
CA ASP D 256 20.38 11.57 24.82
C ASP D 256 21.27 12.80 24.56
N ALA D 257 20.77 13.75 23.78
CA ALA D 257 21.54 14.95 23.47
C ALA D 257 21.43 15.96 24.60
N LEU D 258 20.25 16.06 25.18
CA LEU D 258 20.01 17.00 26.26
C LEU D 258 20.92 16.76 27.44
N VAL D 259 21.36 15.52 27.63
CA VAL D 259 22.25 15.21 28.74
C VAL D 259 23.38 16.23 28.85
N HIS D 260 23.91 16.64 27.70
CA HIS D 260 25.03 17.60 27.63
C HIS D 260 24.77 19.06 27.96
N VAL D 261 23.55 19.53 27.71
CA VAL D 261 23.22 20.93 27.96
C VAL D 261 23.84 21.50 29.23
N PRO D 262 23.52 20.93 30.40
CA PRO D 262 24.08 21.43 31.66
C PRO D 262 25.59 21.73 31.61
N HIS D 263 26.34 20.90 30.90
CA HIS D 263 27.78 21.09 30.78
C HIS D 263 28.15 22.19 29.78
N VAL D 264 27.35 22.38 28.75
CA VAL D 264 27.61 23.43 27.79
C VAL D 264 27.47 24.76 28.53
N VAL D 265 26.44 24.84 29.35
CA VAL D 265 26.19 26.04 30.13
C VAL D 265 27.38 26.38 31.02
N GLU D 266 27.81 25.44 31.86
CA GLU D 266 28.94 25.70 32.75
C GLU D 266 30.10 26.27 31.94
N TYR D 267 30.50 25.53 30.91
CA TYR D 267 31.61 25.93 30.06
C TYR D 267 31.45 27.37 29.59
N LEU D 268 30.30 27.69 29.02
CA LEU D 268 30.08 29.04 28.54
C LEU D 268 30.26 30.05 29.64
N ALA D 269 29.69 29.75 30.80
CA ALA D 269 29.77 30.65 31.95
C ALA D 269 31.21 30.81 32.48
N SER D 270 32.10 29.89 32.12
CA SER D 270 33.47 30.01 32.60
C SER D 270 34.31 30.90 31.68
N LEU D 271 33.85 31.11 30.45
CA LEU D 271 34.58 31.95 29.50
C LEU D 271 34.59 33.41 29.95
N ARG D 272 35.72 34.10 29.76
CA ARG D 272 35.82 35.50 30.18
C ARG D 272 36.00 36.53 29.05
N ASP D 273 36.63 36.13 27.95
CA ASP D 273 36.86 37.04 26.82
C ASP D 273 35.65 37.16 25.90
N PRO D 274 35.28 38.39 25.54
CA PRO D 274 34.14 38.67 24.67
C PRO D 274 34.21 38.03 23.29
N SER D 275 35.43 37.80 22.80
CA SER D 275 35.63 37.20 21.49
C SER D 275 35.38 35.70 21.55
N VAL D 276 36.09 35.04 22.45
CA VAL D 276 35.99 33.62 22.59
C VAL D 276 34.58 33.17 22.96
N PHE D 277 33.88 34.02 23.71
CA PHE D 277 32.54 33.70 24.13
C PHE D 277 31.57 33.65 22.97
N ALA D 278 31.49 34.75 22.22
CA ALA D 278 30.59 34.81 21.09
C ALA D 278 30.86 33.66 20.12
N PHE D 279 32.13 33.42 19.83
CA PHE D 279 32.51 32.34 18.92
C PHE D 279 32.07 30.97 19.45
N SER D 280 32.21 30.77 20.76
CA SER D 280 31.83 29.51 21.40
C SER D 280 30.32 29.36 21.66
N ALA D 281 29.66 30.46 21.98
CA ALA D 281 28.23 30.48 22.32
C ALA D 281 27.26 30.38 21.16
N ILE D 282 27.48 31.18 20.12
CA ILE D 282 26.59 31.15 18.98
C ILE D 282 26.25 29.74 18.46
N PRO D 283 27.25 28.89 18.19
CA PRO D 283 26.95 27.55 17.70
C PRO D 283 26.10 26.70 18.65
N GLN D 284 26.34 26.88 19.95
CA GLN D 284 25.59 26.14 20.99
C GLN D 284 24.14 26.57 21.02
N VAL D 285 23.91 27.87 20.87
CA VAL D 285 22.56 28.42 20.89
C VAL D 285 21.84 28.00 19.60
N MET D 286 22.60 27.90 18.51
CA MET D 286 22.05 27.48 17.23
C MET D 286 21.59 26.03 17.33
N ALA D 287 22.37 25.22 18.03
CA ALA D 287 22.01 23.82 18.19
C ALA D 287 20.79 23.66 19.10
N MET D 288 20.76 24.37 20.22
CA MET D 288 19.60 24.24 21.10
C MET D 288 18.35 24.61 20.34
N ALA D 289 18.40 25.69 19.56
CA ALA D 289 17.25 26.12 18.79
C ALA D 289 16.83 25.04 17.81
N THR D 290 17.81 24.49 17.11
CA THR D 290 17.54 23.43 16.15
C THR D 290 16.91 22.24 16.85
N LEU D 291 17.48 21.88 18.01
CA LEU D 291 17.00 20.76 18.81
C LEU D 291 15.53 20.95 19.25
N SER D 292 15.17 22.17 19.61
CA SER D 292 13.82 22.44 20.05
C SER D 292 12.89 22.40 18.85
N LEU D 293 13.45 22.33 17.65
CA LEU D 293 12.63 22.30 16.45
C LEU D 293 12.45 20.93 15.84
N VAL D 294 13.44 20.06 16.03
CA VAL D 294 13.39 18.70 15.49
C VAL D 294 12.79 17.71 16.48
N PHE D 295 12.61 18.18 17.71
CA PHE D 295 12.06 17.34 18.78
C PHE D 295 10.58 17.07 18.55
N ASN D 296 10.18 15.80 18.69
CA ASN D 296 8.79 15.39 18.51
C ASN D 296 8.24 15.97 17.21
N ASN D 297 9.05 15.90 16.16
CA ASN D 297 8.69 16.45 14.86
C ASN D 297 8.99 15.49 13.71
N LYS D 298 7.95 14.90 13.14
CA LYS D 298 8.13 13.95 12.04
C LYS D 298 8.77 14.51 10.77
N ASP D 299 8.69 15.83 10.57
CA ASP D 299 9.28 16.41 9.37
C ASP D 299 10.75 16.05 9.25
N VAL D 300 11.37 15.76 10.39
CA VAL D 300 12.78 15.38 10.41
C VAL D 300 13.03 14.19 9.50
N PHE D 301 12.04 13.31 9.43
CA PHE D 301 12.14 12.10 8.65
C PHE D 301 11.95 12.20 7.13
N HIS D 302 11.54 13.35 6.64
CA HIS D 302 11.40 13.45 5.20
C HIS D 302 12.02 14.72 4.63
N THR D 303 12.59 15.53 5.51
CA THR D 303 13.23 16.77 5.08
C THR D 303 14.17 17.34 6.12
N LYS D 304 14.85 18.43 5.76
CA LYS D 304 15.79 19.09 6.64
C LYS D 304 15.15 20.18 7.49
N VAL D 305 14.90 19.89 8.76
CA VAL D 305 14.31 20.89 9.63
C VAL D 305 15.38 21.96 9.86
N LYS D 306 15.01 23.21 9.65
CA LYS D 306 15.94 24.31 9.79
C LYS D 306 15.33 25.47 10.56
N THR D 307 16.20 26.32 11.10
CA THR D 307 15.78 27.49 11.84
C THR D 307 15.59 28.57 10.77
N THR D 308 14.81 29.61 11.06
CA THR D 308 14.62 30.66 10.07
C THR D 308 15.83 31.57 10.15
N ARG D 309 16.12 32.30 9.09
CA ARG D 309 17.28 33.17 9.13
C ARG D 309 17.08 34.30 10.11
N GLY D 310 15.83 34.69 10.32
CA GLY D 310 15.55 35.74 11.27
C GLY D 310 16.05 35.24 12.62
N ALA D 311 15.63 34.03 12.96
CA ALA D 311 16.03 33.40 14.21
C ALA D 311 17.55 33.30 14.34
N THR D 312 18.25 32.91 13.28
CA THR D 312 19.70 32.79 13.42
C THR D 312 20.36 34.17 13.43
N ALA D 313 19.75 35.11 12.73
CA ALA D 313 20.26 36.48 12.70
C ALA D 313 20.16 37.05 14.12
N ARG D 314 19.07 36.72 14.81
CA ARG D 314 18.88 37.20 16.17
C ARG D 314 19.83 36.47 17.11
N ILE D 315 20.02 35.17 16.88
CA ILE D 315 20.93 34.40 17.72
C ILE D 315 22.34 34.98 17.59
N PHE D 316 22.80 35.18 16.35
CA PHE D 316 24.13 35.76 16.10
C PHE D 316 24.29 37.14 16.71
N HIS D 317 23.18 37.86 16.82
CA HIS D 317 23.22 39.21 17.37
C HIS D 317 23.28 39.31 18.90
N TYR D 318 22.42 38.57 19.60
CA TYR D 318 22.38 38.62 21.06
C TYR D 318 23.29 37.66 21.84
N SER D 319 23.91 36.71 21.15
CA SER D 319 24.78 35.75 21.84
C SER D 319 26.18 36.29 22.07
N THR D 320 26.29 37.47 22.68
CA THR D 320 27.59 38.07 22.90
C THR D 320 28.01 38.09 24.37
N GLU D 321 27.05 37.88 25.26
CA GLU D 321 27.37 37.86 26.68
C GLU D 321 26.49 36.83 27.41
N LEU D 322 27.10 36.20 28.40
CA LEU D 322 26.46 35.14 29.20
C LEU D 322 24.96 35.27 29.48
N GLN D 323 24.58 36.31 30.22
CA GLN D 323 23.18 36.51 30.58
C GLN D 323 22.20 36.42 29.43
N ALA D 324 22.51 37.09 28.33
CA ALA D 324 21.63 37.08 27.17
C ALA D 324 21.59 35.71 26.51
N THR D 325 22.74 35.04 26.43
CA THR D 325 22.71 33.74 25.79
C THR D 325 21.98 32.74 26.68
N LEU D 326 21.97 33.00 27.99
CA LEU D 326 21.28 32.12 28.92
C LEU D 326 19.78 32.23 28.80
N GLN D 327 19.29 33.43 28.51
CA GLN D 327 17.86 33.60 28.38
C GLN D 327 17.40 33.00 27.07
N MET D 328 18.27 33.00 26.07
CA MET D 328 17.90 32.41 24.80
C MET D 328 17.82 30.90 24.92
N LEU D 329 18.85 30.32 25.54
CA LEU D 329 18.91 28.88 25.75
C LEU D 329 17.69 28.44 26.53
N LYS D 330 17.38 29.17 27.59
CA LYS D 330 16.22 28.87 28.42
C LYS D 330 14.99 28.85 27.51
N THR D 331 14.76 29.96 26.82
CA THR D 331 13.63 30.10 25.92
C THR D 331 13.49 28.93 24.97
N TYR D 332 14.60 28.48 24.38
CA TYR D 332 14.52 27.37 23.44
C TYR D 332 14.24 26.03 24.15
N THR D 333 14.94 25.77 25.26
CA THR D 333 14.72 24.52 25.98
C THR D 333 13.27 24.47 26.49
N LEU D 334 12.73 25.61 26.92
CA LEU D 334 11.35 25.62 27.39
C LEU D 334 10.40 25.31 26.22
N ARG D 335 10.69 25.87 25.04
CA ARG D 335 9.85 25.62 23.87
C ARG D 335 9.89 24.15 23.47
N LEU D 336 11.03 23.50 23.70
CA LEU D 336 11.19 22.10 23.36
C LEU D 336 10.31 21.29 24.31
N ALA D 337 10.25 21.75 25.55
CA ALA D 337 9.45 21.08 26.57
C ALA D 337 7.97 21.15 26.23
N ALA D 338 7.57 22.25 25.58
CA ALA D 338 6.18 22.45 25.21
C ALA D 338 5.75 21.53 24.08
N ARG D 339 6.72 21.03 23.33
CA ARG D 339 6.49 20.14 22.21
C ARG D 339 5.75 18.85 22.57
N MET D 340 5.86 18.42 23.84
CA MET D 340 5.22 17.19 24.29
C MET D 340 4.04 17.34 25.24
N ASN D 341 3.38 16.20 25.51
CA ASN D 341 2.22 16.10 26.39
C ASN D 341 2.41 14.90 27.30
N ALA D 342 1.59 14.79 28.34
CA ALA D 342 1.69 13.67 29.27
C ALA D 342 1.57 12.35 28.53
N GLN D 343 0.76 12.34 27.48
CA GLN D 343 0.55 11.16 26.65
C GLN D 343 1.87 10.56 26.21
N ASP D 344 2.67 11.38 25.54
CA ASP D 344 3.97 11.01 25.01
C ASP D 344 4.79 10.18 25.97
N ALA D 345 5.44 9.15 25.43
CA ALA D 345 6.26 8.25 26.22
C ALA D 345 7.35 8.99 26.97
N CYS D 346 8.34 9.46 26.23
CA CYS D 346 9.50 10.17 26.74
C CYS D 346 9.23 11.33 27.71
N TYR D 347 7.97 11.63 28.01
CA TYR D 347 7.65 12.74 28.89
C TYR D 347 8.50 12.84 30.17
N ASP D 348 8.26 11.95 31.11
CA ASP D 348 8.98 11.97 32.38
C ASP D 348 10.48 12.16 32.20
N ARG D 349 11.05 11.56 31.17
CA ARG D 349 12.48 11.69 30.97
C ARG D 349 12.84 13.09 30.50
N ILE D 350 12.17 13.55 29.45
CA ILE D 350 12.44 14.88 28.91
C ILE D 350 12.24 15.96 29.98
N GLU D 351 11.11 15.89 30.69
CA GLU D 351 10.84 16.86 31.72
C GLU D 351 12.04 16.91 32.67
N HIS D 352 12.59 15.75 32.95
CA HIS D 352 13.74 15.66 33.83
C HIS D 352 14.93 16.44 33.27
N LEU D 353 15.50 15.94 32.18
CA LEU D 353 16.65 16.57 31.53
C LEU D 353 16.48 18.07 31.29
N VAL D 354 15.25 18.48 30.97
CA VAL D 354 14.96 19.88 30.73
C VAL D 354 15.17 20.68 32.03
N ASN D 355 14.56 20.20 33.11
CA ASN D 355 14.70 20.88 34.39
C ASN D 355 16.14 20.85 34.89
N ASP D 356 16.89 19.83 34.45
CA ASP D 356 18.29 19.75 34.83
C ASP D 356 19.03 20.88 34.09
N ALA D 357 18.54 21.22 32.90
CA ALA D 357 19.14 22.27 32.08
C ALA D 357 18.82 23.67 32.59
N ILE D 358 17.53 23.92 32.80
CA ILE D 358 17.10 25.21 33.29
C ILE D 358 17.78 25.51 34.63
N ARG D 359 17.90 24.50 35.48
CA ARG D 359 18.57 24.68 36.78
C ARG D 359 20.00 25.18 36.56
N ALA D 360 20.71 24.53 35.64
CA ALA D 360 22.08 24.88 35.33
C ALA D 360 22.15 26.34 34.91
N MET D 361 21.17 26.75 34.10
CA MET D 361 21.13 28.12 33.61
C MET D 361 20.85 29.10 34.73
N GLU D 362 19.92 28.76 35.61
CA GLU D 362 19.52 29.63 36.71
C GLU D 362 20.65 29.88 37.70
N SER D 363 21.55 28.92 37.86
CA SER D 363 22.65 29.09 38.80
C SER D 363 23.75 30.02 38.25
N HIS D 364 23.56 30.53 37.04
CA HIS D 364 24.55 31.41 36.44
C HIS D 364 23.90 32.73 36.09
N GLN D 365 22.60 32.81 36.35
CA GLN D 365 21.86 34.02 36.11
C GLN D 365 21.90 34.81 37.42
#